data_9DBL
#
_entry.id   9DBL
#
_cell.length_a   1.00
_cell.length_b   1.00
_cell.length_c   1.00
_cell.angle_alpha   90.00
_cell.angle_beta   90.00
_cell.angle_gamma   90.00
#
_symmetry.space_group_name_H-M   'P 1'
#
loop_
_entity.id
_entity.type
_entity.pdbx_description
1 polymer 'Sodium channel protein type 10 subunit alpha'
2 branched beta-D-mannopyranose-(1-4)-2-acetamido-2-deoxy-beta-D-glucopyranose-(1-4)-2-acetamido-2-deoxy-beta-D-glucopyranose
3 branched 2-acetamido-2-deoxy-beta-D-glucopyranose-(1-4)-2-acetamido-2-deoxy-beta-D-glucopyranose
4 non-polymer CHOLESTEROL
5 non-polymer 1,2-DIOLEOYL-SN-GLYCERO-3-PHOSPHOCHOLINE
6 non-polymer 1-O-OCTADECYL-SN-GLYCERO-3-PHOSPHOCHOLINE
7 non-polymer O-[(R)-{[(2R)-2,3-bis(octadecanoyloxy)propyl]oxy}(hydroxy)phosphoryl]-L-serine
#
_entity_poly.entity_id   1
_entity_poly.type   'polypeptide(L)'
_entity_poly.pdbx_seq_one_letter_code
;DYKDDDDKSAWSHPQFEKGGGSGGGSGGSAWSHPQFEKENLYFQSMEFPIGSLETNNFRRFTPESLVEIEKQIAAKQGTK
KAREKHREQKDQEEKPRPQLDLKACNQLPKFYGELPAELIGEPLEDLDPFYSTHRTFMVLNKGRTISRFSATRALWLFSP
FNLIRRTAIKVSVHSWFSLFITVTILVNCVCMTRTDLPEKIEYVFTVIYTFEALIKILARGFCLNEFTYLRDPWNWLDFS
VITLAYVGTAIDLRGISGLRTFRVLRALKTVSVIPGLKVIVGALIHSVKKLADVTILTIFCLSVFALVGLQLFKGNLKNK
CVKNDMAVNETTNYSSHRKPDIYINKRGTSDPLLCGNGSDSGHCPDGYICLKTSDNPDFNYTSFDSFAWAFLSLFRLMTQ
DSWERLYQQTLRTSGKIYMIFFVLVIFLGSFYLVNLILAVVTMAYEEQNQATTDEIEAKEKKFQEALEMLRKEQEVLAAL
GIDTTSLHSHNGSPLTSKNASERRHRIKPRVSEGSTEDNKSPRSDPYNQRRMSFLGLASGKRRASHGSVFHFRSPGRDIS
LPEGVTDDGVFPGDHESHRGSLLLGGGAGQQGPLPRSPLPQPSNPDSRHGEDEHQPPPTSELAPGAVDVSAFDAGQKKTF
LSAEYLDEPFRAQRAMSVVSIITSVLEELEESEQKCPPCLTSLSQKYLIWDCCPMWVKLKTILFGLVTDPFAELTITLCI
VVNTIFMAMEHHGMSPTFEAMLQIGNIVFTIFFTAEMVFKIIAFDPYYYFQKKWNIFDCIIVTVSLLELGVAKKGSLSVL
RSFRLLRVFKLAKSWPTLNTLIKIIGNSVGALGNLTIILAIIVFVFALVGKQLLGENYRNNRKNISAPHEDWPRWHMHDF
FHSFLIVFRILCGEWIENMWACMEVGQKSICLILFLTVMVLGNLVVLNLFIALLLNSFSADNLTAPEDDGEVNNLQVALA
RIQVFGHRTKQALCSFFSRSCPFPQPKAEPELVVKLPLSSSKAENHIAANTARGSSGGLQAPRGPRDEHSDFIANPTVWV
SVPIAEGESDLDDLEDDGGEDAQSFQQEVIPKGQQEQLQQVERCGDHLTPRSPGTGTSSEDLAPSLGETWKDESVPQVPA
EGVDDTSSSEGSTVDCLDPEEILRKIPELADDLEEPDDCFTEGCIRHCPCCKLDTTKSPWDVGWQVRKTCYRIVEHSWFE
SFIIFMILLSSGSLAFEDYYLDQKPTVKALLEYTDRVFTFIFVFEMLLKWVAYGFKKYFTNAWCWLDFLIVNISLISLTA
KILEYSEVAPIKALRTLRALRPLRALSRFEGMRVVVDALVGAIPSIMNVLLVCLIFWLIFSIMGVNLFAGKFWRCINYTD
GEFSLVPLSIVNNKSDCKIQNSTGSFFWVNVKVNFDNVAMGYLALLQVATFKGWMDIMYAAVDSREVNMQPKWEDNVYMY
LYFVIFIIFGGFFTLNLFVGVIIDNFNQQKKKLGGQDIFMTEEQKKYYNAMKKLGSKKPQKPIPRPLNKFQGFVFDIVTR
QAFDITIMVLICLNMITMMVETDDQSEEKTKILGKINQFFVAVFTGECVMKMFALRQYYFTNGWNVFDFIVVVLSIASLI
FSAILKSLQSYFSPTLFRVIRLARIGRILRLIRAAKGIRTLLFALMMSLPALFNIGLLLFLVMFIYSIFGMSSFPHVRWE
AGIDDMFNFQTFANSMLCLFQITTSAGWDGLLSPILNTGPPYCDPNLPNSNGTRGDCGSPAVGIIFFTTYIIISFLIVVN
MYIAVILENFNVATEESTEPLSEDDFDMFYETWEKFDPEATQFITFSALSDFADTLSGPLRIPKPNRNILIQMDLPLVPG
DKIHCLDILFAFTKNVLGESGELDSLKANMEEKFMATNLSKSSYEPIATTLRWKQEDISATVIQKAYRSYVLHRSMALSN
TPCVPRAEEEAASLPDEGFVAFTANENCVLPDKSETASATSFPPSYESVTRGLSDRVNMRTSSSIQNEDEATSMELIAPG
P
;
_entity_poly.pdbx_strand_id   A
#
loop_
_chem_comp.id
_chem_comp.type
_chem_comp.name
_chem_comp.formula
BMA D-saccharide, beta linking beta-D-mannopyranose 'C6 H12 O6'
CLR non-polymer CHOLESTEROL 'C27 H46 O'
LPE non-polymer 1-O-OCTADECYL-SN-GLYCERO-3-PHOSPHOCHOLINE 'C26 H57 N O6 P 1'
NAG D-saccharide, beta linking 2-acetamido-2-deoxy-beta-D-glucopyranose 'C8 H15 N O6'
P5S non-polymer O-[(R)-{[(2R)-2,3-bis(octadecanoyloxy)propyl]oxy}(hydroxy)phosphoryl]-L-serine 'C42 H82 N O10 P'
PCW non-polymer 1,2-DIOLEOYL-SN-GLYCERO-3-PHOSPHOCHOLINE 'C44 H85 N O8 P 1'
#
# COMPACT_ATOMS: atom_id res chain seq x y z
N LEU A 277 10.61 10.71 32.71
CA LEU A 277 10.90 10.56 34.17
C LEU A 277 11.33 9.12 34.48
N LYS A 278 11.63 8.87 35.76
CA LYS A 278 12.04 7.52 36.16
C LYS A 278 10.97 6.49 35.84
N VAL A 279 9.70 6.86 36.01
CA VAL A 279 8.61 5.96 35.62
C VAL A 279 8.69 5.66 34.13
N ILE A 280 8.95 6.69 33.32
CA ILE A 280 9.01 6.49 31.88
C ILE A 280 10.16 5.56 31.51
N VAL A 281 11.32 5.77 32.11
CA VAL A 281 12.47 4.93 31.75
C VAL A 281 12.25 3.50 32.22
N GLY A 282 11.63 3.32 33.39
CA GLY A 282 11.31 1.97 33.84
C GLY A 282 10.35 1.27 32.91
N ALA A 283 9.30 1.99 32.48
CA ALA A 283 8.35 1.42 31.53
C ALA A 283 9.04 1.07 30.22
N LEU A 284 9.93 1.94 29.75
CA LEU A 284 10.66 1.66 28.51
C LEU A 284 11.55 0.43 28.66
N ILE A 285 12.18 0.27 29.82
CA ILE A 285 13.00 -0.92 30.06
C ILE A 285 12.12 -2.16 30.02
N HIS A 286 10.96 -2.11 30.67
CA HIS A 286 10.04 -3.24 30.63
C HIS A 286 9.62 -3.55 29.20
N SER A 287 9.30 -2.53 28.42
CA SER A 287 8.86 -2.75 27.04
C SER A 287 9.96 -3.38 26.21
N VAL A 288 11.18 -2.85 26.29
CA VAL A 288 12.28 -3.42 25.53
C VAL A 288 12.50 -4.87 25.94
N LYS A 289 12.35 -5.16 27.23
CA LYS A 289 12.38 -6.55 27.65
C LYS A 289 11.29 -7.35 26.94
N LYS A 290 10.10 -6.75 26.80
CA LYS A 290 9.05 -7.38 26.01
C LYS A 290 9.30 -7.27 24.51
N LEU A 291 10.06 -6.26 24.08
CA LEU A 291 10.38 -6.07 22.68
C LEU A 291 11.70 -6.70 22.28
N ALA A 292 12.38 -7.39 23.21
CA ALA A 292 13.72 -7.89 22.93
C ALA A 292 13.73 -8.87 21.78
N ASP A 293 12.84 -9.87 21.82
CA ASP A 293 12.86 -10.92 20.81
C ASP A 293 12.57 -10.35 19.43
N VAL A 294 11.55 -9.49 19.32
CA VAL A 294 11.18 -8.96 18.02
C VAL A 294 12.26 -8.01 17.51
N THR A 295 12.86 -7.23 18.41
CA THR A 295 13.95 -6.36 18.00
C THR A 295 15.12 -7.16 17.46
N ILE A 296 15.46 -8.27 18.14
CA ILE A 296 16.55 -9.11 17.68
C ILE A 296 16.23 -9.70 16.32
N LEU A 297 15.00 -10.18 16.14
CA LEU A 297 14.62 -10.70 14.83
C LEU A 297 14.71 -9.63 13.77
N THR A 298 14.28 -8.40 14.08
CA THR A 298 14.33 -7.32 13.10
C THR A 298 15.78 -7.05 12.70
N ILE A 299 16.66 -6.90 13.68
CA ILE A 299 18.05 -6.60 13.40
C ILE A 299 18.67 -7.71 12.56
N PHE A 300 18.42 -8.97 12.95
CA PHE A 300 19.04 -10.10 12.25
C PHE A 300 18.52 -10.24 10.83
N CYS A 301 17.21 -10.17 10.64
CA CYS A 301 16.66 -10.29 9.29
C CYS A 301 17.10 -9.12 8.42
N LEU A 302 17.13 -7.91 8.98
CA LEU A 302 17.63 -6.76 8.23
C LEU A 302 19.08 -6.96 7.84
N SER A 303 19.90 -7.48 8.76
CA SER A 303 21.31 -7.71 8.44
C SER A 303 21.45 -8.74 7.33
N VAL A 304 20.68 -9.83 7.39
CA VAL A 304 20.79 -10.86 6.36
C VAL A 304 20.40 -10.28 5.01
N PHE A 305 19.30 -9.55 4.95
CA PHE A 305 18.88 -8.99 3.67
C PHE A 305 19.82 -7.90 3.21
N ALA A 306 20.43 -7.17 4.15
CA ALA A 306 21.43 -6.18 3.78
C ALA A 306 22.64 -6.84 3.15
N LEU A 307 23.07 -7.98 3.69
CA LEU A 307 24.18 -8.72 3.09
C LEU A 307 23.79 -9.22 1.71
N VAL A 308 22.56 -9.70 1.55
CA VAL A 308 22.11 -10.15 0.23
C VAL A 308 22.17 -9.01 -0.76
N GLY A 309 21.67 -7.83 -0.37
CA GLY A 309 21.72 -6.68 -1.26
C GLY A 309 23.13 -6.24 -1.55
N LEU A 310 23.97 -6.19 -0.52
CA LEU A 310 25.34 -5.72 -0.67
C LEU A 310 26.17 -6.68 -1.50
N GLN A 311 25.76 -7.94 -1.60
CA GLN A 311 26.44 -8.92 -2.46
C GLN A 311 25.72 -9.14 -3.78
N LEU A 312 24.57 -8.50 -4.00
CA LEU A 312 23.89 -8.56 -5.28
C LEU A 312 23.98 -7.27 -6.08
N PHE A 313 23.58 -6.14 -5.51
CA PHE A 313 23.52 -4.87 -6.22
C PHE A 313 24.44 -3.81 -5.63
N LYS A 314 25.69 -4.15 -5.30
CA LYS A 314 26.63 -3.13 -4.85
C LYS A 314 27.29 -2.54 -6.09
N GLY A 315 27.14 -1.22 -6.26
CA GLY A 315 27.73 -0.54 -7.39
C GLY A 315 26.92 -0.62 -8.66
N ASN A 316 25.64 -0.93 -8.57
CA ASN A 316 24.79 -0.98 -9.76
C ASN A 316 24.06 0.33 -10.01
N LEU A 317 23.69 1.04 -8.95
CA LEU A 317 22.97 2.31 -9.08
C LEU A 317 23.94 3.47 -9.29
N LYS A 318 24.80 3.33 -10.28
CA LYS A 318 25.74 4.38 -10.63
C LYS A 318 25.88 4.52 -12.14
N ASN A 319 24.99 3.93 -12.92
CA ASN A 319 25.13 3.87 -14.36
C ASN A 319 24.44 5.04 -15.04
N LYS A 320 24.79 6.26 -14.66
CA LYS A 320 24.21 7.43 -15.30
C LYS A 320 24.43 7.36 -16.80
N CYS A 321 23.37 7.56 -17.57
CA CYS A 321 23.51 7.64 -19.01
C CYS A 321 24.44 8.80 -19.37
N VAL A 322 25.42 8.53 -20.22
CA VAL A 322 26.39 9.55 -20.62
C VAL A 322 26.60 9.45 -22.12
N LYS A 323 27.05 10.56 -22.71
CA LYS A 323 27.22 10.64 -24.15
C LYS A 323 28.54 10.02 -24.58
N ASN A 324 28.60 9.68 -25.87
CA ASN A 324 29.79 9.11 -26.48
C ASN A 324 30.03 9.79 -27.82
N ASP A 325 31.29 9.74 -28.26
CA ASP A 325 31.66 10.34 -29.54
C ASP A 325 31.46 9.34 -30.68
N PRO A 340 29.83 14.51 -23.62
CA PRO A 340 30.99 13.75 -23.18
C PRO A 340 30.93 13.40 -21.69
N ASP A 341 30.70 14.41 -20.85
CA ASP A 341 30.57 14.22 -19.41
C ASP A 341 29.28 14.84 -18.88
N ILE A 342 28.25 14.95 -19.72
CA ILE A 342 26.95 15.45 -19.31
C ILE A 342 25.95 14.31 -19.48
N TYR A 343 25.05 14.17 -18.51
CA TYR A 343 24.12 13.06 -18.45
C TYR A 343 22.73 13.49 -18.89
N ILE A 344 22.04 12.62 -19.64
CA ILE A 344 20.66 12.91 -20.00
C ILE A 344 19.79 12.87 -18.74
N ASN A 345 18.63 13.50 -18.82
CA ASN A 345 17.66 13.52 -17.74
C ASN A 345 16.39 12.78 -18.16
N LYS A 346 15.79 12.06 -17.22
CA LYS A 346 14.54 11.39 -17.50
C LYS A 346 13.41 12.39 -17.69
N ARG A 347 12.48 12.04 -18.57
CA ARG A 347 11.39 12.94 -18.94
C ARG A 347 10.81 13.63 -17.71
N GLY A 348 10.88 14.96 -17.69
CA GLY A 348 10.35 15.71 -16.57
C GLY A 348 11.05 15.38 -15.26
N THR A 349 12.37 15.28 -15.28
CA THR A 349 13.14 14.96 -14.09
C THR A 349 14.40 15.81 -14.05
N SER A 350 14.91 16.03 -12.84
CA SER A 350 16.15 16.77 -12.65
C SER A 350 17.36 15.85 -12.47
N ASP A 351 17.15 14.66 -11.90
CA ASP A 351 18.25 13.72 -11.73
C ASP A 351 18.49 12.92 -13.01
N PRO A 352 19.70 12.39 -13.21
CA PRO A 352 20.00 11.72 -14.47
C PRO A 352 19.32 10.36 -14.60
N LEU A 353 19.25 9.89 -15.83
CA LEU A 353 18.71 8.58 -16.14
C LEU A 353 19.69 7.49 -15.69
N LEU A 354 19.18 6.27 -15.58
CA LEU A 354 19.95 5.14 -15.10
C LEU A 354 20.03 4.05 -16.17
N CYS A 355 21.11 3.27 -16.12
CA CYS A 355 21.43 2.29 -17.14
C CYS A 355 21.58 0.91 -16.54
N GLY A 356 21.60 -0.08 -17.43
CA GLY A 356 21.95 -1.44 -17.06
C GLY A 356 22.20 -2.25 -18.31
N ASN A 357 23.17 -3.16 -18.25
CA ASN A 357 23.48 -3.98 -19.45
C ASN A 357 22.59 -5.23 -19.47
N GLY A 358 21.92 -5.56 -18.36
CA GLY A 358 21.09 -6.74 -18.37
C GLY A 358 20.10 -6.75 -19.52
N SER A 359 19.77 -7.96 -19.96
CA SER A 359 18.79 -8.11 -21.03
C SER A 359 17.47 -7.45 -20.66
N ASP A 360 17.13 -7.43 -19.38
CA ASP A 360 15.91 -6.83 -18.87
C ASP A 360 16.21 -5.78 -17.81
N SER A 361 17.18 -4.92 -18.08
CA SER A 361 17.45 -3.73 -17.27
C SER A 361 17.17 -2.49 -18.10
N GLY A 362 17.44 -1.33 -17.52
CA GLY A 362 17.16 -0.08 -18.19
C GLY A 362 18.10 0.16 -19.36
N HIS A 363 17.53 0.48 -20.52
CA HIS A 363 18.31 0.85 -21.68
C HIS A 363 18.60 2.34 -21.65
N CYS A 364 19.26 2.83 -22.68
CA CYS A 364 19.67 4.23 -22.78
C CYS A 364 19.38 4.75 -24.18
N PRO A 365 19.07 6.04 -24.31
CA PRO A 365 18.83 6.59 -25.64
C PRO A 365 20.07 6.53 -26.51
N ASP A 366 19.84 6.48 -27.83
CA ASP A 366 20.94 6.40 -28.78
C ASP A 366 21.94 7.52 -28.50
N GLY A 367 23.18 7.35 -28.94
CA GLY A 367 24.20 8.36 -28.71
C GLY A 367 24.66 8.47 -27.28
N TYR A 368 24.21 7.57 -26.41
CA TYR A 368 24.60 7.57 -25.01
C TYR A 368 25.13 6.18 -24.65
N ILE A 369 26.05 6.15 -23.70
CA ILE A 369 26.67 4.91 -23.26
C ILE A 369 26.60 4.91 -21.74
N CYS A 370 26.69 3.72 -21.16
CA CYS A 370 26.24 3.47 -19.80
C CYS A 370 27.38 3.24 -18.80
N LEU A 371 28.44 4.04 -18.87
CA LEU A 371 29.52 3.87 -17.89
C LEU A 371 28.99 4.03 -16.47
N LYS A 372 29.81 3.65 -15.52
CA LYS A 372 29.55 3.88 -14.11
C LYS A 372 30.13 5.22 -13.69
N THR A 373 29.47 5.85 -12.72
CA THR A 373 29.88 7.17 -12.25
C THR A 373 29.90 7.19 -10.73
N SER A 374 30.72 8.06 -10.17
CA SER A 374 30.99 8.05 -8.73
C SER A 374 29.82 8.52 -7.89
N ASP A 375 28.70 8.94 -8.49
CA ASP A 375 27.58 9.45 -7.75
C ASP A 375 26.39 8.50 -7.84
N ASN A 376 25.58 8.47 -6.78
CA ASN A 376 24.36 7.69 -6.74
C ASN A 376 23.15 8.57 -6.97
N PRO A 377 22.04 8.01 -7.48
CA PRO A 377 21.03 8.85 -8.15
C PRO A 377 20.47 9.97 -7.30
N ASP A 378 20.26 9.73 -6.01
CA ASP A 378 19.46 10.62 -5.17
C ASP A 378 20.36 11.24 -4.11
N PHE A 379 21.03 12.32 -4.47
CA PHE A 379 21.97 13.01 -3.57
C PHE A 379 23.09 12.08 -3.13
N ASN A 380 23.44 11.12 -3.98
CA ASN A 380 24.52 10.18 -3.67
C ASN A 380 24.22 9.41 -2.39
N TYR A 381 22.96 9.00 -2.21
CA TYR A 381 22.53 8.33 -1.00
C TYR A 381 21.61 7.15 -1.21
N THR A 382 21.34 6.73 -2.44
CA THR A 382 20.32 5.72 -2.69
C THR A 382 20.92 4.58 -3.51
N SER A 383 22.07 4.09 -3.05
CA SER A 383 22.64 2.86 -3.56
C SER A 383 23.25 2.13 -2.38
N PHE A 384 23.05 0.82 -2.31
CA PHE A 384 23.65 0.03 -1.25
C PHE A 384 24.85 -0.73 -1.82
N ASP A 385 26.02 -0.13 -1.63
CA ASP A 385 27.29 -0.81 -1.83
C ASP A 385 27.94 -1.11 -0.49
N SER A 386 28.18 -0.09 0.33
CA SER A 386 28.67 -0.32 1.67
C SER A 386 27.56 -0.92 2.54
N PHE A 387 27.97 -1.54 3.64
CA PHE A 387 26.97 -2.11 4.54
C PHE A 387 26.08 -1.04 5.14
N ALA A 388 26.61 0.16 5.36
CA ALA A 388 25.78 1.23 5.90
C ALA A 388 24.62 1.54 4.95
N TRP A 389 24.93 1.71 3.66
CA TRP A 389 23.88 2.00 2.71
C TRP A 389 22.94 0.81 2.55
N ALA A 390 23.47 -0.40 2.62
CA ALA A 390 22.60 -1.58 2.54
C ALA A 390 21.59 -1.58 3.69
N PHE A 391 22.06 -1.34 4.92
CA PHE A 391 21.17 -1.31 6.06
C PHE A 391 20.13 -0.21 5.90
N LEU A 392 20.55 0.98 5.46
CA LEU A 392 19.60 2.08 5.33
C LEU A 392 18.53 1.76 4.29
N SER A 393 18.95 1.24 3.13
CA SER A 393 18.00 0.96 2.07
C SER A 393 17.04 -0.16 2.48
N LEU A 394 17.52 -1.14 3.24
CA LEU A 394 16.61 -2.18 3.69
C LEU A 394 15.69 -1.70 4.80
N PHE A 395 16.14 -0.76 5.62
CA PHE A 395 15.21 -0.11 6.53
C PHE A 395 14.12 0.60 5.76
N ARG A 396 14.49 1.29 4.67
CA ARG A 396 13.48 1.92 3.82
C ARG A 396 12.50 0.90 3.27
N LEU A 397 13.01 -0.23 2.78
CA LEU A 397 12.11 -1.24 2.23
C LEU A 397 11.17 -1.79 3.31
N MET A 398 11.66 -1.91 4.54
CA MET A 398 10.81 -2.39 5.63
C MET A 398 9.71 -1.37 5.94
N THR A 399 10.08 -0.10 6.14
CA THR A 399 9.08 0.92 6.43
C THR A 399 8.26 1.28 5.20
N GLN A 400 8.53 0.66 4.06
CA GLN A 400 7.78 0.87 2.80
C GLN A 400 7.57 2.37 2.57
N ASP A 401 8.57 3.19 2.88
CA ASP A 401 8.49 4.65 2.63
C ASP A 401 9.16 4.96 1.30
N SER A 402 8.38 5.39 0.31
CA SER A 402 8.91 5.72 -1.03
C SER A 402 9.71 4.53 -1.59
N TRP A 403 9.45 3.30 -1.15
CA TRP A 403 10.15 2.16 -1.71
C TRP A 403 9.89 1.98 -3.19
N GLU A 404 8.86 2.65 -3.72
CA GLU A 404 8.67 2.71 -5.16
C GLU A 404 9.93 3.21 -5.86
N ARG A 405 10.58 4.23 -5.33
CA ARG A 405 11.76 4.81 -5.96
C ARG A 405 12.87 3.78 -6.06
N LEU A 406 13.21 3.15 -4.94
CA LEU A 406 14.27 2.15 -4.96
C LEU A 406 13.91 0.98 -5.85
N TYR A 407 12.64 0.55 -5.79
CA TYR A 407 12.19 -0.52 -6.65
C TYR A 407 12.50 -0.21 -8.11
N GLN A 408 12.08 0.96 -8.58
CA GLN A 408 12.28 1.31 -9.98
C GLN A 408 13.75 1.48 -10.31
N GLN A 409 14.51 2.15 -9.44
CA GLN A 409 15.93 2.36 -9.71
C GLN A 409 16.67 1.03 -9.80
N THR A 410 16.45 0.15 -8.82
CA THR A 410 17.18 -1.10 -8.77
C THR A 410 16.78 -2.03 -9.90
N LEU A 411 15.50 -2.04 -10.28
CA LEU A 411 15.13 -2.87 -11.42
C LEU A 411 15.57 -2.24 -12.74
N ARG A 412 15.78 -0.94 -12.77
CA ARG A 412 16.30 -0.29 -13.96
C ARG A 412 17.79 -0.53 -14.16
N THR A 413 18.56 -0.58 -13.08
CA THR A 413 20.00 -0.76 -13.16
C THR A 413 20.46 -2.22 -13.09
N SER A 414 19.69 -3.08 -12.43
CA SER A 414 20.08 -4.48 -12.25
C SER A 414 19.41 -5.40 -13.27
N GLY A 415 18.09 -5.38 -13.31
CA GLY A 415 17.33 -6.20 -14.23
C GLY A 415 15.98 -6.52 -13.63
N LYS A 416 14.99 -6.70 -14.48
CA LYS A 416 13.64 -6.95 -13.99
C LYS A 416 13.56 -8.23 -13.17
N ILE A 417 14.42 -9.21 -13.43
CA ILE A 417 14.30 -10.49 -12.76
C ILE A 417 14.54 -10.38 -11.27
N TYR A 418 15.09 -9.26 -10.80
CA TYR A 418 15.40 -9.09 -9.39
C TYR A 418 14.21 -8.61 -8.57
N MET A 419 13.02 -8.57 -9.17
CA MET A 419 11.83 -8.24 -8.39
C MET A 419 11.58 -9.28 -7.31
N ILE A 420 12.19 -10.47 -7.42
CA ILE A 420 12.00 -11.51 -6.43
C ILE A 420 12.53 -11.05 -5.08
N PHE A 421 13.68 -10.39 -5.08
CA PHE A 421 14.22 -9.89 -3.82
C PHE A 421 13.23 -8.96 -3.14
N PHE A 422 12.61 -8.07 -3.92
CA PHE A 422 11.73 -7.08 -3.31
C PHE A 422 10.42 -7.71 -2.87
N VAL A 423 9.90 -8.67 -3.63
CA VAL A 423 8.72 -9.40 -3.18
C VAL A 423 9.01 -10.10 -1.87
N LEU A 424 10.15 -10.79 -1.79
CA LEU A 424 10.48 -11.55 -0.60
C LEU A 424 10.66 -10.64 0.61
N VAL A 425 11.32 -9.49 0.42
CA VAL A 425 11.54 -8.60 1.55
C VAL A 425 10.25 -7.89 1.96
N ILE A 426 9.38 -7.58 0.99
CA ILE A 426 8.09 -6.97 1.34
C ILE A 426 7.24 -7.95 2.15
N PHE A 427 7.10 -9.18 1.66
CA PHE A 427 6.28 -10.14 2.38
C PHE A 427 6.91 -10.47 3.73
N LEU A 428 8.20 -10.81 3.73
CA LEU A 428 8.92 -11.14 4.95
C LEU A 428 9.55 -9.86 5.48
N GLY A 429 8.90 -9.27 6.49
CA GLY A 429 9.45 -8.16 7.23
C GLY A 429 8.62 -6.91 7.09
N SER A 430 8.25 -6.52 5.87
CA SER A 430 7.37 -5.37 5.73
C SER A 430 5.97 -5.70 6.21
N PHE A 431 5.55 -6.96 6.02
CA PHE A 431 4.35 -7.48 6.66
C PHE A 431 4.69 -8.24 7.94
N TYR A 432 5.68 -9.11 7.88
CA TYR A 432 5.99 -9.97 9.01
C TYR A 432 6.44 -9.17 10.21
N LEU A 433 7.52 -8.39 10.07
CA LEU A 433 8.09 -7.72 11.22
C LEU A 433 7.14 -6.67 11.78
N VAL A 434 6.37 -6.02 10.91
CA VAL A 434 5.36 -5.07 11.40
C VAL A 434 4.30 -5.81 12.21
N ASN A 435 3.84 -6.96 11.72
CA ASN A 435 2.87 -7.73 12.48
C ASN A 435 3.42 -8.10 13.85
N LEU A 436 4.68 -8.55 13.89
CA LEU A 436 5.23 -9.00 15.16
C LEU A 436 5.44 -7.83 16.13
N ILE A 437 5.90 -6.68 15.64
CA ILE A 437 6.09 -5.56 16.56
C ILE A 437 4.74 -5.06 17.08
N LEU A 438 3.73 -5.01 16.22
CA LEU A 438 2.37 -4.54 16.65
C LEU A 438 1.78 -5.57 17.63
N ALA A 439 2.04 -6.85 17.42
CA ALA A 439 1.58 -7.87 18.36
C ALA A 439 2.31 -7.74 19.69
N VAL A 440 3.60 -7.43 19.66
CA VAL A 440 4.35 -7.30 20.90
C VAL A 440 3.81 -6.14 21.73
N VAL A 441 3.53 -5.01 21.08
CA VAL A 441 2.97 -3.89 21.84
C VAL A 441 1.57 -4.25 22.34
N THR A 442 0.80 -4.97 21.53
CA THR A 442 -0.52 -5.42 21.97
C THR A 442 -0.41 -6.23 23.26
N MET A 443 0.48 -7.22 23.26
CA MET A 443 0.61 -8.08 24.43
C MET A 443 1.20 -7.32 25.61
N ALA A 444 2.06 -6.34 25.35
CA ALA A 444 2.55 -5.49 26.44
C ALA A 444 1.40 -4.74 27.10
N TYR A 445 0.51 -4.17 26.29
CA TYR A 445 -0.64 -3.47 26.84
C TYR A 445 -1.54 -4.43 27.61
N GLU A 446 -1.73 -5.64 27.07
CA GLU A 446 -2.56 -6.63 27.75
C GLU A 446 -1.98 -6.99 29.10
N GLU A 447 -0.66 -7.19 29.17
CA GLU A 447 -0.03 -7.54 30.44
C GLU A 447 -0.08 -6.37 31.40
N GLN A 448 0.03 -5.14 30.89
CA GLN A 448 -0.12 -3.98 31.76
C GLN A 448 -1.51 -3.95 32.38
N ASN A 449 -2.55 -4.22 31.57
CA ASN A 449 -3.90 -4.30 32.11
C ASN A 449 -4.02 -5.42 33.14
N GLN A 450 -3.44 -6.58 32.86
CA GLN A 450 -3.51 -7.70 33.80
C GLN A 450 -2.86 -7.32 35.13
N ALA A 451 -1.70 -6.68 35.08
CA ALA A 451 -1.03 -6.27 36.31
C ALA A 451 -1.85 -5.23 37.06
N THR A 452 -2.42 -4.25 36.34
CA THR A 452 -3.20 -3.20 36.97
C THR A 452 -4.69 -3.51 36.90
N TRP A 696 -56.32 31.40 27.21
CA TRP A 696 -54.90 31.68 27.36
C TRP A 696 -54.15 31.33 26.07
N VAL A 697 -53.73 32.37 25.35
CA VAL A 697 -53.04 32.15 24.07
C VAL A 697 -51.77 31.35 24.28
N LYS A 698 -51.05 31.63 25.36
CA LYS A 698 -49.84 30.85 25.65
C LYS A 698 -50.18 29.38 25.86
N LEU A 699 -51.29 29.10 26.53
CA LEU A 699 -51.71 27.72 26.70
C LEU A 699 -51.99 27.06 25.36
N LYS A 700 -52.65 27.78 24.45
CA LYS A 700 -52.91 27.21 23.13
C LYS A 700 -51.62 26.95 22.37
N THR A 701 -50.68 27.88 22.43
CA THR A 701 -49.39 27.67 21.77
C THR A 701 -48.69 26.46 22.35
N ILE A 702 -48.71 26.32 23.67
CA ILE A 702 -48.09 25.15 24.31
C ILE A 702 -48.78 23.88 23.84
N LEU A 703 -50.11 23.90 23.78
CA LEU A 703 -50.86 22.73 23.34
C LEU A 703 -50.48 22.33 21.92
N PHE A 704 -50.39 23.30 21.02
CA PHE A 704 -49.97 23.01 19.66
C PHE A 704 -48.53 22.51 19.64
N GLY A 705 -47.66 23.12 20.43
CA GLY A 705 -46.26 22.77 20.40
C GLY A 705 -45.91 21.46 21.06
N LEU A 706 -46.61 21.12 22.16
CA LEU A 706 -46.21 19.92 22.89
C LEU A 706 -46.48 18.63 22.12
N VAL A 707 -46.94 18.70 20.87
CA VAL A 707 -47.18 17.49 20.11
C VAL A 707 -45.91 16.67 20.03
N THR A 708 -44.80 17.29 19.64
CA THR A 708 -43.51 16.62 19.57
C THR A 708 -43.66 15.23 18.98
N ASP A 709 -44.61 15.07 18.05
CA ASP A 709 -44.91 13.75 17.54
C ASP A 709 -43.66 13.18 16.85
N PRO A 710 -43.48 11.86 16.89
CA PRO A 710 -42.31 11.27 16.23
C PRO A 710 -42.22 11.62 14.76
N PHE A 711 -43.32 12.10 14.18
CA PHE A 711 -43.34 12.53 12.76
C PHE A 711 -42.57 13.84 12.61
N ALA A 712 -42.43 14.66 13.66
CA ALA A 712 -41.66 15.91 13.58
C ALA A 712 -40.17 15.61 13.44
N GLU A 713 -39.66 14.66 14.21
CA GLU A 713 -38.25 14.30 14.10
C GLU A 713 -37.94 13.71 12.73
N LEU A 714 -38.86 12.90 12.20
CA LEU A 714 -38.65 12.35 10.87
C LEU A 714 -38.60 13.46 9.82
N THR A 715 -39.46 14.47 9.95
CA THR A 715 -39.41 15.60 9.05
C THR A 715 -38.09 16.35 9.17
N ILE A 716 -37.60 16.53 10.40
CA ILE A 716 -36.31 17.20 10.59
C ILE A 716 -35.20 16.43 9.91
N THR A 717 -35.19 15.10 10.06
CA THR A 717 -34.16 14.30 9.42
C THR A 717 -34.26 14.36 7.91
N LEU A 718 -35.48 14.32 7.37
CA LEU A 718 -35.64 14.46 5.93
C LEU A 718 -35.11 15.80 5.45
N CYS A 719 -35.34 16.84 6.26
CA CYS A 719 -34.88 18.21 5.94
C CYS A 719 -33.36 18.30 5.99
N ILE A 720 -32.70 17.57 6.90
CA ILE A 720 -31.25 17.56 6.96
C ILE A 720 -30.69 16.84 5.72
N VAL A 721 -31.27 15.69 5.39
CA VAL A 721 -30.77 14.92 4.25
C VAL A 721 -30.92 15.72 2.97
N VAL A 722 -32.08 16.31 2.75
CA VAL A 722 -32.31 17.03 1.50
C VAL A 722 -31.41 18.27 1.44
N ASN A 723 -31.21 18.95 2.57
CA ASN A 723 -30.30 20.09 2.59
C ASN A 723 -28.89 19.68 2.20
N THR A 724 -28.41 18.57 2.75
CA THR A 724 -27.06 18.11 2.41
C THR A 724 -26.96 17.78 0.92
N ILE A 725 -27.90 16.99 0.40
CA ILE A 725 -27.82 16.67 -1.02
C ILE A 725 -28.04 17.92 -1.86
N PHE A 726 -28.62 18.97 -1.26
CA PHE A 726 -28.84 20.25 -1.98
C PHE A 726 -27.51 20.94 -2.11
N MET A 727 -26.73 21.00 -1.04
CA MET A 727 -25.41 21.62 -1.04
C MET A 727 -24.36 20.78 -1.76
N ALA A 728 -24.66 19.51 -2.03
CA ALA A 728 -23.73 18.66 -2.75
C ALA A 728 -23.79 18.84 -4.26
N MET A 729 -24.33 19.96 -4.76
CA MET A 729 -24.25 20.29 -6.18
C MET A 729 -23.34 21.49 -6.43
N GLU A 730 -22.47 21.81 -5.49
CA GLU A 730 -21.55 22.93 -5.66
C GLU A 730 -20.47 22.53 -6.67
N HIS A 731 -20.40 23.26 -7.77
CA HIS A 731 -19.39 23.00 -8.78
C HIS A 731 -18.82 24.32 -9.29
N HIS A 732 -17.65 24.24 -9.92
CA HIS A 732 -16.92 25.45 -10.28
C HIS A 732 -17.69 26.30 -11.27
N GLY A 733 -18.31 25.68 -12.28
CA GLY A 733 -18.96 26.43 -13.33
C GLY A 733 -20.47 26.48 -13.22
N MET A 734 -21.00 26.66 -12.00
CA MET A 734 -22.44 26.72 -11.82
C MET A 734 -22.97 28.04 -12.34
N SER A 735 -24.07 27.98 -13.09
CA SER A 735 -24.60 29.17 -13.74
C SER A 735 -25.28 30.08 -12.72
N PRO A 736 -25.48 31.35 -13.07
CA PRO A 736 -26.12 32.27 -12.11
C PRO A 736 -27.48 31.80 -11.64
N THR A 737 -28.25 31.17 -12.53
CA THR A 737 -29.54 30.61 -12.11
C THR A 737 -29.36 29.54 -11.06
N PHE A 738 -28.35 28.67 -11.25
CA PHE A 738 -28.07 27.64 -10.25
C PHE A 738 -27.67 28.27 -8.93
N GLU A 739 -26.84 29.31 -8.98
CA GLU A 739 -26.44 29.99 -7.75
C GLU A 739 -27.65 30.58 -7.04
N ALA A 740 -28.54 31.20 -7.81
CA ALA A 740 -29.74 31.78 -7.21
C ALA A 740 -30.60 30.71 -6.56
N MET A 741 -30.79 29.59 -7.25
CA MET A 741 -31.60 28.51 -6.68
C MET A 741 -30.96 27.99 -5.39
N LEU A 742 -29.64 27.82 -5.38
CA LEU A 742 -28.99 27.27 -4.21
C LEU A 742 -29.06 28.23 -3.03
N GLN A 743 -28.86 29.52 -3.27
CA GLN A 743 -28.93 30.46 -2.15
C GLN A 743 -30.37 30.60 -1.66
N ILE A 744 -31.35 30.50 -2.55
CA ILE A 744 -32.74 30.50 -2.14
C ILE A 744 -33.02 29.30 -1.25
N GLY A 745 -32.52 28.13 -1.65
CA GLY A 745 -32.69 26.94 -0.81
C GLY A 745 -32.04 27.10 0.54
N ASN A 746 -30.83 27.66 0.58
CA ASN A 746 -30.16 27.88 1.85
C ASN A 746 -30.98 28.82 2.73
N ILE A 747 -31.53 29.88 2.15
CA ILE A 747 -32.35 30.82 2.91
C ILE A 747 -33.57 30.10 3.48
N VAL A 748 -34.23 29.29 2.64
CA VAL A 748 -35.43 28.57 3.07
C VAL A 748 -35.09 27.67 4.25
N PHE A 749 -33.98 26.93 4.16
CA PHE A 749 -33.66 25.97 5.19
C PHE A 749 -33.20 26.67 6.48
N THR A 750 -32.47 27.77 6.35
CA THR A 750 -32.14 28.55 7.54
C THR A 750 -33.39 29.05 8.22
N ILE A 751 -34.35 29.54 7.43
CA ILE A 751 -35.62 29.99 8.00
C ILE A 751 -36.31 28.85 8.72
N PHE A 752 -36.34 27.67 8.11
CA PHE A 752 -37.06 26.49 8.66
C PHE A 752 -36.40 26.04 9.95
N PHE A 753 -35.08 26.03 10.03
CA PHE A 753 -34.37 25.70 11.25
C PHE A 753 -34.63 26.73 12.34
N THR A 754 -34.64 28.01 11.97
CA THR A 754 -34.94 29.04 12.95
C THR A 754 -36.36 28.88 13.50
N ALA A 755 -37.31 28.58 12.62
CA ALA A 755 -38.69 28.40 13.05
C ALA A 755 -38.81 27.20 13.98
N GLU A 756 -38.14 26.10 13.67
CA GLU A 756 -38.19 24.93 14.52
C GLU A 756 -37.53 25.21 15.87
N MET A 757 -36.42 25.94 15.88
CA MET A 757 -35.81 26.32 17.15
C MET A 757 -36.74 27.19 17.97
N VAL A 758 -37.44 28.13 17.33
CA VAL A 758 -38.39 28.96 18.06
C VAL A 758 -39.52 28.10 18.62
N PHE A 759 -40.03 27.15 17.83
CA PHE A 759 -41.06 26.26 18.33
C PHE A 759 -40.56 25.49 19.54
N LYS A 760 -39.32 24.99 19.46
CA LYS A 760 -38.76 24.23 20.57
C LYS A 760 -38.64 25.08 21.82
N ILE A 761 -38.12 26.30 21.69
CA ILE A 761 -37.92 27.14 22.86
C ILE A 761 -39.25 27.59 23.44
N ILE A 762 -40.27 27.76 22.61
CA ILE A 762 -41.61 28.05 23.12
C ILE A 762 -42.36 26.77 23.49
N ALA A 763 -41.96 25.62 22.96
CA ALA A 763 -42.61 24.37 23.34
C ALA A 763 -42.46 24.12 24.82
N PHE A 764 -41.32 24.48 25.39
CA PHE A 764 -41.08 24.37 26.83
C PHE A 764 -40.18 25.51 27.26
N ASP A 765 -40.26 25.84 28.55
CA ASP A 765 -39.52 27.00 29.04
C ASP A 765 -38.03 26.78 28.87
N PRO A 766 -37.25 27.83 28.57
CA PRO A 766 -35.80 27.63 28.38
C PRO A 766 -35.08 27.08 29.59
N TYR A 767 -35.63 27.26 30.79
CA TYR A 767 -34.91 26.86 31.99
C TYR A 767 -34.52 25.39 31.94
N TYR A 768 -35.32 24.56 31.26
CA TYR A 768 -35.03 23.14 31.10
C TYR A 768 -34.30 22.81 29.81
N TYR A 769 -34.20 23.78 28.92
CA TYR A 769 -33.52 23.55 27.61
C TYR A 769 -32.07 23.16 27.84
N PHE A 770 -31.41 23.68 28.89
CA PHE A 770 -30.02 23.38 29.16
C PHE A 770 -29.87 21.94 29.62
N GLN A 771 -28.62 21.51 29.75
CA GLN A 771 -28.26 20.12 30.07
C GLN A 771 -28.59 19.16 28.93
N LYS A 772 -28.74 19.68 27.71
CA LYS A 772 -29.00 18.85 26.52
C LYS A 772 -27.91 19.18 25.50
N LYS A 773 -26.92 18.29 25.38
CA LYS A 773 -25.81 18.55 24.48
C LYS A 773 -26.27 18.57 23.02
N TRP A 774 -27.15 17.65 22.64
CA TRP A 774 -27.65 17.64 21.27
C TRP A 774 -28.38 18.95 20.94
N ASN A 775 -29.23 19.39 21.87
CA ASN A 775 -29.99 20.62 21.66
C ASN A 775 -29.07 21.83 21.59
N ILE A 776 -28.07 21.91 22.48
CA ILE A 776 -27.18 23.06 22.46
C ILE A 776 -26.33 23.06 21.20
N PHE A 777 -25.91 21.88 20.73
CA PHE A 777 -25.20 21.81 19.46
C PHE A 777 -26.06 22.36 18.34
N ASP A 778 -27.33 21.95 18.27
CA ASP A 778 -28.19 22.47 17.22
C ASP A 778 -28.37 23.97 17.37
N CYS A 779 -28.48 24.47 18.59
CA CYS A 779 -28.62 25.91 18.82
C CYS A 779 -27.42 26.66 18.26
N ILE A 780 -26.21 26.18 18.57
CA ILE A 780 -25.01 26.88 18.12
C ILE A 780 -24.92 26.85 16.60
N ILE A 781 -25.21 25.70 15.99
CA ILE A 781 -25.09 25.61 14.55
C ILE A 781 -26.12 26.52 13.87
N VAL A 782 -27.33 26.60 14.42
CA VAL A 782 -28.35 27.47 13.85
C VAL A 782 -27.93 28.93 14.01
N THR A 783 -27.33 29.27 15.15
CA THR A 783 -26.86 30.63 15.36
C THR A 783 -25.80 30.98 14.32
N VAL A 784 -24.87 30.06 14.05
CA VAL A 784 -23.85 30.33 13.04
C VAL A 784 -24.47 30.47 11.66
N SER A 785 -25.46 29.63 11.35
CA SER A 785 -26.12 29.71 10.05
C SER A 785 -26.76 31.08 9.86
N LEU A 786 -27.52 31.54 10.85
CA LEU A 786 -28.19 32.84 10.72
C LEU A 786 -27.20 33.98 10.75
N LEU A 787 -26.11 33.86 11.51
CA LEU A 787 -25.07 34.90 11.50
C LEU A 787 -24.46 35.02 10.11
N GLU A 788 -24.14 33.89 9.49
CA GLU A 788 -23.60 33.93 8.13
C GLU A 788 -24.62 34.50 7.16
N LEU A 789 -25.89 34.14 7.32
CA LEU A 789 -26.92 34.73 6.48
C LEU A 789 -26.97 36.25 6.64
N GLY A 790 -26.82 36.73 7.87
CA GLY A 790 -26.77 38.16 8.10
C GLY A 790 -25.54 38.80 7.45
N VAL A 791 -24.43 38.08 7.43
CA VAL A 791 -23.22 38.57 6.79
C VAL A 791 -23.53 38.86 5.32
N ALA A 792 -23.05 40.00 4.82
CA ALA A 792 -23.31 40.43 3.46
C ALA A 792 -22.03 40.48 2.62
N LYS A 793 -21.05 39.64 2.93
CA LYS A 793 -19.81 39.58 2.17
C LYS A 793 -19.63 38.20 1.55
N LYS A 794 -20.71 37.66 0.97
CA LYS A 794 -20.70 36.39 0.24
C LYS A 794 -20.27 35.21 1.10
N GLY A 795 -20.38 35.34 2.42
CA GLY A 795 -19.89 34.29 3.30
C GLY A 795 -18.41 34.04 3.08
N SER A 796 -17.63 35.12 3.09
CA SER A 796 -16.21 35.08 2.77
C SER A 796 -15.51 33.89 3.41
N LEU A 797 -15.93 33.50 4.60
CA LEU A 797 -15.38 32.32 5.26
C LEU A 797 -16.19 31.10 4.81
N SER A 798 -15.67 30.41 3.79
CA SER A 798 -16.33 29.20 3.31
C SER A 798 -16.40 28.14 4.40
N VAL A 799 -15.47 28.17 5.35
CA VAL A 799 -15.56 27.27 6.50
C VAL A 799 -16.84 27.53 7.27
N LEU A 800 -17.14 28.82 7.53
CA LEU A 800 -18.38 29.19 8.18
C LEU A 800 -19.57 28.79 7.33
N ARG A 801 -19.46 28.98 6.01
CA ARG A 801 -20.52 28.59 5.10
C ARG A 801 -20.85 27.11 5.31
N SER A 802 -19.83 26.28 5.46
CA SER A 802 -20.01 24.84 5.60
C SER A 802 -20.11 24.39 7.05
N PHE A 803 -20.03 25.33 8.00
CA PHE A 803 -20.16 25.01 9.45
C PHE A 803 -21.53 24.37 9.68
N ARG A 804 -22.54 24.76 8.91
CA ARG A 804 -23.87 24.17 9.02
C ARG A 804 -23.82 22.68 8.75
N LEU A 805 -22.94 22.23 7.85
CA LEU A 805 -22.96 20.85 7.38
C LEU A 805 -22.68 19.84 8.49
N LEU A 806 -22.20 20.27 9.65
CA LEU A 806 -22.07 19.35 10.77
C LEU A 806 -23.42 18.84 11.26
N ARG A 807 -24.51 19.28 10.64
CA ARG A 807 -25.84 18.81 11.03
C ARG A 807 -25.97 17.30 10.88
N VAL A 808 -25.20 16.69 9.99
CA VAL A 808 -25.38 15.28 9.67
C VAL A 808 -25.21 14.44 10.93
N PHE A 809 -24.43 14.96 11.88
CA PHE A 809 -24.30 14.27 13.16
C PHE A 809 -25.65 14.07 13.83
N LYS A 810 -26.58 15.01 13.64
CA LYS A 810 -27.94 14.81 14.13
C LYS A 810 -28.54 13.54 13.56
N LEU A 811 -28.06 13.10 12.39
CA LEU A 811 -28.53 11.86 11.80
C LEU A 811 -28.04 10.64 12.57
N ALA A 812 -27.13 10.82 13.53
CA ALA A 812 -26.58 9.72 14.31
C ALA A 812 -27.52 9.33 15.45
N LYS A 813 -28.76 9.07 15.10
CA LYS A 813 -29.75 8.58 16.04
C LYS A 813 -30.40 7.28 15.59
N SER A 814 -30.68 7.14 14.31
CA SER A 814 -31.15 5.89 13.73
C SER A 814 -30.00 5.03 13.22
N TRP A 815 -28.76 5.48 13.37
CA TRP A 815 -27.58 4.77 12.91
C TRP A 815 -26.71 4.43 14.11
N PRO A 816 -26.40 3.17 14.39
CA PRO A 816 -25.52 2.88 15.53
C PRO A 816 -24.05 3.07 15.20
N THR A 817 -23.68 2.87 13.92
CA THR A 817 -22.30 2.99 13.52
C THR A 817 -21.79 4.42 13.71
N LEU A 818 -22.61 5.41 13.34
CA LEU A 818 -22.22 6.79 13.55
C LEU A 818 -22.03 7.08 15.04
N ASN A 819 -22.89 6.52 15.88
CA ASN A 819 -22.72 6.70 17.31
C ASN A 819 -21.43 6.08 17.80
N THR A 820 -21.07 4.91 17.29
CA THR A 820 -19.81 4.29 17.66
C THR A 820 -18.63 5.14 17.22
N LEU A 821 -18.71 5.72 16.03
CA LEU A 821 -17.62 6.58 15.54
C LEU A 821 -17.46 7.79 16.45
N ILE A 822 -18.58 8.42 16.82
CA ILE A 822 -18.51 9.57 17.71
C ILE A 822 -17.96 9.13 19.07
N LYS A 823 -18.30 7.91 19.50
CA LYS A 823 -17.73 7.41 20.75
C LYS A 823 -16.22 7.22 20.63
N ILE A 824 -15.75 6.74 19.48
CA ILE A 824 -14.31 6.62 19.26
C ILE A 824 -13.65 7.97 19.44
N ILE A 825 -14.19 8.98 18.77
CA ILE A 825 -13.60 10.31 18.86
C ILE A 825 -13.64 10.82 20.30
N GLY A 826 -14.74 10.53 21.00
CA GLY A 826 -14.86 10.97 22.38
C GLY A 826 -13.85 10.34 23.30
N ASN A 827 -13.65 9.02 23.18
CA ASN A 827 -12.64 8.36 23.98
C ASN A 827 -11.26 8.92 23.67
N SER A 828 -10.98 9.16 22.39
CA SER A 828 -9.71 9.78 22.03
C SER A 828 -9.54 11.10 22.75
N VAL A 829 -10.58 11.94 22.74
CA VAL A 829 -10.53 13.22 23.44
C VAL A 829 -10.94 13.08 24.91
N GLY A 830 -11.58 11.99 25.29
CA GLY A 830 -12.09 11.84 26.63
C GLY A 830 -11.24 10.96 27.53
N ALA A 831 -11.63 9.70 27.69
CA ALA A 831 -10.95 8.82 28.63
C ALA A 831 -9.48 8.65 28.27
N LEU A 832 -9.18 8.44 26.99
CA LEU A 832 -7.81 8.24 26.53
C LEU A 832 -7.20 9.52 25.99
N GLY A 833 -7.55 10.67 26.58
CA GLY A 833 -6.95 11.92 26.16
C GLY A 833 -5.51 12.09 26.61
N ASN A 834 -5.09 11.35 27.62
CA ASN A 834 -3.71 11.46 28.10
C ASN A 834 -2.73 11.05 27.02
N LEU A 835 -2.97 9.91 26.37
CA LEU A 835 -2.08 9.46 25.31
C LEU A 835 -2.09 10.45 24.15
N THR A 836 -3.25 11.00 23.81
CA THR A 836 -3.32 11.95 22.71
C THR A 836 -2.54 13.22 23.02
N ILE A 837 -2.65 13.72 24.26
CA ILE A 837 -1.87 14.91 24.61
C ILE A 837 -0.40 14.57 24.58
N ILE A 838 -0.02 13.35 24.96
CA ILE A 838 1.37 12.93 24.88
C ILE A 838 1.84 13.00 23.43
N LEU A 839 1.03 12.47 22.51
CA LEU A 839 1.40 12.51 21.09
C LEU A 839 1.54 13.94 20.60
N ALA A 840 0.61 14.81 20.97
CA ALA A 840 0.67 16.19 20.51
C ALA A 840 1.91 16.89 21.04
N ILE A 841 2.23 16.71 22.32
CA ILE A 841 3.39 17.37 22.88
C ILE A 841 4.66 16.83 22.24
N ILE A 842 4.70 15.54 21.93
CA ILE A 842 5.88 14.98 21.26
C ILE A 842 6.07 15.62 19.89
N VAL A 843 4.99 15.71 19.11
CA VAL A 843 5.12 16.30 17.78
C VAL A 843 5.53 17.76 17.87
N PHE A 844 4.95 18.50 18.81
CA PHE A 844 5.32 19.90 18.95
C PHE A 844 6.79 20.05 19.34
N VAL A 845 7.27 19.21 20.26
CA VAL A 845 8.66 19.29 20.67
C VAL A 845 9.59 19.00 19.50
N PHE A 846 9.28 17.96 18.73
CA PHE A 846 10.13 17.64 17.58
C PHE A 846 10.12 18.78 16.57
N ALA A 847 8.95 19.36 16.30
CA ALA A 847 8.88 20.45 15.34
C ALA A 847 9.69 21.64 15.80
N LEU A 848 9.55 22.02 17.07
CA LEU A 848 10.27 23.18 17.57
C LEU A 848 11.78 22.95 17.57
N VAL A 849 12.21 21.75 17.97
CA VAL A 849 13.65 21.47 17.97
C VAL A 849 14.19 21.49 16.55
N GLY A 850 13.48 20.86 15.62
CA GLY A 850 13.92 20.91 14.24
C GLY A 850 14.06 22.33 13.73
N LYS A 851 13.08 23.19 14.03
CA LYS A 851 13.19 24.58 13.62
C LYS A 851 14.41 25.24 14.25
N GLN A 852 14.50 25.21 15.58
CA GLN A 852 15.58 25.90 16.27
C GLN A 852 16.95 25.42 15.83
N LEU A 853 17.06 24.19 15.32
CA LEU A 853 18.36 23.64 14.98
C LEU A 853 18.66 23.63 13.49
N LEU A 854 17.69 23.91 12.61
CA LEU A 854 17.97 23.89 11.19
C LEU A 854 17.40 25.05 10.39
N GLY A 855 16.67 25.98 11.00
CA GLY A 855 16.06 27.03 10.20
C GLY A 855 17.08 27.91 9.49
N GLU A 856 18.09 28.36 10.22
CA GLU A 856 19.08 29.26 9.62
C GLU A 856 19.84 28.56 8.49
N ASN A 857 20.21 27.30 8.69
CA ASN A 857 20.91 26.58 7.63
C ASN A 857 20.00 26.38 6.42
N TYR A 858 18.73 26.07 6.66
CA TYR A 858 17.78 25.95 5.55
C TYR A 858 17.72 27.25 4.77
N ARG A 859 17.74 28.38 5.49
CA ARG A 859 17.62 29.67 4.82
C ARG A 859 18.87 29.99 4.00
N ASN A 860 20.05 29.81 4.61
CA ASN A 860 21.29 30.18 3.93
C ASN A 860 21.52 29.30 2.72
N ASN A 861 21.42 27.98 2.88
CA ASN A 861 21.77 27.04 1.78
C ASN A 861 20.50 26.61 1.05
N ARG A 862 19.42 27.38 1.15
CA ARG A 862 18.14 26.96 0.54
C ARG A 862 18.36 26.63 -0.94
N LYS A 863 19.25 27.34 -1.62
CA LYS A 863 19.42 27.12 -3.07
C LYS A 863 19.77 25.66 -3.35
N ASN A 864 20.45 25.00 -2.40
CA ASN A 864 20.91 23.60 -2.60
C ASN A 864 19.71 22.67 -2.83
N ILE A 865 18.69 22.68 -1.95
CA ILE A 865 17.53 21.80 -2.01
C ILE A 865 16.36 22.44 -2.74
N SER A 866 16.48 23.71 -3.10
CA SER A 866 15.39 24.46 -3.75
C SER A 866 15.17 23.92 -5.17
N ALA A 867 13.92 23.84 -5.62
CA ALA A 867 13.59 23.41 -6.97
C ALA A 867 14.24 24.36 -7.97
N PRO A 868 14.38 23.93 -9.23
CA PRO A 868 15.08 24.79 -10.21
C PRO A 868 14.49 26.18 -10.32
N HIS A 869 13.17 26.32 -10.28
CA HIS A 869 12.51 27.60 -10.46
C HIS A 869 11.86 28.15 -9.20
N GLU A 870 11.41 27.27 -8.30
CA GLU A 870 10.73 27.74 -7.09
C GLU A 870 11.64 28.63 -6.25
N ASP A 871 12.96 28.45 -6.36
CA ASP A 871 13.93 29.21 -5.60
C ASP A 871 13.81 28.96 -4.10
N TRP A 872 12.98 28.02 -3.67
CA TRP A 872 12.80 27.74 -2.26
C TRP A 872 12.51 26.26 -2.08
N PRO A 873 12.76 25.72 -0.89
CA PRO A 873 12.35 24.35 -0.59
C PRO A 873 10.92 24.33 -0.11
N ARG A 874 10.07 23.54 -0.78
CA ARG A 874 8.67 23.51 -0.40
C ARG A 874 8.48 23.09 1.04
N TRP A 875 9.47 22.41 1.63
CA TRP A 875 9.45 22.03 3.03
C TRP A 875 10.74 22.47 3.68
N HIS A 876 10.65 22.95 4.91
CA HIS A 876 11.85 23.38 5.63
C HIS A 876 11.50 23.53 7.10
N MET A 877 12.53 23.83 7.89
CA MET A 877 12.38 23.96 9.33
C MET A 877 12.33 25.40 9.79
N HIS A 878 12.41 26.36 8.87
CA HIS A 878 12.65 27.75 9.27
C HIS A 878 11.55 28.27 10.18
N ASP A 879 10.30 27.99 9.84
CA ASP A 879 9.15 28.49 10.59
C ASP A 879 8.43 27.33 11.28
N PHE A 880 7.94 27.61 12.49
CA PHE A 880 7.30 26.57 13.29
C PHE A 880 6.27 25.83 12.49
N PHE A 881 5.51 26.53 11.65
CA PHE A 881 4.48 25.86 10.87
C PHE A 881 5.08 24.79 9.96
N HIS A 882 6.15 25.12 9.25
CA HIS A 882 6.71 24.14 8.34
C HIS A 882 7.48 23.05 9.06
N SER A 883 8.10 23.36 10.21
CA SER A 883 8.72 22.28 10.98
C SER A 883 7.67 21.31 11.49
N PHE A 884 6.52 21.82 11.93
CA PHE A 884 5.43 20.94 12.33
C PHE A 884 4.92 20.13 11.16
N LEU A 885 4.82 20.74 9.98
CA LEU A 885 4.37 19.98 8.83
C LEU A 885 5.36 18.89 8.47
N ILE A 886 6.66 19.15 8.64
CA ILE A 886 7.67 18.13 8.42
C ILE A 886 7.47 16.97 9.39
N VAL A 887 7.36 17.29 10.68
CA VAL A 887 7.15 16.22 11.67
C VAL A 887 5.89 15.44 11.34
N PHE A 888 4.84 16.14 10.91
CA PHE A 888 3.60 15.46 10.58
C PHE A 888 3.78 14.54 9.39
N ARG A 889 4.56 14.96 8.40
CA ARG A 889 4.83 14.07 7.27
C ARG A 889 5.60 12.84 7.72
N ILE A 890 6.54 13.01 8.65
CA ILE A 890 7.23 11.85 9.21
C ILE A 890 6.22 10.90 9.82
N LEU A 891 5.35 11.41 10.69
CA LEU A 891 4.33 10.58 11.31
C LEU A 891 3.38 9.95 10.29
N CYS A 892 3.12 10.64 9.18
CA CYS A 892 2.38 10.08 8.06
C CYS A 892 3.15 8.96 7.38
N GLY A 893 4.46 8.94 7.52
CA GLY A 893 5.26 7.85 7.00
C GLY A 893 6.03 8.16 5.74
N GLU A 894 6.46 9.39 5.54
CA GLU A 894 7.34 9.75 4.44
C GLU A 894 8.46 10.60 5.01
N TRP A 895 9.67 10.04 5.05
CA TRP A 895 10.78 10.64 5.77
C TRP A 895 12.04 10.79 4.94
N ILE A 896 12.23 10.00 3.88
CA ILE A 896 13.51 9.98 3.19
C ILE A 896 13.74 11.27 2.41
N GLU A 897 12.69 11.82 1.81
CA GLU A 897 12.89 13.02 1.01
C GLU A 897 13.43 14.14 1.87
N ASN A 898 12.73 14.46 2.95
CA ASN A 898 13.21 15.45 3.89
C ASN A 898 14.49 15.01 4.58
N MET A 899 14.74 13.70 4.66
CA MET A 899 15.98 13.23 5.25
C MET A 899 17.16 13.63 4.39
N TRP A 900 17.08 13.35 3.09
CA TRP A 900 18.12 13.76 2.17
C TRP A 900 18.28 15.26 2.15
N ALA A 901 17.17 16.00 2.11
CA ALA A 901 17.27 17.45 2.14
C ALA A 901 18.01 17.91 3.38
N CYS A 902 17.62 17.40 4.55
CA CYS A 902 18.24 17.83 5.80
C CYS A 902 19.73 17.50 5.80
N MET A 903 20.08 16.29 5.38
CA MET A 903 21.46 15.82 5.51
C MET A 903 22.29 16.15 4.29
N GLU A 904 21.78 16.96 3.37
CA GLU A 904 22.62 17.65 2.40
C GLU A 904 22.55 19.16 2.56
N VAL A 905 21.75 19.66 3.50
CA VAL A 905 21.80 21.08 3.84
C VAL A 905 22.44 21.35 5.19
N GLY A 906 22.55 20.37 6.08
CA GLY A 906 23.12 20.58 7.40
C GLY A 906 23.97 19.43 7.89
N GLN A 907 24.40 19.49 9.16
CA GLN A 907 25.25 18.44 9.70
C GLN A 907 24.55 17.08 9.62
N LYS A 908 25.28 16.07 9.16
CA LYS A 908 24.67 14.75 9.00
C LYS A 908 24.21 14.19 10.34
N SER A 909 25.02 14.37 11.39
CA SER A 909 24.68 13.79 12.68
C SER A 909 23.33 14.29 13.17
N ILE A 910 23.09 15.60 13.07
CA ILE A 910 21.84 16.16 13.59
C ILE A 910 20.66 15.64 12.79
N CYS A 911 20.79 15.63 11.46
CA CYS A 911 19.70 15.13 10.63
C CYS A 911 19.47 13.64 10.86
N LEU A 912 20.56 12.86 10.98
CA LEU A 912 20.42 11.42 11.17
C LEU A 912 19.66 11.10 12.45
N ILE A 913 20.06 11.70 13.57
CA ILE A 913 19.41 11.38 14.85
C ILE A 913 17.97 11.85 14.84
N LEU A 914 17.71 13.05 14.30
CA LEU A 914 16.39 13.64 14.43
C LEU A 914 15.35 12.88 13.62
N PHE A 915 15.65 12.58 12.36
CA PHE A 915 14.66 11.92 11.52
C PHE A 915 14.35 10.52 12.03
N LEU A 916 15.37 9.77 12.46
CA LEU A 916 15.12 8.42 12.93
C LEU A 916 14.42 8.42 14.28
N THR A 917 14.87 9.27 15.21
CA THR A 917 14.22 9.28 16.52
C THR A 917 12.76 9.69 16.40
N VAL A 918 12.44 10.53 15.42
CA VAL A 918 11.05 10.90 15.19
C VAL A 918 10.27 9.71 14.63
N MET A 919 10.90 8.95 13.73
CA MET A 919 10.23 7.79 13.15
C MET A 919 9.88 6.76 14.21
N VAL A 920 10.87 6.36 15.01
CA VAL A 920 10.62 5.34 16.03
C VAL A 920 9.62 5.85 17.04
N LEU A 921 9.98 6.90 17.77
CA LEU A 921 9.09 7.41 18.81
C LEU A 921 7.78 7.90 18.21
N GLY A 922 7.84 8.50 17.03
CA GLY A 922 6.62 9.01 16.43
C GLY A 922 5.63 7.91 16.10
N ASN A 923 6.06 6.89 15.35
CA ASN A 923 5.13 5.86 14.90
C ASN A 923 4.83 4.86 16.01
N LEU A 924 5.64 4.84 17.08
CA LEU A 924 5.29 4.02 18.23
C LEU A 924 4.12 4.61 18.99
N VAL A 925 4.13 5.93 19.19
CA VAL A 925 3.05 6.57 19.92
C VAL A 925 1.74 6.48 19.14
N VAL A 926 1.82 6.65 17.82
CA VAL A 926 0.61 6.57 17.01
C VAL A 926 -0.02 5.19 17.13
N LEU A 927 0.78 4.14 16.91
CA LEU A 927 0.22 2.80 16.97
C LEU A 927 -0.33 2.49 18.35
N ASN A 928 0.23 3.11 19.38
CA ASN A 928 -0.33 2.93 20.72
C ASN A 928 -1.73 3.52 20.80
N LEU A 929 -1.99 4.63 20.11
CA LEU A 929 -3.36 5.15 20.02
C LEU A 929 -4.26 4.23 19.22
N PHE A 930 -3.81 3.83 18.03
CA PHE A 930 -4.70 3.10 17.13
C PHE A 930 -5.20 1.80 17.74
N ILE A 931 -4.48 1.24 18.71
CA ILE A 931 -4.89 0.05 19.41
C ILE A 931 -5.61 0.38 20.71
N ALA A 932 -5.05 1.28 21.52
CA ALA A 932 -5.68 1.64 22.78
C ALA A 932 -7.12 2.06 22.57
N LEU A 933 -7.40 2.76 21.47
CA LEU A 933 -8.77 3.09 21.11
C LEU A 933 -9.48 1.86 20.54
N LEU A 934 -8.74 0.99 19.85
CA LEU A 934 -9.37 -0.17 19.22
C LEU A 934 -9.91 -1.15 20.24
N LEU A 935 -9.25 -1.31 21.38
CA LEU A 935 -9.71 -2.19 22.43
C LEU A 935 -10.72 -1.51 23.35
N ASN A 936 -10.50 -0.24 23.67
CA ASN A 936 -11.44 0.47 24.53
C ASN A 936 -12.83 0.49 23.93
N SER A 937 -12.91 0.64 22.61
CA SER A 937 -14.20 0.76 21.93
C SER A 937 -14.80 -0.58 21.53
N PHE A 938 -14.07 -1.68 21.65
CA PHE A 938 -14.54 -2.99 21.23
C PHE A 938 -14.18 -4.05 22.26
N SER A 939 -14.41 -3.71 23.54
CA SER A 939 -14.25 -4.65 24.65
C SER A 939 -15.56 -4.96 25.35
N ALA A 940 -16.59 -4.15 25.13
CA ALA A 940 -17.89 -4.36 25.77
C ALA A 940 -18.44 -5.74 25.43
N ASP A 1181 -38.33 -43.62 -13.14
CA ASP A 1181 -38.71 -42.91 -14.36
C ASP A 1181 -37.51 -42.75 -15.29
N VAL A 1182 -37.78 -42.63 -16.60
CA VAL A 1182 -36.71 -42.46 -17.56
C VAL A 1182 -35.89 -41.22 -17.24
N GLY A 1183 -36.56 -40.13 -16.84
CA GLY A 1183 -35.85 -38.91 -16.53
C GLY A 1183 -34.86 -39.08 -15.40
N TRP A 1184 -35.21 -39.87 -14.38
CA TRP A 1184 -34.29 -40.06 -13.27
C TRP A 1184 -33.00 -40.70 -13.72
N GLN A 1185 -33.08 -41.77 -14.50
CA GLN A 1185 -31.86 -42.43 -14.98
C GLN A 1185 -31.10 -41.55 -15.94
N VAL A 1186 -31.82 -40.82 -16.80
CA VAL A 1186 -31.15 -39.92 -17.74
C VAL A 1186 -30.34 -38.88 -16.98
N ARG A 1187 -30.93 -38.28 -15.94
CA ARG A 1187 -30.21 -37.31 -15.13
C ARG A 1187 -29.04 -37.96 -14.40
N LYS A 1188 -29.25 -39.16 -13.84
CA LYS A 1188 -28.17 -39.82 -13.12
C LYS A 1188 -27.00 -40.13 -14.03
N THR A 1189 -27.26 -40.34 -15.32
CA THR A 1189 -26.16 -40.55 -16.27
C THR A 1189 -25.18 -39.38 -16.22
N CYS A 1190 -25.66 -38.18 -16.50
CA CYS A 1190 -24.78 -37.01 -16.45
C CYS A 1190 -24.29 -36.74 -15.04
N TYR A 1191 -25.08 -37.09 -14.03
CA TYR A 1191 -24.64 -36.88 -12.65
C TYR A 1191 -23.38 -37.68 -12.35
N ARG A 1192 -23.42 -38.99 -12.64
CA ARG A 1192 -22.24 -39.80 -12.39
C ARG A 1192 -21.11 -39.46 -13.35
N ILE A 1193 -21.44 -38.96 -14.55
CA ILE A 1193 -20.38 -38.48 -15.45
C ILE A 1193 -19.65 -37.30 -14.82
N VAL A 1194 -20.40 -36.35 -14.26
CA VAL A 1194 -19.80 -35.14 -13.70
C VAL A 1194 -19.02 -35.49 -12.44
N GLU A 1195 -19.52 -36.42 -11.64
CA GLU A 1195 -18.85 -36.75 -10.38
C GLU A 1195 -17.49 -37.36 -10.63
N HIS A 1196 -17.22 -37.74 -11.88
CA HIS A 1196 -15.95 -38.40 -12.21
C HIS A 1196 -14.77 -37.53 -11.84
N SER A 1197 -13.82 -38.10 -11.10
CA SER A 1197 -12.63 -37.35 -10.72
C SER A 1197 -11.81 -36.96 -11.94
N TRP A 1198 -11.77 -37.85 -12.95
CA TRP A 1198 -11.09 -37.50 -14.19
C TRP A 1198 -11.63 -36.20 -14.76
N PHE A 1199 -12.96 -36.09 -14.86
CA PHE A 1199 -13.55 -34.89 -15.42
C PHE A 1199 -13.34 -33.67 -14.51
N GLU A 1200 -13.41 -33.87 -13.20
CA GLU A 1200 -13.17 -32.75 -12.29
C GLU A 1200 -11.78 -32.18 -12.47
N SER A 1201 -10.76 -33.05 -12.54
CA SER A 1201 -9.41 -32.58 -12.78
C SER A 1201 -9.28 -31.96 -14.16
N PHE A 1202 -9.94 -32.54 -15.17
CA PHE A 1202 -9.89 -31.94 -16.49
C PHE A 1202 -10.40 -30.51 -16.46
N ILE A 1203 -11.51 -30.28 -15.76
CA ILE A 1203 -12.10 -28.95 -15.72
C ILE A 1203 -11.23 -27.99 -14.94
N ILE A 1204 -10.65 -28.42 -13.81
CA ILE A 1204 -9.81 -27.50 -13.05
C ILE A 1204 -8.57 -27.13 -13.86
N PHE A 1205 -7.95 -28.11 -14.53
CA PHE A 1205 -6.82 -27.81 -15.38
C PHE A 1205 -7.23 -26.90 -16.54
N MET A 1206 -8.42 -27.11 -17.09
CA MET A 1206 -8.88 -26.28 -18.21
C MET A 1206 -9.08 -24.84 -17.75
N ILE A 1207 -9.61 -24.65 -16.54
CA ILE A 1207 -9.78 -23.31 -16.00
C ILE A 1207 -8.42 -22.65 -15.80
N LEU A 1208 -7.44 -23.39 -15.28
CA LEU A 1208 -6.10 -22.83 -15.10
C LEU A 1208 -5.49 -22.43 -16.45
N LEU A 1209 -5.66 -23.28 -17.47
CA LEU A 1209 -5.14 -22.94 -18.79
C LEU A 1209 -5.85 -21.72 -19.37
N SER A 1210 -7.15 -21.59 -19.14
CA SER A 1210 -7.86 -20.40 -19.60
C SER A 1210 -7.33 -19.15 -18.89
N SER A 1211 -7.12 -19.24 -17.58
CA SER A 1211 -6.54 -18.10 -16.86
C SER A 1211 -5.19 -17.72 -17.43
N GLY A 1212 -4.36 -18.72 -17.74
CA GLY A 1212 -3.06 -18.43 -18.33
C GLY A 1212 -3.16 -17.84 -19.72
N SER A 1213 -4.13 -18.29 -20.51
CA SER A 1213 -4.23 -17.83 -21.89
C SER A 1213 -4.43 -16.33 -21.96
N LEU A 1214 -5.24 -15.77 -21.06
CA LEU A 1214 -5.51 -14.34 -21.07
C LEU A 1214 -4.38 -13.60 -20.34
N ALA A 1215 -3.14 -13.89 -20.71
CA ALA A 1215 -1.99 -13.17 -20.18
C ALA A 1215 -1.02 -12.71 -21.25
N PHE A 1216 -1.01 -13.32 -22.43
CA PHE A 1216 -0.14 -12.92 -23.51
C PHE A 1216 -0.83 -12.01 -24.53
N GLU A 1217 -2.12 -11.71 -24.33
CA GLU A 1217 -2.83 -10.74 -25.15
C GLU A 1217 -2.43 -9.35 -24.64
N ASP A 1218 -1.43 -8.76 -25.28
CA ASP A 1218 -0.85 -7.52 -24.79
C ASP A 1218 -0.65 -6.48 -25.89
N TYR A 1219 0.06 -5.41 -25.57
CA TYR A 1219 0.31 -4.35 -26.54
C TYR A 1219 1.15 -4.86 -27.70
N TYR A 1220 2.10 -5.77 -27.43
CA TYR A 1220 2.99 -6.27 -28.46
C TYR A 1220 2.40 -7.43 -29.26
N LEU A 1221 1.21 -7.91 -28.90
CA LEU A 1221 0.62 -9.03 -29.63
C LEU A 1221 0.36 -8.68 -31.09
N ASP A 1222 0.32 -7.39 -31.42
CA ASP A 1222 0.07 -6.98 -32.79
C ASP A 1222 1.15 -7.50 -33.74
N GLN A 1223 2.41 -7.45 -33.31
CA GLN A 1223 3.52 -7.75 -34.21
C GLN A 1223 3.73 -9.23 -34.45
N LYS A 1224 2.96 -10.11 -33.79
CA LYS A 1224 3.11 -11.56 -33.91
C LYS A 1224 1.78 -12.14 -34.36
N PRO A 1225 1.49 -12.14 -35.67
CA PRO A 1225 0.14 -12.55 -36.12
C PRO A 1225 -0.23 -13.95 -35.72
N THR A 1226 0.73 -14.89 -35.72
CA THR A 1226 0.39 -16.27 -35.41
C THR A 1226 -0.11 -16.41 -33.98
N VAL A 1227 0.53 -15.71 -33.04
CA VAL A 1227 0.18 -15.87 -31.63
C VAL A 1227 -1.26 -15.45 -31.38
N LYS A 1228 -1.67 -14.32 -31.95
CA LYS A 1228 -3.04 -13.84 -31.71
C LYS A 1228 -4.07 -14.77 -32.34
N ALA A 1229 -3.77 -15.28 -33.53
CA ALA A 1229 -4.69 -16.25 -34.15
C ALA A 1229 -4.82 -17.49 -33.29
N LEU A 1230 -3.71 -18.00 -32.77
CA LEU A 1230 -3.77 -19.14 -31.87
C LEU A 1230 -4.56 -18.83 -30.60
N LEU A 1231 -4.35 -17.65 -30.01
CA LEU A 1231 -5.06 -17.26 -28.81
C LEU A 1231 -6.56 -17.15 -29.01
N GLU A 1232 -7.00 -16.53 -30.10
CA GLU A 1232 -8.42 -16.47 -30.40
C GLU A 1232 -9.00 -17.84 -30.71
N TYR A 1233 -8.26 -18.71 -31.42
CA TYR A 1233 -8.76 -20.06 -31.64
C TYR A 1233 -8.95 -20.80 -30.32
N THR A 1234 -7.97 -20.72 -29.41
CA THR A 1234 -8.13 -21.43 -28.15
C THR A 1234 -9.25 -20.83 -27.31
N ASP A 1235 -9.45 -19.51 -27.37
CA ASP A 1235 -10.57 -18.92 -26.66
C ASP A 1235 -11.90 -19.42 -27.20
N ARG A 1236 -12.02 -19.53 -28.52
CA ARG A 1236 -13.25 -20.05 -29.10
C ARG A 1236 -13.51 -21.49 -28.68
N VAL A 1237 -12.48 -22.33 -28.75
CA VAL A 1237 -12.65 -23.72 -28.31
C VAL A 1237 -12.99 -23.76 -26.83
N PHE A 1238 -12.44 -22.83 -26.04
CA PHE A 1238 -12.73 -22.82 -24.61
C PHE A 1238 -14.18 -22.45 -24.37
N THR A 1239 -14.69 -21.49 -25.12
CA THR A 1239 -16.11 -21.15 -25.02
C THR A 1239 -16.97 -22.36 -25.34
N PHE A 1240 -16.64 -23.08 -26.42
CA PHE A 1240 -17.44 -24.24 -26.79
C PHE A 1240 -17.41 -25.31 -25.71
N ILE A 1241 -16.22 -25.60 -25.17
CA ILE A 1241 -16.11 -26.65 -24.17
C ILE A 1241 -16.84 -26.25 -22.90
N PHE A 1242 -16.79 -24.96 -22.53
CA PHE A 1242 -17.49 -24.52 -21.34
C PHE A 1242 -19.00 -24.53 -21.55
N VAL A 1243 -19.47 -24.24 -22.76
CA VAL A 1243 -20.89 -24.40 -23.05
C VAL A 1243 -21.31 -25.86 -22.88
N PHE A 1244 -20.49 -26.77 -23.39
CA PHE A 1244 -20.78 -28.19 -23.21
C PHE A 1244 -20.84 -28.54 -21.73
N GLU A 1245 -19.90 -28.01 -20.95
CA GLU A 1245 -19.84 -28.30 -19.52
C GLU A 1245 -21.08 -27.77 -18.80
N MET A 1246 -21.53 -26.58 -19.15
CA MET A 1246 -22.75 -26.06 -18.54
C MET A 1246 -23.96 -26.89 -18.96
N LEU A 1247 -23.99 -27.37 -20.21
CA LEU A 1247 -25.09 -28.24 -20.60
C LEU A 1247 -25.12 -29.49 -19.74
N LEU A 1248 -23.95 -30.08 -19.49
CA LEU A 1248 -23.88 -31.25 -18.62
C LEU A 1248 -24.34 -30.90 -17.20
N LYS A 1249 -23.93 -29.74 -16.70
CA LYS A 1249 -24.36 -29.33 -15.36
C LYS A 1249 -25.87 -29.20 -15.29
N TRP A 1250 -26.47 -28.58 -16.30
CA TRP A 1250 -27.92 -28.45 -16.36
C TRP A 1250 -28.59 -29.81 -16.36
N VAL A 1251 -28.08 -30.73 -17.18
CA VAL A 1251 -28.69 -32.04 -17.26
C VAL A 1251 -28.59 -32.76 -15.92
N ALA A 1252 -27.44 -32.67 -15.27
CA ALA A 1252 -27.24 -33.41 -14.03
C ALA A 1252 -28.09 -32.84 -12.90
N TYR A 1253 -28.05 -31.53 -12.70
CA TYR A 1253 -28.70 -30.92 -11.56
C TYR A 1253 -29.96 -30.19 -11.98
N GLY A 1254 -30.93 -30.12 -11.07
CA GLY A 1254 -32.15 -29.40 -11.36
C GLY A 1254 -31.88 -27.91 -11.53
N PHE A 1255 -32.78 -27.26 -12.29
CA PHE A 1255 -32.60 -25.84 -12.55
C PHE A 1255 -32.61 -25.04 -11.25
N LYS A 1256 -33.54 -25.36 -10.35
CA LYS A 1256 -33.63 -24.60 -9.10
C LYS A 1256 -32.38 -24.79 -8.25
N LYS A 1257 -31.92 -26.03 -8.11
CA LYS A 1257 -30.70 -26.26 -7.34
C LYS A 1257 -29.51 -25.56 -7.96
N TYR A 1258 -29.38 -25.64 -9.29
CA TYR A 1258 -28.25 -25.02 -9.96
C TYR A 1258 -28.27 -23.51 -9.80
N PHE A 1259 -29.44 -22.89 -9.92
CA PHE A 1259 -29.53 -21.44 -9.86
C PHE A 1259 -29.54 -20.91 -8.43
N THR A 1260 -29.75 -21.77 -7.43
CA THR A 1260 -29.73 -21.34 -6.05
C THR A 1260 -28.32 -21.37 -5.44
N ASN A 1261 -27.31 -21.63 -6.25
CA ASN A 1261 -25.93 -21.71 -5.79
C ASN A 1261 -25.17 -20.46 -6.22
N ALA A 1262 -24.51 -19.81 -5.25
CA ALA A 1262 -23.81 -18.56 -5.55
C ALA A 1262 -22.73 -18.78 -6.61
N TRP A 1263 -21.89 -19.79 -6.43
CA TRP A 1263 -20.83 -20.03 -7.40
C TRP A 1263 -21.41 -20.36 -8.76
N CYS A 1264 -22.47 -21.15 -8.80
CA CYS A 1264 -23.11 -21.45 -10.08
C CYS A 1264 -23.54 -20.17 -10.77
N TRP A 1265 -24.00 -19.18 -10.01
CA TRP A 1265 -24.37 -17.91 -10.61
C TRP A 1265 -23.17 -17.23 -11.26
N LEU A 1266 -22.04 -17.19 -10.56
CA LEU A 1266 -20.85 -16.56 -11.11
C LEU A 1266 -20.39 -17.27 -12.39
N ASP A 1267 -20.36 -18.60 -12.36
CA ASP A 1267 -20.01 -19.35 -13.55
C ASP A 1267 -21.00 -19.14 -14.68
N PHE A 1268 -22.26 -18.84 -14.34
CA PHE A 1268 -23.25 -18.53 -15.36
C PHE A 1268 -22.99 -17.17 -15.98
N LEU A 1269 -22.73 -16.15 -15.15
CA LEU A 1269 -22.47 -14.81 -15.67
C LEU A 1269 -21.22 -14.78 -16.54
N ILE A 1270 -20.14 -15.43 -16.09
CA ILE A 1270 -18.90 -15.37 -16.86
C ILE A 1270 -19.08 -16.01 -18.23
N VAL A 1271 -19.76 -17.16 -18.28
CA VAL A 1271 -20.00 -17.81 -19.56
C VAL A 1271 -20.92 -16.95 -20.41
N ASN A 1272 -21.89 -16.27 -19.79
CA ASN A 1272 -22.75 -15.37 -20.55
C ASN A 1272 -21.91 -14.29 -21.22
N ILE A 1273 -20.99 -13.68 -20.46
CA ILE A 1273 -20.16 -12.62 -21.00
C ILE A 1273 -19.32 -13.13 -22.16
N SER A 1274 -18.69 -14.29 -21.97
CA SER A 1274 -17.85 -14.85 -23.03
C SER A 1274 -18.68 -15.14 -24.28
N LEU A 1275 -19.86 -15.74 -24.09
CA LEU A 1275 -20.69 -16.09 -25.23
C LEU A 1275 -21.13 -14.85 -25.99
N ILE A 1276 -21.58 -13.82 -25.28
CA ILE A 1276 -22.05 -12.62 -25.96
C ILE A 1276 -20.89 -11.93 -26.67
N SER A 1277 -19.72 -11.91 -26.05
CA SER A 1277 -18.56 -11.30 -26.70
C SER A 1277 -18.22 -12.05 -27.98
N LEU A 1278 -18.20 -13.38 -27.93
CA LEU A 1278 -17.89 -14.16 -29.12
C LEU A 1278 -18.92 -13.94 -30.21
N THR A 1279 -20.21 -13.89 -29.84
CA THR A 1279 -21.23 -13.61 -30.84
C THR A 1279 -21.01 -12.24 -31.47
N ALA A 1280 -20.69 -11.24 -30.64
CA ALA A 1280 -20.46 -9.89 -31.16
C ALA A 1280 -19.28 -9.86 -32.10
N LYS A 1281 -18.25 -10.68 -31.86
CA LYS A 1281 -17.13 -10.75 -32.78
C LYS A 1281 -17.60 -10.95 -34.21
N ILE A 1282 -18.50 -11.92 -34.41
CA ILE A 1282 -19.05 -12.16 -35.74
C ILE A 1282 -20.04 -11.07 -36.12
N LEU A 1283 -20.89 -10.68 -35.19
CA LEU A 1283 -21.97 -9.74 -35.47
C LEU A 1283 -21.43 -8.31 -35.56
N GLU A 1284 -22.33 -7.39 -35.92
CA GLU A 1284 -21.99 -5.98 -36.00
C GLU A 1284 -22.01 -5.39 -34.59
N TYR A 1285 -21.94 -4.06 -34.50
CA TYR A 1285 -21.91 -3.36 -33.22
C TYR A 1285 -20.73 -3.85 -32.38
N SER A 1286 -19.61 -4.11 -33.04
CA SER A 1286 -18.42 -4.63 -32.40
C SER A 1286 -17.40 -3.55 -32.08
N GLU A 1287 -17.78 -2.27 -32.18
CA GLU A 1287 -16.88 -1.17 -31.93
C GLU A 1287 -17.41 -0.14 -30.94
N VAL A 1288 -18.72 -0.13 -30.66
CA VAL A 1288 -19.24 0.90 -29.77
C VAL A 1288 -18.62 0.75 -28.39
N ALA A 1289 -18.73 1.83 -27.61
CA ALA A 1289 -18.14 1.81 -26.27
C ALA A 1289 -18.73 0.72 -25.38
N PRO A 1290 -20.03 0.48 -25.35
CA PRO A 1290 -20.54 -0.63 -24.52
C PRO A 1290 -19.96 -1.98 -24.89
N ILE A 1291 -19.80 -2.28 -26.18
CA ILE A 1291 -19.25 -3.58 -26.57
C ILE A 1291 -17.75 -3.63 -26.28
N LYS A 1292 -17.06 -2.50 -26.44
CA LYS A 1292 -15.65 -2.44 -26.05
C LYS A 1292 -15.50 -2.77 -24.58
N ALA A 1293 -16.34 -2.16 -23.73
CA ALA A 1293 -16.29 -2.44 -22.30
C ALA A 1293 -16.64 -3.90 -22.03
N LEU A 1294 -17.63 -4.43 -22.75
CA LEU A 1294 -18.03 -5.82 -22.57
C LEU A 1294 -16.85 -6.75 -22.82
N ARG A 1295 -16.15 -6.56 -23.93
CA ARG A 1295 -14.95 -7.35 -24.20
C ARG A 1295 -13.85 -7.07 -23.20
N THR A 1296 -13.83 -5.86 -22.61
CA THR A 1296 -12.86 -5.58 -21.56
C THR A 1296 -13.15 -6.39 -20.31
N LEU A 1297 -14.39 -6.82 -20.11
CA LEU A 1297 -14.74 -7.59 -18.93
C LEU A 1297 -14.30 -9.04 -19.03
N ARG A 1298 -13.65 -9.44 -20.12
CA ARG A 1298 -13.11 -10.80 -20.18
C ARG A 1298 -12.07 -11.02 -19.11
N ALA A 1299 -11.52 -9.95 -18.53
CA ALA A 1299 -10.53 -10.08 -17.47
C ALA A 1299 -11.09 -10.77 -16.24
N LEU A 1300 -12.41 -10.89 -16.13
CA LEU A 1300 -13.03 -11.67 -15.07
C LEU A 1300 -13.03 -13.16 -15.39
N ARG A 1301 -12.64 -13.55 -16.60
CA ARG A 1301 -12.59 -14.97 -16.95
C ARG A 1301 -11.80 -15.81 -15.97
N PRO A 1302 -10.63 -15.41 -15.51
CA PRO A 1302 -9.91 -16.22 -14.52
C PRO A 1302 -10.46 -16.10 -13.12
N LEU A 1303 -11.66 -15.57 -12.94
CA LEU A 1303 -12.29 -15.60 -11.63
C LEU A 1303 -13.08 -16.88 -11.39
N ARG A 1304 -13.08 -17.82 -12.33
CA ARG A 1304 -13.83 -19.06 -12.17
C ARG A 1304 -13.16 -20.02 -11.20
N ALA A 1305 -11.94 -19.74 -10.75
CA ALA A 1305 -11.17 -20.68 -9.95
C ALA A 1305 -11.24 -20.38 -8.46
N LEU A 1306 -12.39 -19.93 -7.96
CA LEU A 1306 -12.56 -19.70 -6.54
C LEU A 1306 -13.32 -20.82 -5.86
N SER A 1307 -14.16 -21.54 -6.60
CA SER A 1307 -14.87 -22.69 -6.08
C SER A 1307 -14.07 -23.97 -6.25
N ARG A 1308 -13.30 -24.09 -7.33
CA ARG A 1308 -12.51 -25.29 -7.56
C ARG A 1308 -11.52 -25.52 -6.42
N PHE A 1309 -10.83 -24.46 -6.00
CA PHE A 1309 -9.82 -24.57 -4.96
C PHE A 1309 -10.46 -24.40 -3.60
N GLU A 1310 -10.26 -25.38 -2.73
CA GLU A 1310 -10.88 -25.35 -1.41
C GLU A 1310 -10.37 -24.17 -0.59
N GLY A 1311 -9.09 -23.87 -0.69
CA GLY A 1311 -8.56 -22.72 0.04
C GLY A 1311 -9.21 -21.42 -0.39
N MET A 1312 -9.29 -21.19 -1.70
CA MET A 1312 -9.93 -19.99 -2.19
C MET A 1312 -11.39 -19.95 -1.77
N ARG A 1313 -12.07 -21.09 -1.83
CA ARG A 1313 -13.48 -21.12 -1.46
C ARG A 1313 -13.68 -20.76 0.00
N VAL A 1314 -12.84 -21.29 0.89
CA VAL A 1314 -13.00 -20.97 2.31
C VAL A 1314 -12.66 -19.51 2.57
N VAL A 1315 -11.66 -18.98 1.88
CA VAL A 1315 -11.33 -17.57 2.04
C VAL A 1315 -12.50 -16.70 1.58
N VAL A 1316 -13.10 -17.06 0.44
CA VAL A 1316 -14.21 -16.27 -0.08
C VAL A 1316 -15.40 -16.34 0.85
N ASP A 1317 -15.67 -17.52 1.42
CA ASP A 1317 -16.76 -17.63 2.38
C ASP A 1317 -16.48 -16.76 3.60
N ALA A 1318 -15.23 -16.77 4.08
CA ALA A 1318 -14.88 -15.93 5.22
C ALA A 1318 -15.10 -14.46 4.90
N LEU A 1319 -14.71 -14.03 3.69
CA LEU A 1319 -14.88 -12.63 3.32
C LEU A 1319 -16.35 -12.26 3.20
N VAL A 1320 -17.11 -13.05 2.44
CA VAL A 1320 -18.53 -12.76 2.27
C VAL A 1320 -19.25 -12.77 3.61
N GLY A 1321 -18.74 -13.53 4.57
CA GLY A 1321 -19.34 -13.52 5.89
C GLY A 1321 -19.36 -12.15 6.53
N ALA A 1322 -18.40 -11.30 6.17
CA ALA A 1322 -18.26 -9.99 6.76
C ALA A 1322 -18.73 -8.86 5.85
N ILE A 1323 -19.47 -9.17 4.79
CA ILE A 1323 -19.93 -8.13 3.88
C ILE A 1323 -20.78 -7.10 4.60
N PRO A 1324 -21.79 -7.46 5.40
CA PRO A 1324 -22.59 -6.42 6.07
C PRO A 1324 -21.77 -5.55 7.02
N SER A 1325 -20.87 -6.17 7.78
CA SER A 1325 -20.05 -5.42 8.72
C SER A 1325 -19.08 -4.50 7.99
N ILE A 1326 -18.66 -4.87 6.77
CA ILE A 1326 -17.89 -3.94 5.96
C ILE A 1326 -18.77 -2.82 5.45
N MET A 1327 -19.98 -3.14 4.98
CA MET A 1327 -20.85 -2.14 4.36
C MET A 1327 -21.26 -1.05 5.34
N ASN A 1328 -21.54 -1.43 6.59
CA ASN A 1328 -21.97 -0.42 7.55
C ASN A 1328 -20.92 0.66 7.73
N VAL A 1329 -19.69 0.25 8.04
CA VAL A 1329 -18.61 1.23 8.20
C VAL A 1329 -18.25 1.90 6.88
N LEU A 1330 -18.38 1.21 5.76
CA LEU A 1330 -18.13 1.85 4.48
C LEU A 1330 -19.08 3.02 4.26
N LEU A 1331 -20.37 2.84 4.58
CA LEU A 1331 -21.32 3.93 4.44
C LEU A 1331 -21.06 5.05 5.44
N VAL A 1332 -20.73 4.72 6.69
CA VAL A 1332 -20.41 5.79 7.63
C VAL A 1332 -19.22 6.60 7.16
N CYS A 1333 -18.15 5.94 6.73
CA CYS A 1333 -16.99 6.64 6.22
C CYS A 1333 -17.29 7.42 4.95
N LEU A 1334 -18.17 6.89 4.09
CA LEU A 1334 -18.56 7.63 2.90
C LEU A 1334 -19.29 8.92 3.26
N ILE A 1335 -20.16 8.90 4.26
CA ILE A 1335 -20.82 10.14 4.67
C ILE A 1335 -19.81 11.11 5.25
N PHE A 1336 -18.88 10.63 6.08
CA PHE A 1336 -17.86 11.53 6.62
C PHE A 1336 -17.03 12.17 5.50
N TRP A 1337 -16.65 11.37 4.51
CA TRP A 1337 -15.90 11.89 3.38
C TRP A 1337 -16.75 12.81 2.51
N LEU A 1338 -18.06 12.60 2.44
CA LEU A 1338 -18.91 13.57 1.76
C LEU A 1338 -18.85 14.92 2.47
N ILE A 1339 -18.90 14.91 3.80
CA ILE A 1339 -18.78 16.17 4.54
C ILE A 1339 -17.49 16.87 4.15
N PHE A 1340 -16.38 16.13 4.19
CA PHE A 1340 -15.09 16.76 3.95
C PHE A 1340 -14.96 17.22 2.50
N SER A 1341 -15.50 16.46 1.55
CA SER A 1341 -15.45 16.87 0.17
C SER A 1341 -16.28 18.14 -0.06
N ILE A 1342 -17.42 18.27 0.62
CA ILE A 1342 -18.21 19.49 0.47
C ILE A 1342 -17.42 20.69 0.98
N MET A 1343 -16.82 20.55 2.16
CA MET A 1343 -16.00 21.66 2.65
C MET A 1343 -14.89 21.98 1.67
N GLY A 1344 -14.25 20.96 1.11
CA GLY A 1344 -13.17 21.20 0.18
C GLY A 1344 -13.63 21.89 -1.09
N VAL A 1345 -14.77 21.49 -1.64
CA VAL A 1345 -15.29 22.14 -2.84
C VAL A 1345 -15.58 23.59 -2.55
N ASN A 1346 -16.23 23.87 -1.42
CA ASN A 1346 -16.51 25.26 -1.07
C ASN A 1346 -15.22 26.06 -1.00
N LEU A 1347 -14.16 25.47 -0.45
CA LEU A 1347 -12.93 26.23 -0.25
C LEU A 1347 -12.16 26.43 -1.56
N PHE A 1348 -12.06 25.40 -2.40
CA PHE A 1348 -11.20 25.47 -3.58
C PHE A 1348 -11.94 25.14 -4.87
N ALA A 1349 -13.16 25.64 -5.04
CA ALA A 1349 -13.91 25.37 -6.26
C ALA A 1349 -13.28 26.12 -7.43
N GLY A 1350 -12.49 25.41 -8.22
CA GLY A 1350 -12.00 25.95 -9.48
C GLY A 1350 -10.84 26.90 -9.39
N LYS A 1351 -10.19 27.02 -8.23
CA LYS A 1351 -9.01 27.85 -8.11
C LYS A 1351 -7.73 27.12 -8.51
N PHE A 1352 -7.81 25.84 -8.87
CA PHE A 1352 -6.63 25.04 -9.18
C PHE A 1352 -6.28 25.16 -10.66
N TRP A 1353 -6.11 26.41 -11.11
CA TRP A 1353 -5.77 26.68 -12.50
C TRP A 1353 -4.52 27.54 -12.54
N ARG A 1354 -3.63 27.22 -13.47
CA ARG A 1354 -2.34 27.89 -13.58
C ARG A 1354 -1.96 28.01 -15.04
N CYS A 1355 -1.21 29.07 -15.36
CA CYS A 1355 -0.66 29.28 -16.69
C CYS A 1355 0.77 28.77 -16.70
N ILE A 1356 1.04 27.80 -17.57
CA ILE A 1356 2.30 27.07 -17.54
C ILE A 1356 3.17 27.40 -18.75
N ASN A 1357 4.39 26.87 -18.77
CA ASN A 1357 5.33 27.11 -19.90
C ASN A 1357 5.70 25.73 -20.45
N TYR A 1358 4.89 25.18 -21.36
CA TYR A 1358 5.07 23.82 -21.89
C TYR A 1358 5.64 23.91 -23.30
N THR A 1359 6.97 23.99 -23.36
CA THR A 1359 7.65 24.06 -24.65
C THR A 1359 7.94 22.66 -25.19
N ASP A 1360 8.65 21.85 -24.41
CA ASP A 1360 8.99 20.49 -24.83
C ASP A 1360 9.30 19.67 -23.60
N GLY A 1361 8.35 18.84 -23.18
CA GLY A 1361 8.55 17.98 -22.02
C GLY A 1361 8.29 18.70 -20.71
N GLU A 1362 9.36 19.11 -20.04
CA GLU A 1362 9.22 19.81 -18.78
C GLU A 1362 8.53 21.16 -18.99
N PHE A 1363 7.86 21.62 -17.94
CA PHE A 1363 7.12 22.87 -17.99
C PHE A 1363 7.32 23.63 -16.69
N SER A 1364 7.01 24.92 -16.71
CA SER A 1364 7.11 25.72 -15.47
C SER A 1364 5.99 26.76 -15.41
N LEU A 1365 5.52 27.06 -14.20
CA LEU A 1365 4.49 28.11 -14.05
C LEU A 1365 5.11 29.45 -14.45
N VAL A 1366 4.60 30.07 -15.52
CA VAL A 1366 5.11 31.41 -15.90
C VAL A 1366 5.13 32.29 -14.65
N PRO A 1367 6.20 33.05 -14.39
CA PRO A 1367 6.28 33.93 -13.23
C PRO A 1367 5.21 35.02 -13.27
N LEU A 1368 4.83 35.49 -12.08
CA LEU A 1368 3.79 36.52 -11.99
C LEU A 1368 4.16 37.75 -12.79
N SER A 1369 5.45 38.00 -13.00
CA SER A 1369 5.86 39.19 -13.74
C SER A 1369 5.29 39.19 -15.15
N ILE A 1370 5.37 38.04 -15.83
CA ILE A 1370 4.91 37.96 -17.21
C ILE A 1370 3.41 37.77 -17.28
N VAL A 1371 2.88 36.81 -16.52
CA VAL A 1371 1.45 36.48 -16.52
C VAL A 1371 0.94 36.50 -15.09
N ASN A 1372 -0.20 37.15 -14.88
CA ASN A 1372 -0.82 37.21 -13.57
C ASN A 1372 -2.21 36.59 -13.52
N ASN A 1373 -2.84 36.41 -14.69
CA ASN A 1373 -4.24 35.91 -14.72
C ASN A 1373 -4.60 35.46 -16.15
N LYS A 1374 -5.74 34.79 -16.31
CA LYS A 1374 -6.12 34.29 -17.63
C LYS A 1374 -5.97 35.37 -18.70
N SER A 1375 -6.34 36.61 -18.38
CA SER A 1375 -6.20 37.68 -19.35
C SER A 1375 -4.74 37.80 -19.79
N ASP A 1376 -3.82 37.86 -18.84
CA ASP A 1376 -2.41 37.96 -19.20
C ASP A 1376 -1.96 36.73 -19.97
N CYS A 1377 -2.37 35.54 -19.54
CA CYS A 1377 -1.96 34.31 -20.20
C CYS A 1377 -2.53 34.23 -21.61
N LYS A 1378 -3.49 35.08 -21.96
CA LYS A 1378 -3.97 35.12 -23.33
C LYS A 1378 -3.28 36.19 -24.17
N ILE A 1379 -2.81 37.28 -23.55
CA ILE A 1379 -2.20 38.37 -24.31
C ILE A 1379 -0.68 38.26 -24.33
N GLN A 1380 -0.07 37.68 -23.28
CA GLN A 1380 1.36 37.44 -23.24
C GLN A 1380 1.75 36.17 -23.98
N ASN A 1381 0.89 35.64 -24.85
CA ASN A 1381 1.16 34.34 -25.51
C ASN A 1381 1.96 34.56 -26.80
N SER A 1382 3.12 35.20 -26.71
CA SER A 1382 3.94 35.49 -27.89
C SER A 1382 4.51 34.21 -28.50
N THR A 1383 5.12 33.36 -27.67
CA THR A 1383 5.80 32.18 -28.19
C THR A 1383 4.81 31.11 -28.64
N GLY A 1384 3.64 31.05 -28.02
CA GLY A 1384 2.75 29.93 -28.19
C GLY A 1384 2.95 28.84 -27.16
N SER A 1385 3.67 29.12 -26.08
CA SER A 1385 3.98 28.12 -25.06
C SER A 1385 3.38 28.46 -23.71
N PHE A 1386 2.33 29.27 -23.68
CA PHE A 1386 1.62 29.58 -22.43
C PHE A 1386 0.27 28.90 -22.45
N PHE A 1387 0.15 27.79 -21.72
CA PHE A 1387 -1.10 27.06 -21.56
C PHE A 1387 -1.66 27.36 -20.19
N TRP A 1388 -2.99 27.44 -20.11
CA TRP A 1388 -3.71 27.65 -18.86
C TRP A 1388 -4.49 26.36 -18.58
N VAL A 1389 -3.96 25.54 -17.67
CA VAL A 1389 -4.54 24.24 -17.36
C VAL A 1389 -4.61 24.08 -15.85
N ASN A 1390 -5.25 23.01 -15.42
CA ASN A 1390 -5.58 22.77 -14.02
C ASN A 1390 -4.86 21.53 -13.51
N VAL A 1391 -4.79 21.43 -12.18
CA VAL A 1391 -4.23 20.24 -11.56
C VAL A 1391 -5.01 19.01 -12.05
N LYS A 1392 -4.35 17.85 -12.01
CA LYS A 1392 -5.02 16.64 -12.44
C LYS A 1392 -6.22 16.33 -11.56
N VAL A 1393 -6.02 16.35 -10.24
CA VAL A 1393 -7.10 16.11 -9.28
C VAL A 1393 -7.33 17.39 -8.52
N ASN A 1394 -8.57 17.86 -8.51
CA ASN A 1394 -8.91 19.16 -7.97
C ASN A 1394 -10.15 19.00 -7.10
N PHE A 1395 -10.76 20.12 -6.71
CA PHE A 1395 -11.96 20.13 -5.90
C PHE A 1395 -13.15 20.75 -6.64
N ASP A 1396 -13.20 20.58 -7.96
CA ASP A 1396 -14.30 21.15 -8.72
C ASP A 1396 -15.63 20.55 -8.28
N ASN A 1397 -15.74 19.23 -8.27
CA ASN A 1397 -16.97 18.52 -7.96
C ASN A 1397 -16.82 17.79 -6.64
N VAL A 1398 -17.92 17.17 -6.19
CA VAL A 1398 -17.83 16.28 -5.05
C VAL A 1398 -17.22 14.94 -5.42
N ALA A 1399 -17.34 14.51 -6.68
CA ALA A 1399 -16.63 13.33 -7.12
C ALA A 1399 -15.12 13.55 -7.03
N MET A 1400 -14.62 14.66 -7.57
CA MET A 1400 -13.21 14.96 -7.45
C MET A 1400 -12.83 15.24 -6.01
N GLY A 1401 -13.75 15.79 -5.22
CA GLY A 1401 -13.48 15.90 -3.79
C GLY A 1401 -13.20 14.55 -3.17
N TYR A 1402 -14.02 13.55 -3.52
CA TYR A 1402 -13.80 12.19 -3.03
C TYR A 1402 -12.44 11.67 -3.48
N LEU A 1403 -12.12 11.82 -4.76
CA LEU A 1403 -10.88 11.26 -5.27
C LEU A 1403 -9.67 11.90 -4.58
N ALA A 1404 -9.66 13.23 -4.47
CA ALA A 1404 -8.54 13.90 -3.81
C ALA A 1404 -8.48 13.55 -2.33
N LEU A 1405 -9.64 13.41 -1.69
CA LEU A 1405 -9.64 13.02 -0.29
C LEU A 1405 -9.05 11.62 -0.13
N LEU A 1406 -9.38 10.71 -1.05
CA LEU A 1406 -8.78 9.38 -1.01
C LEU A 1406 -7.28 9.44 -1.19
N GLN A 1407 -6.81 10.25 -2.13
CA GLN A 1407 -5.37 10.36 -2.34
C GLN A 1407 -4.67 10.87 -1.09
N VAL A 1408 -5.28 11.85 -0.42
CA VAL A 1408 -4.70 12.30 0.85
C VAL A 1408 -4.80 11.22 1.92
N ALA A 1409 -5.82 10.35 1.84
CA ALA A 1409 -6.00 9.34 2.87
C ALA A 1409 -4.96 8.22 2.73
N THR A 1410 -4.66 7.80 1.51
CA THR A 1410 -3.63 6.79 1.30
C THR A 1410 -2.23 7.38 1.36
N PHE A 1411 -2.10 8.70 1.32
CA PHE A 1411 -0.81 9.39 1.45
C PHE A 1411 0.03 9.24 0.19
N LYS A 1412 -0.63 9.26 -0.96
CA LYS A 1412 0.06 9.12 -2.24
C LYS A 1412 -0.52 10.10 -3.23
N GLY A 1413 0.27 11.07 -3.69
CA GLY A 1413 -0.26 12.15 -4.55
C GLY A 1413 -0.67 13.23 -3.60
N TRP A 1414 -0.47 12.98 -2.33
CA TRP A 1414 -0.85 13.90 -1.31
C TRP A 1414 -0.28 15.23 -1.57
N MET A 1415 0.97 15.28 -2.00
CA MET A 1415 1.66 16.56 -2.16
C MET A 1415 1.21 17.47 -3.29
N ASP A 1416 1.05 16.96 -4.49
CA ASP A 1416 0.71 17.83 -5.60
C ASP A 1416 -0.53 18.65 -5.30
N ILE A 1417 -1.41 18.14 -4.45
CA ILE A 1417 -2.63 18.83 -4.10
C ILE A 1417 -2.38 19.82 -3.00
N MET A 1418 -1.58 19.48 -2.01
CA MET A 1418 -1.25 20.49 -1.01
C MET A 1418 -0.60 21.69 -1.68
N TYR A 1419 0.29 21.44 -2.65
CA TYR A 1419 0.94 22.53 -3.36
C TYR A 1419 -0.09 23.40 -4.06
N ALA A 1420 -0.98 22.78 -4.85
CA ALA A 1420 -1.95 23.57 -5.59
C ALA A 1420 -2.89 24.32 -4.66
N ALA A 1421 -3.35 23.68 -3.59
CA ALA A 1421 -4.25 24.34 -2.67
C ALA A 1421 -3.60 25.56 -2.05
N VAL A 1422 -2.36 25.40 -1.55
CA VAL A 1422 -1.72 26.52 -0.89
C VAL A 1422 -1.39 27.63 -1.88
N ASP A 1423 -1.07 27.27 -3.12
CA ASP A 1423 -0.64 28.28 -4.09
C ASP A 1423 -1.82 29.08 -4.64
N SER A 1424 -2.97 28.45 -4.82
CA SER A 1424 -4.10 29.12 -5.45
C SER A 1424 -4.50 30.36 -4.66
N ARG A 1425 -4.91 31.41 -5.39
CA ARG A 1425 -5.25 32.69 -4.78
C ARG A 1425 -6.71 33.06 -4.96
N GLU A 1426 -7.25 33.00 -6.18
CA GLU A 1426 -8.65 33.32 -6.42
C GLU A 1426 -8.97 32.97 -7.87
N VAL A 1427 -10.26 32.78 -8.15
CA VAL A 1427 -10.67 32.23 -9.44
C VAL A 1427 -10.04 33.04 -10.57
N ASN A 1428 -9.58 32.33 -11.60
CA ASN A 1428 -8.99 32.97 -12.78
C ASN A 1428 -7.84 33.89 -12.40
N MET A 1429 -6.94 33.39 -11.57
CA MET A 1429 -5.72 34.12 -11.23
C MET A 1429 -4.56 33.15 -11.17
N GLN A 1430 -3.35 33.67 -11.41
CA GLN A 1430 -2.16 32.83 -11.43
C GLN A 1430 -1.73 32.50 -10.00
N PRO A 1431 -1.55 31.24 -9.64
CA PRO A 1431 -1.20 30.91 -8.26
C PRO A 1431 0.11 31.56 -7.85
N LYS A 1432 0.21 31.93 -6.58
CA LYS A 1432 1.40 32.55 -6.02
C LYS A 1432 2.01 31.64 -4.97
N TRP A 1433 3.34 31.59 -4.95
CA TRP A 1433 4.06 30.75 -4.01
C TRP A 1433 3.62 31.03 -2.59
N GLU A 1434 3.04 30.04 -1.94
CA GLU A 1434 2.59 30.16 -0.56
C GLU A 1434 1.69 31.37 -0.35
N ASP A 1435 0.71 31.53 -1.25
CA ASP A 1435 -0.27 32.65 -1.10
C ASP A 1435 -1.08 32.33 0.15
N ASN A 1436 -1.83 31.23 0.13
CA ASN A 1436 -2.61 30.77 1.31
C ASN A 1436 -1.78 29.72 2.04
N VAL A 1437 -0.66 30.11 2.65
CA VAL A 1437 0.27 29.16 3.32
C VAL A 1437 -0.47 28.41 4.43
N TYR A 1438 -1.60 28.91 4.93
CA TYR A 1438 -2.27 28.29 6.06
C TYR A 1438 -3.38 27.34 5.64
N MET A 1439 -3.46 26.98 4.36
CA MET A 1439 -4.42 25.98 3.91
C MET A 1439 -3.87 24.57 4.01
N TYR A 1440 -2.69 24.40 4.61
CA TYR A 1440 -2.24 23.06 4.98
C TYR A 1440 -3.10 22.49 6.10
N LEU A 1441 -3.67 23.36 6.94
CA LEU A 1441 -4.43 22.89 8.09
C LEU A 1441 -5.65 22.09 7.65
N TYR A 1442 -6.25 22.43 6.50
CA TYR A 1442 -7.38 21.65 6.05
C TYR A 1442 -7.00 20.19 5.83
N PHE A 1443 -5.84 19.96 5.20
CA PHE A 1443 -5.41 18.59 4.95
C PHE A 1443 -4.94 17.90 6.21
N VAL A 1444 -4.28 18.63 7.10
CA VAL A 1444 -3.91 18.05 8.39
C VAL A 1444 -5.16 17.54 9.09
N ILE A 1445 -6.22 18.36 9.12
CA ILE A 1445 -7.45 17.97 9.78
C ILE A 1445 -8.08 16.79 9.08
N PHE A 1446 -8.11 16.80 7.74
CA PHE A 1446 -8.72 15.69 7.04
C PHE A 1446 -8.00 14.39 7.36
N ILE A 1447 -6.67 14.39 7.33
CA ILE A 1447 -5.96 13.19 7.75
C ILE A 1447 -6.42 12.78 9.13
N ILE A 1448 -6.17 13.65 10.12
CA ILE A 1448 -6.40 13.28 11.51
C ILE A 1448 -7.79 12.74 11.74
N PHE A 1449 -8.78 13.16 10.95
CA PHE A 1449 -10.16 12.79 11.22
C PHE A 1449 -10.72 11.74 10.26
N GLY A 1450 -10.49 11.88 8.96
CA GLY A 1450 -11.02 10.93 7.96
C GLY A 1450 -10.07 9.79 7.64
N GLY A 1451 -8.81 9.84 8.09
CA GLY A 1451 -7.80 8.81 7.75
C GLY A 1451 -7.56 7.89 8.93
N PHE A 1452 -7.33 8.40 10.15
CA PHE A 1452 -6.96 7.58 11.34
C PHE A 1452 -8.16 7.19 12.19
N PHE A 1453 -9.22 8.00 12.21
CA PHE A 1453 -10.43 7.76 13.04
C PHE A 1453 -11.46 6.97 12.26
N THR A 1454 -11.38 6.86 10.93
CA THR A 1454 -12.28 5.98 10.21
C THR A 1454 -11.61 4.67 9.83
N LEU A 1455 -10.38 4.47 10.35
CA LEU A 1455 -9.63 3.20 10.19
C LEU A 1455 -9.62 2.52 11.57
N ASN A 1456 -9.76 3.26 12.68
CA ASN A 1456 -9.88 2.64 14.02
C ASN A 1456 -11.30 2.07 14.11
N LEU A 1457 -12.19 2.48 13.21
CA LEU A 1457 -13.59 1.99 13.19
C LEU A 1457 -13.72 0.83 12.20
N PHE A 1458 -12.97 0.81 11.09
CA PHE A 1458 -12.97 -0.34 10.18
C PHE A 1458 -12.30 -1.55 10.82
N VAL A 1459 -11.12 -1.35 11.39
CA VAL A 1459 -10.45 -2.45 12.08
C VAL A 1459 -11.37 -3.02 13.14
N GLY A 1460 -11.77 -2.20 14.11
CA GLY A 1460 -12.70 -2.61 15.14
C GLY A 1460 -13.86 -3.46 14.65
N VAL A 1461 -14.54 -3.01 13.60
CA VAL A 1461 -15.69 -3.78 13.12
C VAL A 1461 -15.24 -5.14 12.60
N ILE A 1462 -14.14 -5.19 11.85
CA ILE A 1462 -13.72 -6.49 11.32
C ILE A 1462 -13.26 -7.46 12.41
N ILE A 1463 -12.54 -6.97 13.44
CA ILE A 1463 -12.11 -7.85 14.52
C ILE A 1463 -13.27 -8.28 15.40
N ASP A 1464 -14.28 -7.43 15.60
CA ASP A 1464 -15.48 -7.83 16.32
C ASP A 1464 -16.37 -8.73 15.47
N ASN A 1465 -16.19 -8.72 14.16
CA ASN A 1465 -16.85 -9.66 13.27
C ASN A 1465 -16.23 -11.05 13.30
N PHE A 1466 -14.91 -11.14 13.12
CA PHE A 1466 -14.24 -12.45 13.18
C PHE A 1466 -14.31 -13.06 14.56
N ASN A 1467 -14.10 -12.25 15.61
CA ASN A 1467 -14.16 -12.70 17.03
C ASN A 1467 -15.45 -13.50 17.25
N GLN A 1468 -16.54 -13.10 16.60
CA GLN A 1468 -17.85 -13.75 16.72
C GLN A 1468 -18.02 -14.89 15.73
N GLN A 1469 -17.73 -14.60 14.45
CA GLN A 1469 -17.91 -15.57 13.35
C GLN A 1469 -17.17 -16.86 13.69
N LYS A 1470 -15.93 -16.76 14.16
CA LYS A 1470 -15.16 -17.95 14.60
C LYS A 1470 -15.95 -18.60 15.74
N LYS A 1471 -16.25 -17.83 16.80
CA LYS A 1471 -17.01 -18.38 17.96
C LYS A 1471 -18.23 -19.16 17.45
N LYS A 1472 -18.89 -18.70 16.38
CA LYS A 1472 -20.14 -19.35 15.89
C LYS A 1472 -19.83 -20.66 15.16
N LEU A 1473 -18.81 -20.69 14.28
CA LEU A 1473 -18.46 -21.87 13.50
C LEU A 1473 -17.74 -22.93 14.34
N GLY A 1474 -17.68 -22.76 15.66
CA GLY A 1474 -17.08 -23.75 16.53
C GLY A 1474 -15.68 -23.43 17.01
N GLY A 1475 -15.15 -22.26 16.68
CA GLY A 1475 -13.82 -21.89 17.14
C GLY A 1475 -12.71 -22.60 16.41
N GLN A 1476 -13.02 -23.28 15.32
CA GLN A 1476 -12.01 -23.96 14.51
C GLN A 1476 -11.30 -22.96 13.61
N ASP A 1477 -9.99 -23.14 13.44
CA ASP A 1477 -9.19 -22.19 12.69
C ASP A 1477 -9.74 -22.01 11.28
N ILE A 1478 -10.01 -20.76 10.91
CA ILE A 1478 -10.59 -20.43 9.61
C ILE A 1478 -9.49 -20.31 8.57
N PHE A 1479 -9.89 -20.22 7.30
CA PHE A 1479 -9.05 -20.05 6.12
C PHE A 1479 -8.35 -21.34 5.71
N MET A 1480 -8.42 -22.40 6.51
CA MET A 1480 -7.68 -23.63 6.27
C MET A 1480 -8.65 -24.73 5.85
N THR A 1481 -8.34 -25.42 4.76
CA THR A 1481 -9.16 -26.52 4.33
C THR A 1481 -9.12 -27.64 5.36
N GLU A 1482 -10.09 -28.55 5.27
CA GLU A 1482 -10.10 -29.68 6.18
C GLU A 1482 -8.85 -30.53 6.03
N GLU A 1483 -8.43 -30.78 4.79
CA GLU A 1483 -7.25 -31.61 4.56
C GLU A 1483 -6.02 -30.95 5.15
N GLN A 1484 -5.86 -29.64 4.94
CA GLN A 1484 -4.70 -28.94 5.50
C GLN A 1484 -4.80 -28.82 7.01
N LYS A 1485 -6.00 -28.93 7.58
CA LYS A 1485 -6.13 -28.84 9.02
C LYS A 1485 -5.36 -29.96 9.71
N LYS A 1486 -5.49 -31.18 9.20
CA LYS A 1486 -4.78 -32.30 9.82
C LYS A 1486 -3.28 -32.21 9.58
N TYR A 1487 -2.88 -31.66 8.42
CA TYR A 1487 -1.44 -31.47 8.11
C TYR A 1487 -0.87 -30.44 9.06
N TYR A 1488 -1.61 -29.39 9.38
CA TYR A 1488 -1.21 -28.41 10.39
C TYR A 1488 -1.17 -29.04 11.78
N ASN A 1489 -2.14 -29.90 12.08
CA ASN A 1489 -2.13 -30.61 13.36
C ASN A 1489 -0.85 -31.42 13.49
N ALA A 1490 -0.49 -32.15 12.44
CA ALA A 1490 0.73 -32.96 12.48
C ALA A 1490 1.96 -32.08 12.63
N MET A 1491 1.98 -30.93 11.95
CA MET A 1491 3.13 -30.03 12.06
C MET A 1491 3.30 -29.54 13.49
N LYS A 1492 2.21 -29.04 14.09
CA LYS A 1492 2.28 -28.52 15.48
C LYS A 1492 2.64 -29.72 16.37
N LYS A 1493 2.29 -30.93 15.95
CA LYS A 1493 2.67 -32.16 16.71
C LYS A 1493 4.18 -32.38 16.51
N LEU A 1494 4.72 -32.00 15.35
CA LEU A 1494 6.18 -32.09 15.10
C LEU A 1494 6.88 -31.01 15.95
N GLY A 1495 6.16 -29.93 16.29
CA GLY A 1495 6.70 -28.85 17.13
C GLY A 1495 6.45 -29.14 18.59
N SER A 1496 6.92 -30.27 19.09
CA SER A 1496 6.63 -30.67 20.48
C SER A 1496 7.90 -31.03 21.26
N LYS A 1497 7.76 -31.70 22.41
CA LYS A 1497 8.93 -32.07 23.24
C LYS A 1497 9.22 -33.57 23.07
N LYS A 1498 10.28 -33.91 22.34
CA LYS A 1498 10.64 -35.34 22.11
C LYS A 1498 12.17 -35.48 22.02
N PRO A 1499 12.89 -35.61 23.15
CA PRO A 1499 14.34 -35.81 23.11
C PRO A 1499 14.84 -37.24 23.30
N GLN A 1500 15.90 -37.61 22.55
CA GLN A 1500 16.48 -38.93 22.71
C GLN A 1500 17.92 -38.80 23.20
N LYS A 1501 18.31 -39.66 24.13
CA LYS A 1501 19.65 -39.63 24.69
C LYS A 1501 20.62 -40.34 23.75
N PRO A 1502 21.72 -39.70 23.35
CA PRO A 1502 22.66 -40.35 22.42
C PRO A 1502 23.48 -41.42 23.11
N ILE A 1503 24.22 -42.18 22.31
CA ILE A 1503 25.05 -43.30 22.85
C ILE A 1503 26.52 -42.85 22.94
N PRO A 1504 27.18 -42.95 24.12
CA PRO A 1504 28.56 -42.48 24.26
C PRO A 1504 29.57 -43.41 23.60
N ARG A 1505 30.76 -42.88 23.31
CA ARG A 1505 31.85 -43.71 22.72
C ARG A 1505 31.27 -44.69 21.68
N PRO A 1506 30.67 -44.22 20.58
CA PRO A 1506 30.06 -45.12 19.61
C PRO A 1506 31.11 -45.92 18.86
N LEU A 1507 30.87 -47.23 18.69
CA LEU A 1507 31.80 -48.10 17.91
C LEU A 1507 33.23 -48.02 18.47
N ASN A 1508 34.21 -47.66 17.62
CA ASN A 1508 35.64 -47.64 18.05
C ASN A 1508 35.90 -46.52 19.07
N LYS A 1509 36.97 -46.65 19.84
CA LYS A 1509 37.27 -45.64 20.89
C LYS A 1509 37.64 -44.31 20.22
N PHE A 1510 38.21 -44.33 19.02
CA PHE A 1510 38.51 -43.04 18.38
C PHE A 1510 37.23 -42.22 18.22
N GLN A 1511 36.16 -42.87 17.76
CA GLN A 1511 34.87 -42.20 17.70
C GLN A 1511 34.45 -41.71 19.08
N GLY A 1512 34.66 -42.55 20.11
CA GLY A 1512 34.37 -42.10 21.46
C GLY A 1512 35.20 -40.90 21.88
N PHE A 1513 36.47 -40.89 21.50
CA PHE A 1513 37.35 -39.79 21.84
C PHE A 1513 36.83 -38.49 21.27
N VAL A 1514 36.50 -38.47 19.98
CA VAL A 1514 35.98 -37.24 19.40
C VAL A 1514 34.63 -36.88 20.02
N PHE A 1515 33.79 -37.89 20.27
CA PHE A 1515 32.44 -37.64 20.76
C PHE A 1515 32.44 -37.00 22.14
N ASP A 1516 33.32 -37.46 23.03
CA ASP A 1516 33.31 -36.93 24.40
C ASP A 1516 33.63 -35.45 24.41
N ILE A 1517 34.59 -35.01 23.59
CA ILE A 1517 34.90 -33.59 23.51
C ILE A 1517 33.76 -32.84 22.83
N VAL A 1518 33.19 -33.41 21.77
CA VAL A 1518 32.11 -32.73 21.07
C VAL A 1518 30.95 -32.44 22.02
N THR A 1519 30.67 -33.39 22.91
CA THR A 1519 29.53 -33.25 23.82
C THR A 1519 29.65 -32.01 24.68
N ARG A 1520 30.87 -31.57 24.99
CA ARG A 1520 31.05 -30.45 25.90
C ARG A 1520 30.47 -29.18 25.31
N GLN A 1521 30.16 -28.23 26.19
CA GLN A 1521 29.57 -26.95 25.79
C GLN A 1521 30.66 -25.99 25.29
N ALA A 1522 31.44 -26.49 24.35
CA ALA A 1522 32.47 -25.69 23.69
C ALA A 1522 32.33 -25.71 22.18
N PHE A 1523 31.95 -26.84 21.59
CA PHE A 1523 31.79 -26.90 20.14
C PHE A 1523 30.71 -25.94 19.66
N ASP A 1524 29.58 -25.88 20.38
CA ASP A 1524 28.50 -24.97 19.99
C ASP A 1524 28.98 -23.54 19.96
N ILE A 1525 29.58 -23.08 21.06
CA ILE A 1525 29.99 -21.69 21.16
C ILE A 1525 31.10 -21.38 20.16
N THR A 1526 32.01 -22.33 19.94
CA THR A 1526 33.07 -22.09 18.97
C THR A 1526 32.51 -21.92 17.57
N ILE A 1527 31.59 -22.80 17.17
CA ILE A 1527 31.00 -22.67 15.84
C ILE A 1527 30.21 -21.37 15.75
N MET A 1528 29.55 -20.98 16.85
CA MET A 1528 28.75 -19.76 16.82
C MET A 1528 29.62 -18.52 16.64
N VAL A 1529 30.71 -18.44 17.42
CA VAL A 1529 31.64 -17.27 17.32
C VAL A 1529 32.37 -17.38 15.98
N LEU A 1530 32.46 -18.57 15.38
CA LEU A 1530 33.05 -18.74 14.03
C LEU A 1530 32.06 -18.21 13.02
N ILE A 1531 30.76 -18.40 13.26
CA ILE A 1531 29.70 -17.94 12.32
C ILE A 1531 29.57 -16.41 12.42
N CYS A 1532 29.81 -15.82 13.60
CA CYS A 1532 29.78 -14.38 13.80
C CYS A 1532 30.95 -13.71 13.10
N LEU A 1533 32.12 -14.34 13.14
CA LEU A 1533 33.34 -13.77 12.52
C LEU A 1533 33.32 -14.04 11.02
N ASN A 1534 32.39 -14.86 10.51
CA ASN A 1534 32.25 -15.06 9.04
C ASN A 1534 31.15 -14.11 8.59
N MET A 1535 30.38 -13.55 9.52
CA MET A 1535 29.38 -12.51 9.18
C MET A 1535 30.15 -11.19 9.08
N ILE A 1536 31.01 -10.88 10.08
CA ILE A 1536 31.73 -9.57 10.15
C ILE A 1536 32.96 -9.58 9.23
N THR A 1537 33.20 -10.64 8.46
CA THR A 1537 34.31 -10.70 7.48
C THR A 1537 33.74 -10.55 6.10
N MET A 1538 32.42 -10.75 5.97
CA MET A 1538 31.73 -10.58 4.67
C MET A 1538 30.84 -9.35 4.76
N MET A 1539 30.83 -8.65 5.90
CA MET A 1539 30.04 -7.41 6.03
C MET A 1539 31.04 -6.27 5.83
N VAL A 1540 32.33 -6.47 6.13
CA VAL A 1540 33.35 -5.45 5.88
C VAL A 1540 33.60 -5.24 4.40
N GLU A 1541 32.99 -6.04 3.53
CA GLU A 1541 33.14 -5.84 2.09
C GLU A 1541 32.63 -4.46 1.68
N THR A 1542 33.17 -3.96 0.57
CA THR A 1542 32.73 -2.69 0.00
C THR A 1542 33.00 -2.71 -1.49
N ASP A 1543 32.21 -1.93 -2.23
CA ASP A 1543 32.33 -1.95 -3.69
C ASP A 1543 33.66 -1.37 -4.14
N ASP A 1544 34.11 -0.28 -3.51
CA ASP A 1544 35.35 0.38 -3.89
C ASP A 1544 36.55 -0.16 -3.12
N GLN A 1545 36.51 -1.41 -2.70
CA GLN A 1545 37.57 -1.99 -1.90
C GLN A 1545 38.83 -2.20 -2.73
N SER A 1546 39.99 -2.05 -2.07
CA SER A 1546 41.28 -2.24 -2.71
C SER A 1546 41.54 -3.71 -3.04
N GLU A 1547 42.43 -3.98 -3.99
CA GLU A 1547 42.73 -5.35 -4.35
C GLU A 1547 43.42 -6.12 -3.24
N GLU A 1548 44.25 -5.47 -2.43
CA GLU A 1548 44.82 -6.13 -1.26
C GLU A 1548 43.74 -6.54 -0.28
N LYS A 1549 42.76 -5.65 -0.03
CA LYS A 1549 41.64 -5.97 0.82
C LYS A 1549 40.86 -7.16 0.26
N THR A 1550 40.63 -7.15 -1.05
CA THR A 1550 39.96 -8.29 -1.69
C THR A 1550 40.73 -9.57 -1.46
N LYS A 1551 42.05 -9.51 -1.62
CA LYS A 1551 42.88 -10.72 -1.45
C LYS A 1551 42.72 -11.27 -0.03
N ILE A 1552 42.86 -10.41 0.98
CA ILE A 1552 42.85 -10.90 2.35
C ILE A 1552 41.49 -11.49 2.69
N LEU A 1553 40.41 -10.81 2.28
CA LEU A 1553 39.08 -11.32 2.62
C LEU A 1553 38.72 -12.57 1.83
N GLY A 1554 39.12 -12.65 0.56
CA GLY A 1554 38.88 -13.87 -0.19
C GLY A 1554 39.59 -15.07 0.42
N LYS A 1555 40.79 -14.85 0.97
CA LYS A 1555 41.48 -15.96 1.61
C LYS A 1555 40.88 -16.29 2.98
N ILE A 1556 40.39 -15.29 3.72
CA ILE A 1556 39.66 -15.61 4.94
C ILE A 1556 38.45 -16.47 4.62
N ASN A 1557 37.80 -16.21 3.48
CA ASN A 1557 36.68 -17.07 3.08
C ASN A 1557 37.11 -18.52 2.91
N GLN A 1558 38.24 -18.76 2.24
CA GLN A 1558 38.72 -20.13 2.08
C GLN A 1558 39.00 -20.76 3.43
N PHE A 1559 39.67 -20.02 4.32
CA PHE A 1559 39.94 -20.56 5.64
C PHE A 1559 38.66 -20.98 6.34
N PHE A 1560 37.64 -20.12 6.28
CA PHE A 1560 36.39 -20.42 6.98
C PHE A 1560 35.70 -21.63 6.38
N VAL A 1561 35.64 -21.74 5.06
CA VAL A 1561 34.94 -22.89 4.47
C VAL A 1561 35.67 -24.18 4.81
N ALA A 1562 37.01 -24.16 4.77
CA ALA A 1562 37.75 -25.35 5.14
C ALA A 1562 37.50 -25.72 6.59
N VAL A 1563 37.52 -24.72 7.49
CA VAL A 1563 37.31 -25.01 8.90
C VAL A 1563 35.93 -25.63 9.10
N PHE A 1564 34.91 -25.06 8.47
CA PHE A 1564 33.55 -25.56 8.69
C PHE A 1564 33.40 -26.97 8.13
N THR A 1565 33.92 -27.24 6.93
CA THR A 1565 33.79 -28.58 6.37
C THR A 1565 34.48 -29.60 7.26
N GLY A 1566 35.71 -29.31 7.71
CA GLY A 1566 36.42 -30.25 8.55
C GLY A 1566 35.73 -30.47 9.89
N GLU A 1567 35.21 -29.40 10.50
CA GLU A 1567 34.55 -29.49 11.83
C GLU A 1567 33.13 -30.06 11.66
N CYS A 1568 32.63 -30.19 10.44
CA CYS A 1568 31.30 -30.79 10.17
C CYS A 1568 31.48 -32.29 9.87
N VAL A 1569 32.66 -32.68 9.40
CA VAL A 1569 32.94 -34.11 9.04
C VAL A 1569 33.52 -34.80 10.28
N MET A 1570 34.14 -34.08 11.22
CA MET A 1570 34.56 -34.75 12.46
C MET A 1570 33.36 -35.11 13.32
N LYS A 1571 32.38 -34.21 13.44
CA LYS A 1571 31.17 -34.54 14.18
C LYS A 1571 30.40 -35.66 13.48
N MET A 1572 30.32 -35.61 12.15
CA MET A 1572 29.66 -36.68 11.41
C MET A 1572 30.26 -38.03 11.78
N PHE A 1573 31.58 -38.14 11.74
CA PHE A 1573 32.23 -39.39 12.09
C PHE A 1573 31.96 -39.75 13.55
N ALA A 1574 31.95 -38.75 14.44
CA ALA A 1574 31.61 -39.01 15.83
C ALA A 1574 30.19 -39.51 16.00
N LEU A 1575 29.37 -39.41 14.95
CA LEU A 1575 27.99 -39.96 15.02
C LEU A 1575 27.72 -40.92 13.85
N ARG A 1576 28.74 -41.69 13.44
CA ARG A 1576 28.57 -42.70 12.35
C ARG A 1576 28.09 -42.07 11.04
N GLN A 1577 27.08 -42.66 10.39
CA GLN A 1577 26.63 -42.15 9.07
C GLN A 1577 25.11 -42.33 8.94
N TYR A 1578 24.45 -42.75 10.03
CA TYR A 1578 23.00 -42.92 10.03
C TYR A 1578 22.33 -41.97 11.01
N TYR A 1579 22.86 -40.75 11.11
CA TYR A 1579 22.34 -39.73 12.02
C TYR A 1579 21.93 -38.48 11.25
N PHE A 1580 21.54 -38.63 9.99
CA PHE A 1580 21.00 -37.50 9.24
C PHE A 1580 19.72 -36.98 9.88
N THR A 1581 18.85 -37.89 10.32
CA THR A 1581 17.52 -37.54 10.82
C THR A 1581 17.51 -37.25 12.30
N ASN A 1582 18.67 -37.15 12.96
CA ASN A 1582 18.69 -36.89 14.38
C ASN A 1582 18.13 -35.51 14.71
N GLY A 1583 18.36 -34.53 13.85
CA GLY A 1583 17.85 -33.20 14.08
C GLY A 1583 18.16 -32.18 12.99
N TRP A 1584 18.54 -30.97 13.41
CA TRP A 1584 18.81 -29.86 12.51
C TRP A 1584 20.16 -29.96 11.82
N ASN A 1585 20.98 -30.96 12.18
CA ASN A 1585 22.31 -31.08 11.58
C ASN A 1585 22.25 -31.36 10.08
N VAL A 1586 21.11 -31.83 9.58
CA VAL A 1586 20.97 -32.00 8.14
C VAL A 1586 21.09 -30.66 7.43
N PHE A 1587 20.56 -29.61 8.05
CA PHE A 1587 20.71 -28.27 7.50
C PHE A 1587 22.18 -27.86 7.45
N ASP A 1588 22.93 -28.16 8.52
CA ASP A 1588 24.36 -27.85 8.54
C ASP A 1588 25.08 -28.59 7.41
N PHE A 1589 24.75 -29.86 7.22
CA PHE A 1589 25.37 -30.63 6.13
C PHE A 1589 25.02 -30.02 4.78
N ILE A 1590 23.76 -29.65 4.58
CA ILE A 1590 23.37 -29.07 3.30
C ILE A 1590 24.13 -27.79 3.04
N VAL A 1591 24.25 -26.92 4.05
CA VAL A 1591 24.90 -25.64 3.85
C VAL A 1591 26.40 -25.83 3.60
N VAL A 1592 27.03 -26.78 4.31
CA VAL A 1592 28.47 -26.94 4.11
C VAL A 1592 28.76 -27.50 2.72
N VAL A 1593 27.94 -28.46 2.27
CA VAL A 1593 28.15 -28.98 0.92
C VAL A 1593 27.88 -27.89 -0.11
N LEU A 1594 26.90 -27.02 0.16
CA LEU A 1594 26.63 -25.92 -0.75
C LEU A 1594 27.83 -24.97 -0.82
N SER A 1595 28.42 -24.66 0.33
CA SER A 1595 29.58 -23.77 0.34
C SER A 1595 30.74 -24.37 -0.42
N ILE A 1596 31.00 -25.67 -0.22
CA ILE A 1596 32.09 -26.32 -0.94
C ILE A 1596 31.81 -26.31 -2.44
N ALA A 1597 30.57 -26.59 -2.82
CA ALA A 1597 30.21 -26.55 -4.24
C ALA A 1597 30.43 -25.16 -4.82
N SER A 1598 30.06 -24.13 -4.06
CA SER A 1598 30.29 -22.76 -4.52
C SER A 1598 31.78 -22.48 -4.70
N LEU A 1599 32.60 -22.93 -3.75
CA LEU A 1599 34.04 -22.73 -3.87
C LEU A 1599 34.57 -23.35 -5.15
N ILE A 1600 34.22 -24.63 -5.38
CA ILE A 1600 34.76 -25.31 -6.55
C ILE A 1600 34.21 -24.68 -7.83
N PHE A 1601 32.95 -24.24 -7.82
CA PHE A 1601 32.38 -23.66 -9.03
C PHE A 1601 33.01 -22.31 -9.33
N SER A 1602 33.29 -21.51 -8.30
CA SER A 1602 34.00 -20.26 -8.52
C SER A 1602 35.39 -20.53 -9.06
N ALA A 1603 36.08 -21.53 -8.53
CA ALA A 1603 37.39 -21.88 -9.07
C ALA A 1603 37.29 -22.28 -10.53
N ILE A 1604 36.27 -23.06 -10.89
CA ILE A 1604 36.09 -23.49 -12.27
C ILE A 1604 35.85 -22.29 -13.17
N LEU A 1605 34.90 -21.44 -12.80
CA LEU A 1605 34.52 -20.32 -13.65
C LEU A 1605 35.68 -19.34 -13.81
N LYS A 1606 36.42 -19.07 -12.73
CA LYS A 1606 37.49 -18.09 -12.79
C LYS A 1606 38.55 -18.49 -13.81
N SER A 1607 38.74 -19.79 -14.03
CA SER A 1607 39.74 -20.30 -14.97
C SER A 1607 39.11 -20.98 -16.18
N LEU A 1608 38.28 -21.99 -15.95
CA LEU A 1608 37.67 -22.74 -17.04
C LEU A 1608 36.36 -22.08 -17.44
N GLN A 1609 36.26 -21.71 -18.72
CA GLN A 1609 35.06 -21.05 -19.25
C GLN A 1609 34.68 -19.84 -18.39
N SER A 1610 35.59 -18.88 -18.33
CA SER A 1610 35.37 -17.65 -17.60
C SER A 1610 34.65 -16.59 -18.43
N TYR A 1611 34.21 -16.95 -19.63
CA TYR A 1611 33.56 -16.00 -20.53
C TYR A 1611 32.08 -15.82 -20.25
N PHE A 1612 31.53 -16.54 -19.27
CA PHE A 1612 30.13 -16.36 -18.91
C PHE A 1612 29.90 -14.95 -18.37
N SER A 1613 28.63 -14.64 -18.08
CA SER A 1613 28.30 -13.33 -17.56
C SER A 1613 28.89 -13.16 -16.16
N PRO A 1614 29.32 -11.94 -15.79
CA PRO A 1614 29.87 -11.73 -14.44
C PRO A 1614 28.82 -11.69 -13.36
N THR A 1615 27.53 -11.62 -13.72
CA THR A 1615 26.48 -11.61 -12.70
C THR A 1615 26.43 -12.93 -11.95
N LEU A 1616 26.72 -14.04 -12.62
CA LEU A 1616 26.67 -15.34 -11.98
C LEU A 1616 27.63 -15.42 -10.81
N PHE A 1617 28.77 -14.72 -10.89
CA PHE A 1617 29.73 -14.75 -9.79
C PHE A 1617 29.10 -14.24 -8.51
N ARG A 1618 28.42 -13.10 -8.58
CA ARG A 1618 27.76 -12.55 -7.39
C ARG A 1618 26.53 -13.35 -7.01
N VAL A 1619 25.84 -13.94 -8.00
CA VAL A 1619 24.67 -14.76 -7.68
C VAL A 1619 25.07 -15.97 -6.85
N ILE A 1620 26.11 -16.68 -7.29
CA ILE A 1620 26.57 -17.87 -6.59
C ILE A 1620 27.24 -17.49 -5.28
N ARG A 1621 28.09 -16.47 -5.30
CA ARG A 1621 28.73 -16.01 -4.07
C ARG A 1621 27.75 -15.81 -2.94
N LEU A 1622 26.46 -15.67 -3.26
CA LEU A 1622 25.43 -15.52 -2.25
C LEU A 1622 25.18 -16.81 -1.49
N ALA A 1623 25.48 -17.96 -2.08
CA ALA A 1623 25.18 -19.25 -1.48
C ALA A 1623 25.88 -19.43 -0.13
N ARG A 1624 26.74 -18.48 0.22
CA ARG A 1624 27.38 -18.51 1.53
C ARG A 1624 26.49 -17.95 2.62
N ILE A 1625 25.29 -17.50 2.30
CA ILE A 1625 24.36 -16.99 3.30
C ILE A 1625 23.83 -18.09 4.21
N GLY A 1626 23.98 -19.36 3.81
CA GLY A 1626 23.58 -20.44 4.70
C GLY A 1626 24.33 -20.40 6.02
N ARG A 1627 25.60 -20.00 5.97
CA ARG A 1627 26.37 -19.88 7.20
C ARG A 1627 25.85 -18.75 8.07
N ILE A 1628 24.96 -17.92 7.54
CA ILE A 1628 24.23 -16.96 8.36
C ILE A 1628 22.94 -17.57 8.86
N LEU A 1629 22.22 -18.25 7.98
CA LEU A 1629 20.97 -18.90 8.38
C LEU A 1629 21.20 -19.93 9.48
N ARG A 1630 22.44 -20.40 9.65
CA ARG A 1630 22.74 -21.37 10.70
C ARG A 1630 22.55 -20.80 12.10
N LEU A 1631 22.56 -19.49 12.28
CA LEU A 1631 22.41 -18.93 13.61
C LEU A 1631 21.00 -19.08 14.16
N ILE A 1632 20.04 -19.48 13.34
CA ILE A 1632 18.65 -19.59 13.81
C ILE A 1632 18.58 -20.53 15.01
N ARG A 1633 19.16 -21.72 14.87
CA ARG A 1633 19.00 -22.75 15.90
C ARG A 1633 19.45 -22.27 17.27
N ALA A 1634 20.36 -21.31 17.31
CA ALA A 1634 20.79 -20.77 18.60
C ALA A 1634 19.78 -19.80 19.19
N ALA A 1635 19.05 -19.07 18.35
CA ALA A 1635 18.17 -18.01 18.81
C ALA A 1635 16.77 -18.58 19.09
N LYS A 1636 16.43 -18.70 20.37
CA LYS A 1636 15.15 -19.29 20.74
C LYS A 1636 13.99 -18.44 20.25
N GLY A 1637 14.07 -17.11 20.44
CA GLY A 1637 12.96 -16.26 20.04
C GLY A 1637 12.74 -16.28 18.54
N ILE A 1638 13.82 -16.12 17.77
CA ILE A 1638 13.69 -16.16 16.32
C ILE A 1638 13.19 -17.52 15.88
N ARG A 1639 13.64 -18.58 16.53
CA ARG A 1639 13.18 -19.91 16.17
C ARG A 1639 11.67 -20.04 16.40
N THR A 1640 11.18 -19.53 17.53
CA THR A 1640 9.76 -19.60 17.82
C THR A 1640 8.95 -18.82 16.79
N LEU A 1641 9.40 -17.62 16.44
CA LEU A 1641 8.67 -16.81 15.48
C LEU A 1641 8.67 -17.46 14.10
N LEU A 1642 9.80 -18.04 13.70
CA LEU A 1642 9.84 -18.75 12.44
C LEU A 1642 8.93 -19.96 12.46
N PHE A 1643 8.84 -20.63 13.61
CA PHE A 1643 7.90 -21.74 13.74
C PHE A 1643 6.47 -21.26 13.58
N ALA A 1644 6.16 -20.08 14.13
CA ALA A 1644 4.83 -19.50 13.95
C ALA A 1644 4.53 -19.26 12.48
N LEU A 1645 5.52 -18.73 11.75
CA LEU A 1645 5.36 -18.61 10.30
C LEU A 1645 5.10 -19.96 9.65
N MET A 1646 5.85 -20.98 10.06
CA MET A 1646 5.66 -22.31 9.50
C MET A 1646 4.23 -22.78 9.71
N MET A 1647 3.70 -22.57 10.91
CA MET A 1647 2.33 -22.98 11.21
C MET A 1647 1.33 -22.21 10.37
N SER A 1648 1.54 -20.90 10.22
CA SER A 1648 0.60 -20.08 9.46
C SER A 1648 0.71 -20.29 7.96
N LEU A 1649 1.75 -20.96 7.50
CA LEU A 1649 2.01 -21.04 6.07
C LEU A 1649 0.83 -21.49 5.21
N PRO A 1650 0.02 -22.48 5.59
CA PRO A 1650 -1.09 -22.87 4.70
C PRO A 1650 -2.16 -21.81 4.53
N ALA A 1651 -2.59 -21.18 5.63
CA ALA A 1651 -3.60 -20.12 5.52
C ALA A 1651 -3.05 -18.96 4.70
N LEU A 1652 -1.82 -18.55 4.97
CA LEU A 1652 -1.20 -17.50 4.17
C LEU A 1652 -1.07 -17.94 2.72
N PHE A 1653 -0.89 -19.23 2.47
CA PHE A 1653 -0.85 -19.70 1.09
C PHE A 1653 -2.21 -19.52 0.42
N ASN A 1654 -3.30 -19.82 1.13
CA ASN A 1654 -4.62 -19.62 0.55
C ASN A 1654 -4.85 -18.15 0.25
N ILE A 1655 -4.55 -17.29 1.22
CA ILE A 1655 -4.78 -15.86 1.03
C ILE A 1655 -3.91 -15.32 -0.09
N GLY A 1656 -2.66 -15.78 -0.17
CA GLY A 1656 -1.79 -15.35 -1.24
C GLY A 1656 -2.26 -15.84 -2.60
N LEU A 1657 -2.83 -17.04 -2.65
CA LEU A 1657 -3.43 -17.52 -3.88
C LEU A 1657 -4.54 -16.58 -4.32
N LEU A 1658 -5.42 -16.21 -3.39
CA LEU A 1658 -6.50 -15.29 -3.74
C LEU A 1658 -5.96 -13.95 -4.19
N LEU A 1659 -4.96 -13.43 -3.47
CA LEU A 1659 -4.39 -12.12 -3.79
C LEU A 1659 -3.73 -12.13 -5.14
N PHE A 1660 -2.96 -13.17 -5.45
CA PHE A 1660 -2.38 -13.28 -6.79
C PHE A 1660 -3.47 -13.42 -7.84
N LEU A 1661 -4.59 -14.05 -7.50
CA LEU A 1661 -5.66 -14.17 -8.47
C LEU A 1661 -6.24 -12.79 -8.80
N VAL A 1662 -6.57 -12.00 -7.77
CA VAL A 1662 -7.11 -10.66 -8.02
C VAL A 1662 -6.08 -9.78 -8.72
N MET A 1663 -4.81 -9.94 -8.36
CA MET A 1663 -3.74 -9.24 -9.06
C MET A 1663 -3.72 -9.63 -10.52
N PHE A 1664 -3.95 -10.90 -10.83
CA PHE A 1664 -4.06 -11.31 -12.23
C PHE A 1664 -5.25 -10.64 -12.91
N ILE A 1665 -6.40 -10.61 -12.24
CA ILE A 1665 -7.60 -10.03 -12.86
C ILE A 1665 -7.31 -8.59 -13.25
N TYR A 1666 -6.83 -7.80 -12.29
CA TYR A 1666 -6.60 -6.40 -12.59
C TYR A 1666 -5.40 -6.21 -13.51
N SER A 1667 -4.47 -7.17 -13.55
CA SER A 1667 -3.39 -7.12 -14.52
C SER A 1667 -3.94 -7.19 -15.93
N ILE A 1668 -4.88 -8.10 -16.16
CA ILE A 1668 -5.46 -8.18 -17.49
C ILE A 1668 -6.29 -6.94 -17.78
N PHE A 1669 -7.01 -6.43 -16.77
CA PHE A 1669 -7.77 -5.20 -16.98
C PHE A 1669 -6.85 -4.07 -17.44
N GLY A 1670 -5.78 -3.82 -16.68
CA GLY A 1670 -4.87 -2.75 -17.04
C GLY A 1670 -4.20 -2.98 -18.38
N MET A 1671 -3.74 -4.21 -18.63
CA MET A 1671 -3.11 -4.52 -19.90
C MET A 1671 -4.03 -4.19 -21.06
N SER A 1672 -5.33 -4.44 -20.90
CA SER A 1672 -6.28 -4.11 -21.96
C SER A 1672 -6.58 -2.62 -22.01
N SER A 1673 -6.54 -1.93 -20.88
CA SER A 1673 -7.01 -0.55 -20.83
C SER A 1673 -5.94 0.48 -21.18
N PHE A 1674 -4.75 0.37 -20.62
CA PHE A 1674 -3.76 1.45 -20.74
C PHE A 1674 -2.49 1.01 -21.47
N PRO A 1675 -2.59 0.42 -22.66
CA PRO A 1675 -1.37 0.16 -23.45
C PRO A 1675 -0.91 1.36 -24.27
N HIS A 1676 -1.66 2.46 -24.27
CA HIS A 1676 -1.25 3.70 -24.93
C HIS A 1676 -1.46 4.84 -23.96
N VAL A 1677 -0.39 5.33 -23.34
CA VAL A 1677 -0.48 6.43 -22.40
C VAL A 1677 0.85 7.17 -22.41
N ARG A 1678 0.79 8.46 -22.11
CA ARG A 1678 2.00 9.27 -22.02
C ARG A 1678 2.80 8.87 -20.79
N TRP A 1679 4.09 8.60 -20.99
CA TRP A 1679 4.96 8.15 -19.91
C TRP A 1679 5.33 9.31 -18.99
N GLU A 1680 4.32 9.82 -18.29
CA GLU A 1680 4.55 10.84 -17.29
C GLU A 1680 5.01 10.20 -15.99
N ALA A 1681 5.41 11.04 -15.04
CA ALA A 1681 5.95 10.56 -13.76
C ALA A 1681 5.07 9.46 -13.20
N GLY A 1682 5.64 8.26 -13.10
CA GLY A 1682 4.91 7.10 -12.62
C GLY A 1682 4.94 5.97 -13.63
N ILE A 1683 4.81 6.32 -14.90
CA ILE A 1683 4.84 5.35 -16.00
C ILE A 1683 5.98 5.73 -16.92
N ASP A 1684 6.86 4.76 -17.19
CA ASP A 1684 7.98 4.95 -18.10
C ASP A 1684 8.08 3.69 -18.95
N ASP A 1685 9.20 3.53 -19.68
CA ASP A 1685 9.35 2.38 -20.54
C ASP A 1685 9.26 1.08 -19.76
N MET A 1686 9.93 1.00 -18.61
CA MET A 1686 9.94 -0.21 -17.79
C MET A 1686 8.61 -0.48 -17.09
N PHE A 1687 8.02 0.52 -16.43
CA PHE A 1687 6.87 0.31 -15.56
C PHE A 1687 5.58 0.71 -16.26
N ASN A 1688 5.49 0.51 -17.57
CA ASN A 1688 4.26 0.79 -18.28
C ASN A 1688 3.32 -0.40 -18.10
N PHE A 1689 2.24 -0.45 -18.87
CA PHE A 1689 1.31 -1.56 -18.85
C PHE A 1689 1.36 -2.39 -20.12
N GLN A 1690 2.35 -2.16 -20.98
CA GLN A 1690 2.36 -2.81 -22.29
C GLN A 1690 2.63 -4.31 -22.16
N THR A 1691 3.65 -4.68 -21.40
CA THR A 1691 4.01 -6.08 -21.26
C THR A 1691 3.34 -6.68 -20.02
N PHE A 1692 3.15 -8.00 -20.05
CA PHE A 1692 2.55 -8.68 -18.91
C PHE A 1692 3.43 -8.54 -17.68
N ALA A 1693 4.74 -8.73 -17.83
CA ALA A 1693 5.64 -8.61 -16.69
C ALA A 1693 5.65 -7.19 -16.15
N ASN A 1694 5.65 -6.20 -17.05
CA ASN A 1694 5.63 -4.78 -16.59
C ASN A 1694 4.35 -4.57 -15.80
N SER A 1695 3.20 -4.90 -16.40
CA SER A 1695 1.93 -4.67 -15.71
C SER A 1695 1.93 -5.36 -14.36
N MET A 1696 2.49 -6.56 -14.29
CA MET A 1696 2.61 -7.27 -13.01
C MET A 1696 3.49 -6.51 -12.04
N LEU A 1697 4.59 -5.93 -12.51
CA LEU A 1697 5.44 -5.12 -11.65
C LEU A 1697 4.65 -3.94 -11.08
N CYS A 1698 3.92 -3.24 -11.95
CA CYS A 1698 3.17 -2.08 -11.50
C CYS A 1698 2.09 -2.46 -10.51
N LEU A 1699 1.37 -3.55 -10.79
CA LEU A 1699 0.29 -3.96 -9.90
C LEU A 1699 0.83 -4.42 -8.57
N PHE A 1700 1.95 -5.15 -8.57
CA PHE A 1700 2.57 -5.48 -7.30
C PHE A 1700 2.97 -4.21 -6.56
N GLN A 1701 3.44 -3.20 -7.30
CA GLN A 1701 3.83 -1.95 -6.66
C GLN A 1701 2.65 -1.32 -5.94
N ILE A 1702 1.50 -1.24 -6.62
CA ILE A 1702 0.35 -0.56 -6.03
C ILE A 1702 -0.37 -1.43 -5.01
N THR A 1703 -0.16 -2.74 -5.03
CA THR A 1703 -0.76 -3.61 -4.03
C THR A 1703 -0.42 -3.15 -2.63
N THR A 1704 0.76 -2.57 -2.46
CA THR A 1704 1.14 -1.93 -1.21
C THR A 1704 0.64 -0.50 -1.11
N SER A 1705 -0.05 -0.01 -2.14
CA SER A 1705 -0.55 1.36 -2.20
C SER A 1705 0.57 2.37 -2.35
N ALA A 1706 1.61 2.05 -3.10
CA ALA A 1706 2.75 2.93 -3.30
C ALA A 1706 2.80 3.34 -4.76
N GLY A 1707 2.81 4.65 -5.00
CA GLY A 1707 2.93 5.15 -6.37
C GLY A 1707 1.69 4.96 -7.20
N TRP A 1708 0.57 4.60 -6.57
CA TRP A 1708 -0.66 4.49 -7.35
C TRP A 1708 -1.09 5.85 -7.89
N ASP A 1709 -0.84 6.92 -7.13
CA ASP A 1709 -1.10 8.25 -7.65
C ASP A 1709 -0.25 8.53 -8.87
N GLY A 1710 1.03 8.16 -8.81
CA GLY A 1710 1.90 8.38 -9.95
C GLY A 1710 1.43 7.63 -11.18
N LEU A 1711 0.98 6.39 -10.99
CA LEU A 1711 0.42 5.63 -12.10
C LEU A 1711 -0.92 6.20 -12.56
N LEU A 1712 -1.63 6.91 -11.68
CA LEU A 1712 -2.93 7.46 -12.03
C LEU A 1712 -2.82 8.76 -12.81
N SER A 1713 -1.81 9.58 -12.50
CA SER A 1713 -1.71 10.89 -13.13
C SER A 1713 -1.68 10.81 -14.65
N PRO A 1714 -0.86 9.97 -15.28
CA PRO A 1714 -0.88 9.89 -16.75
C PRO A 1714 -2.19 9.37 -17.31
N ILE A 1715 -3.14 8.99 -16.46
CA ILE A 1715 -4.44 8.55 -16.95
C ILE A 1715 -5.47 9.68 -16.87
N LEU A 1716 -5.26 10.65 -15.97
CA LEU A 1716 -6.14 11.81 -15.90
C LEU A 1716 -5.84 12.84 -16.99
N ASN A 1717 -4.81 12.61 -17.81
CA ASN A 1717 -4.47 13.55 -18.86
C ASN A 1717 -5.67 13.78 -19.77
N THR A 1718 -5.93 15.04 -20.09
CA THR A 1718 -7.04 15.42 -20.94
C THR A 1718 -6.57 16.43 -21.96
N GLY A 1719 -6.53 16.03 -23.23
CA GLY A 1719 -6.16 16.92 -24.31
C GLY A 1719 -4.79 17.53 -24.10
N PRO A 1720 -4.35 18.35 -25.05
CA PRO A 1720 -3.07 19.03 -24.89
C PRO A 1720 -3.12 20.02 -23.76
N PRO A 1721 -1.97 20.41 -23.19
CA PRO A 1721 -0.61 20.05 -23.59
C PRO A 1721 -0.16 18.72 -23.00
N TYR A 1722 -0.79 18.29 -21.91
CA TYR A 1722 -0.30 17.13 -21.18
C TYR A 1722 -0.22 15.91 -22.09
N CYS A 1723 -1.31 15.56 -22.74
CA CYS A 1723 -1.35 14.48 -23.71
C CYS A 1723 -1.42 15.06 -25.12
N ASP A 1724 -1.50 14.18 -26.10
CA ASP A 1724 -1.52 14.57 -27.50
C ASP A 1724 -2.63 13.79 -28.19
N PRO A 1725 -3.89 14.17 -27.95
CA PRO A 1725 -5.00 13.41 -28.55
C PRO A 1725 -4.96 13.40 -30.06
N ASN A 1726 -4.06 14.16 -30.69
CA ASN A 1726 -3.89 14.14 -32.13
C ASN A 1726 -2.97 13.02 -32.60
N LEU A 1727 -2.33 12.30 -31.68
CA LEU A 1727 -1.35 11.30 -32.08
C LEU A 1727 -2.04 10.21 -32.90
N PRO A 1728 -1.38 9.71 -33.96
CA PRO A 1728 -2.04 8.68 -34.79
C PRO A 1728 -2.42 7.43 -34.01
N ASN A 1729 -1.62 7.03 -33.04
CA ASN A 1729 -1.87 5.80 -32.30
C ASN A 1729 -3.05 5.98 -31.35
N SER A 1730 -3.47 4.89 -30.73
CA SER A 1730 -4.58 4.89 -29.77
C SER A 1730 -5.85 5.43 -30.41
N ASN A 1731 -6.31 4.70 -31.43
CA ASN A 1731 -7.53 5.10 -32.12
C ASN A 1731 -8.73 5.14 -31.18
N GLY A 1732 -8.68 4.36 -30.09
CA GLY A 1732 -9.78 4.38 -29.14
C GLY A 1732 -10.01 5.75 -28.53
N THR A 1733 -8.93 6.41 -28.11
CA THR A 1733 -9.01 7.74 -27.51
C THR A 1733 -8.41 8.82 -28.42
N ARG A 1734 -8.13 8.50 -29.68
CA ARG A 1734 -7.54 9.41 -30.66
C ARG A 1734 -6.07 9.67 -30.41
N GLY A 1735 -5.51 9.17 -29.32
CA GLY A 1735 -4.12 9.43 -29.02
C GLY A 1735 -3.78 8.97 -27.62
N ASP A 1736 -2.54 9.24 -27.23
CA ASP A 1736 -2.02 8.79 -25.93
C ASP A 1736 -2.57 9.67 -24.81
N CYS A 1737 -3.89 9.64 -24.68
CA CYS A 1737 -4.60 10.36 -23.62
C CYS A 1737 -5.41 9.35 -22.80
N GLY A 1738 -5.48 9.59 -21.49
CA GLY A 1738 -6.12 8.66 -20.59
C GLY A 1738 -7.63 8.72 -20.64
N SER A 1739 -8.24 7.81 -19.87
CA SER A 1739 -9.69 7.72 -19.74
C SER A 1739 -10.01 7.72 -18.25
N PRO A 1740 -10.10 8.89 -17.63
CA PRO A 1740 -10.27 8.92 -16.16
C PRO A 1740 -11.50 8.18 -15.67
N ALA A 1741 -12.56 8.12 -16.47
CA ALA A 1741 -13.78 7.42 -16.06
C ALA A 1741 -13.47 6.02 -15.57
N VAL A 1742 -12.69 5.26 -16.34
CA VAL A 1742 -12.29 3.92 -15.92
C VAL A 1742 -11.03 3.95 -15.07
N GLY A 1743 -10.17 4.94 -15.28
CA GLY A 1743 -8.91 4.99 -14.56
C GLY A 1743 -9.04 5.26 -13.09
N ILE A 1744 -10.12 5.88 -12.66
CA ILE A 1744 -10.33 6.10 -11.23
C ILE A 1744 -10.96 4.88 -10.59
N ILE A 1745 -11.94 4.28 -11.26
CA ILE A 1745 -12.55 3.05 -10.74
C ILE A 1745 -11.50 1.97 -10.58
N PHE A 1746 -10.66 1.78 -11.60
CA PHE A 1746 -9.65 0.73 -11.58
C PHE A 1746 -8.77 0.84 -10.35
N PHE A 1747 -8.17 2.01 -10.13
CA PHE A 1747 -7.21 2.15 -9.05
C PHE A 1747 -7.86 2.24 -7.69
N THR A 1748 -9.01 2.90 -7.57
CA THR A 1748 -9.73 2.89 -6.31
C THR A 1748 -10.15 1.50 -5.88
N THR A 1749 -10.74 0.72 -6.78
CA THR A 1749 -11.08 -0.66 -6.47
C THR A 1749 -9.86 -1.49 -6.13
N TYR A 1750 -8.74 -1.28 -6.82
CA TYR A 1750 -7.50 -2.04 -6.56
C TYR A 1750 -7.01 -1.73 -5.16
N ILE A 1751 -6.94 -0.46 -4.76
CA ILE A 1751 -6.38 -0.11 -3.47
C ILE A 1751 -7.35 -0.36 -2.34
N ILE A 1752 -8.62 -0.64 -2.64
CA ILE A 1752 -9.55 -1.07 -1.59
C ILE A 1752 -9.53 -2.58 -1.42
N ILE A 1753 -9.64 -3.33 -2.53
CA ILE A 1753 -9.65 -4.78 -2.47
C ILE A 1753 -8.37 -5.29 -1.83
N SER A 1754 -7.22 -4.77 -2.28
CA SER A 1754 -5.95 -5.20 -1.71
C SER A 1754 -5.88 -4.88 -0.23
N PHE A 1755 -6.40 -3.73 0.19
CA PHE A 1755 -6.40 -3.42 1.60
C PHE A 1755 -7.19 -4.48 2.38
N LEU A 1756 -8.35 -4.86 1.85
CA LEU A 1756 -9.14 -5.90 2.51
C LEU A 1756 -8.34 -7.20 2.64
N ILE A 1757 -7.78 -7.66 1.52
CA ILE A 1757 -7.08 -8.94 1.52
C ILE A 1757 -5.92 -8.91 2.52
N VAL A 1758 -5.12 -7.83 2.48
CA VAL A 1758 -3.94 -7.79 3.32
C VAL A 1758 -4.31 -7.61 4.79
N VAL A 1759 -5.47 -6.99 5.05
CA VAL A 1759 -5.92 -6.81 6.46
C VAL A 1759 -6.45 -8.17 6.95
N ASN A 1760 -6.83 -9.09 6.06
CA ASN A 1760 -7.26 -10.47 6.47
C ASN A 1760 -6.02 -11.35 6.54
N MET A 1761 -4.91 -10.89 5.96
CA MET A 1761 -3.63 -11.64 6.02
C MET A 1761 -2.97 -11.25 7.33
N TYR A 1762 -3.14 -10.02 7.81
CA TYR A 1762 -2.62 -9.62 9.10
C TYR A 1762 -3.40 -10.28 10.22
N ILE A 1763 -4.72 -10.37 10.08
CA ILE A 1763 -5.54 -11.02 11.10
C ILE A 1763 -5.14 -12.48 11.24
N ALA A 1764 -4.93 -13.17 10.11
CA ALA A 1764 -4.55 -14.58 10.16
C ALA A 1764 -3.22 -14.76 10.87
N VAL A 1765 -2.23 -13.95 10.50
CA VAL A 1765 -0.92 -14.06 11.15
C VAL A 1765 -1.04 -13.76 12.64
N ILE A 1766 -1.85 -12.76 13.00
CA ILE A 1766 -1.95 -12.35 14.40
C ILE A 1766 -2.61 -13.44 15.22
N LEU A 1767 -3.68 -14.05 14.69
CA LEU A 1767 -4.35 -15.11 15.44
C LEU A 1767 -3.48 -16.34 15.52
N GLU A 1768 -2.65 -16.59 14.49
CA GLU A 1768 -1.72 -17.72 14.58
C GLU A 1768 -0.68 -17.49 15.66
N ASN A 1769 -0.12 -16.28 15.72
CA ASN A 1769 0.85 -15.96 16.76
C ASN A 1769 0.18 -15.85 18.13
N PHE A 1770 -1.15 -15.73 18.15
CA PHE A 1770 -1.86 -15.61 19.42
C PHE A 1770 -1.96 -16.97 20.11
N ASN A 1771 -1.97 -18.06 19.34
CA ASN A 1771 -2.09 -19.40 19.89
C ASN A 1771 -1.02 -19.66 20.95
C1 NAG B . 27.55 -1.50 -19.98
C2 NAG B . 28.61 -1.29 -18.91
C3 NAG B . 29.63 -0.27 -19.40
C4 NAG B . 30.25 -0.75 -20.71
C5 NAG B . 29.13 -0.97 -21.72
C6 NAG B . 29.62 -1.53 -23.03
C7 NAG B . 27.92 -1.58 -16.59
C8 NAG B . 27.31 -0.93 -15.38
N2 NAG B . 28.01 -0.82 -17.68
O3 NAG B . 30.62 -0.11 -18.38
O4 NAG B . 31.19 0.19 -21.23
O5 NAG B . 28.17 -1.91 -21.19
O6 NAG B . 30.28 -2.79 -22.85
O7 NAG B . 28.33 -2.74 -16.57
C1 NAG B . 32.51 -0.01 -20.83
C2 NAG B . 33.54 0.45 -21.84
C3 NAG B . 34.93 -0.01 -21.39
C4 NAG B . 35.21 0.49 -19.97
C5 NAG B . 34.09 0.03 -19.04
C6 NAG B . 34.23 0.57 -17.64
C7 NAG B . 32.88 0.70 -24.18
C8 NAG B . 32.48 -0.02 -25.44
N2 NAG B . 33.26 -0.07 -23.17
O3 NAG B . 35.89 0.47 -22.31
O4 NAG B . 36.43 -0.08 -19.48
O5 NAG B . 32.80 0.45 -19.52
O6 NAG B . 34.16 2.00 -17.63
O7 NAG B . 32.85 1.92 -24.10
C1 BMA B . 37.65 0.54 -19.69
C2 BMA B . 38.70 -0.29 -18.98
C3 BMA B . 40.07 0.31 -19.15
C4 BMA B . 40.38 0.48 -20.62
C5 BMA B . 39.28 1.30 -21.30
C6 BMA B . 39.46 1.42 -22.79
O2 BMA B . 38.66 -1.64 -19.47
O3 BMA B . 41.05 -0.53 -18.53
O4 BMA B . 41.63 1.14 -20.79
O5 BMA B . 37.99 0.69 -21.07
O6 BMA B . 38.47 2.27 -23.36
C1 NAG C . 25.28 24.41 -1.36
C2 NAG C . 26.32 23.91 -0.37
C3 NAG C . 27.51 24.85 -0.36
C4 NAG C . 28.09 24.97 -1.77
C5 NAG C . 26.98 25.44 -2.72
C6 NAG C . 27.43 25.48 -4.16
C7 NAG C . 25.63 22.58 1.55
C8 NAG C . 25.30 22.59 3.01
N2 NAG C . 25.79 23.77 0.98
O3 NAG C . 28.49 24.37 0.55
O4 NAG C . 29.15 25.91 -1.79
O5 NAG C . 25.87 24.53 -2.66
O6 NAG C . 27.84 24.19 -4.59
O7 NAG C . 25.76 21.53 0.92
C1 NAG C . 30.45 25.42 -1.86
C2 NAG C . 31.40 26.61 -1.83
C3 NAG C . 32.84 26.12 -1.86
C4 NAG C . 33.08 25.15 -0.71
C5 NAG C . 32.06 24.01 -0.79
C6 NAG C . 32.16 23.05 0.37
C7 NAG C . 30.59 28.72 -2.74
C8 NAG C . 30.31 29.51 -3.99
N2 NAG C . 31.13 27.51 -2.92
O3 NAG C . 33.69 27.26 -1.79
O4 NAG C . 34.38 24.56 -0.77
O5 NAG C . 30.72 24.53 -0.80
O6 NAG C . 31.91 23.72 1.60
O7 NAG C . 30.33 29.16 -1.62
C1 BMA C . 35.52 25.27 -0.37
C2 BMA C . 36.64 24.29 -0.13
C3 BMA C . 37.90 25.02 0.28
C4 BMA C . 38.26 26.06 -0.75
C5 BMA C . 37.08 27.00 -0.97
C6 BMA C . 37.31 27.99 -2.09
O2 BMA C . 36.86 23.51 -1.31
O3 BMA C . 38.97 24.08 0.42
O4 BMA C . 39.38 26.82 -0.33
O5 BMA C . 35.90 26.25 -1.33
O6 BMA C . 36.15 28.77 -2.34
C1 NAG D . 8.85 30.03 -21.54
C2 NAG D . 9.80 31.15 -21.14
C3 NAG D . 10.43 31.76 -22.39
C4 NAG D . 11.12 30.67 -23.20
C5 NAG D . 10.11 29.59 -23.54
C6 NAG D . 10.72 28.40 -24.26
C7 NAG D . 9.40 32.37 -19.06
C8 NAG D . 8.85 33.64 -18.47
N2 NAG D . 9.15 32.18 -20.35
O3 NAG D . 11.35 32.78 -22.01
O4 NAG D . 11.66 31.25 -24.39
O5 NAG D . 9.53 29.06 -22.33
O6 NAG D . 11.69 27.75 -23.44
O7 NAG D . 10.01 31.56 -18.38
C1 NAG D . 12.88 30.75 -24.83
C2 NAG D . 13.31 31.48 -26.11
C3 NAG D . 14.68 30.98 -26.54
C4 NAG D . 15.68 31.13 -25.41
C5 NAG D . 15.16 30.41 -24.16
C6 NAG D . 16.04 30.62 -22.95
C7 NAG D . 11.56 32.30 -27.61
C8 NAG D . 10.71 31.98 -28.79
N2 NAG D . 12.34 31.31 -27.16
O3 NAG D . 15.10 31.69 -27.70
O4 NAG D . 16.92 30.56 -25.79
O5 NAG D . 13.86 30.91 -23.81
O6 NAG D . 15.54 29.94 -21.82
O7 NAG D . 11.55 33.40 -27.07
C1 NAG E . -4.31 40.64 -14.35
C2 NAG E . -5.37 41.66 -14.76
C3 NAG E . -4.68 42.87 -15.36
C4 NAG E . -3.70 43.45 -14.37
C5 NAG E . -2.70 42.36 -13.98
C6 NAG E . -1.72 42.81 -12.91
C7 NAG E . -7.64 41.00 -15.34
C8 NAG E . -8.62 40.82 -16.46
N2 NAG E . -6.37 41.15 -15.69
O3 NAG E . -5.67 43.83 -15.74
O4 NAG E . -2.96 44.53 -14.96
O5 NAG E . -3.39 41.22 -13.44
O6 NAG E . -2.41 43.18 -11.72
O7 NAG E . -8.00 41.03 -14.17
C1 NAG E . -3.37 45.84 -14.76
C2 NAG E . -2.40 46.73 -15.53
C3 NAG E . -2.82 48.18 -15.38
C4 NAG E . -4.25 48.37 -15.84
C5 NAG E . -5.15 47.42 -15.05
C6 NAG E . -6.59 47.45 -15.53
C7 NAG E . -0.12 45.97 -15.87
C8 NAG E . 1.27 45.86 -15.28
N2 NAG E . -1.03 46.55 -15.10
O3 NAG E . -1.92 49.00 -16.13
O4 NAG E . -4.68 49.70 -15.60
O5 NAG E . -4.70 46.06 -15.21
O6 NAG E . -6.68 47.06 -16.89
O7 NAG E . -0.38 45.55 -16.99
C1 BMA E . -4.64 50.62 -16.64
C2 BMA E . -5.00 51.99 -16.10
C3 BMA E . -4.94 53.02 -17.20
C4 BMA E . -3.57 53.00 -17.85
C5 BMA E . -3.25 51.60 -18.36
C6 BMA E . -1.84 51.46 -18.89
O2 BMA E . -4.13 52.33 -15.02
O3 BMA E . -5.20 54.32 -16.65
O4 BMA E . -3.54 53.89 -18.96
O5 BMA E . -3.36 50.65 -17.27
O6 BMA E . -1.56 50.11 -19.26
C1 NAG F . -1.10 29.96 -26.22
C2 NAG F . -2.49 29.48 -25.80
C3 NAG F . -2.65 27.99 -26.11
C4 NAG F . -2.39 27.75 -27.59
C5 NAG F . -1.00 28.28 -27.94
C6 NAG F . -0.70 28.17 -29.42
C7 NAG F . -3.56 30.63 -23.93
C8 NAG F . -4.14 30.40 -22.56
N2 NAG F . -2.74 29.70 -24.39
O3 NAG F . -3.95 27.59 -25.74
O4 NAG F . -2.42 26.36 -27.91
O5 NAG F . -0.90 29.68 -27.60
O6 NAG F . -1.66 28.88 -30.18
O7 NAG F . -3.82 31.65 -24.57
C1 NAG F . -3.65 25.74 -28.13
C2 NAG F . -3.36 24.60 -29.11
C3 NAG F . -4.65 23.83 -29.38
C4 NAG F . -5.27 23.36 -28.08
C5 NAG F . -5.47 24.56 -27.15
C6 NAG F . -5.98 24.15 -25.79
C7 NAG F . -1.51 24.88 -30.68
C8 NAG F . -1.10 25.36 -32.03
N2 NAG F . -2.79 25.09 -30.34
O3 NAG F . -4.33 22.76 -30.25
O4 NAG F . -6.54 22.75 -28.30
O5 NAG F . -4.23 25.26 -26.94
O6 NAG F . -5.03 23.30 -25.13
O7 NAG F . -0.74 24.31 -29.92
C1 BMA F . -6.64 21.45 -28.79
C2 BMA F . -8.05 20.93 -28.59
C3 BMA F . -8.15 19.51 -29.09
C4 BMA F . -7.70 19.42 -30.54
C5 BMA F . -6.28 19.99 -30.67
C6 BMA F . -5.82 20.07 -32.11
O2 BMA F . -8.97 21.77 -29.28
O3 BMA F . -9.50 19.05 -28.96
O4 BMA F . -7.70 18.07 -30.98
O5 BMA F . -6.25 21.34 -30.16
O6 BMA F . -4.48 20.57 -32.19
C1 CLR G . -5.39 -3.54 10.69
C2 CLR G . -4.81 -3.01 9.38
C3 CLR G . -3.71 -2.01 9.62
C4 CLR G . -2.63 -2.64 10.48
C5 CLR G . -3.19 -3.21 11.76
C6 CLR G . -2.75 -2.81 12.94
C7 CLR G . -3.12 -3.41 14.25
C8 CLR G . -3.91 -4.71 14.08
C9 CLR G . -4.98 -4.50 12.99
C10 CLR G . -4.34 -4.20 11.60
C11 CLR G . -6.01 -5.64 12.96
C12 CLR G . -6.63 -5.95 14.32
C13 CLR G . -5.53 -6.30 15.33
C14 CLR G . -4.59 -5.10 15.40
C15 CLR G . -3.71 -5.43 16.60
C16 CLR G . -4.75 -5.91 17.63
C17 CLR G . -5.99 -6.38 16.83
C18 CLR G . -4.82 -7.61 14.93
C19 CLR G . -3.79 -5.47 10.93
C20 CLR G . -6.55 -7.71 17.38
C21 CLR G . -7.70 -8.25 16.54
C22 CLR G . -6.99 -7.55 18.84
C23 CLR G . -7.30 -8.83 19.55
C24 CLR G . -7.29 -8.72 21.05
C25 CLR G . -5.93 -8.47 21.68
C26 CLR G . -5.74 -7.01 22.04
C27 CLR G . -5.72 -9.35 22.90
O1 CLR G . -3.15 -1.58 8.38
C1 CLR H . -27.69 2.02 7.92
C2 CLR H . -27.73 0.83 8.88
C3 CLR H . -28.23 1.25 10.24
C4 CLR H . -29.62 1.82 10.07
C5 CLR H . -29.63 3.00 9.15
C6 CLR H . -30.14 4.16 9.55
C7 CLR H . -30.11 5.43 8.76
C8 CLR H . -29.84 5.20 7.28
C9 CLR H . -28.71 4.16 7.10
C10 CLR H . -29.02 2.79 7.77
C11 CLR H . -28.30 4.05 5.62
C12 CLR H . -27.97 5.39 4.96
C13 CLR H . -29.09 6.42 5.13
C14 CLR H . -29.41 6.50 6.63
C15 CLR H . -30.31 7.73 6.77
C16 CLR H . -29.90 8.63 5.60
C17 CLR H . -28.71 7.92 4.91
C18 CLR H . -30.30 6.01 4.28
C19 CLR H . -30.01 1.95 6.95
C20 CLR H . -28.41 8.47 3.51
C21 CLR H . -27.07 7.99 2.97
C22 CLR H . -28.48 10.00 3.49
C23 CLR H . -27.62 10.70 4.51
C24 CLR H . -26.37 11.29 3.92
C25 CLR H . -26.40 12.80 3.69
C26 CLR H . -27.63 13.21 2.89
C27 CLR H . -26.34 13.55 5.01
O1 CLR H . -28.25 0.13 11.13
C1 CLR I . -21.77 23.62 24.19
C2 CLR I . -21.79 24.20 25.61
C3 CLR I . -21.98 23.12 26.63
C4 CLR I . -20.85 22.11 26.51
C5 CLR I . -20.72 21.56 25.11
C6 CLR I . -20.69 20.26 24.88
C7 CLR I . -20.26 19.63 23.58
C8 CLR I . -19.80 20.68 22.58
C9 CLR I . -20.81 21.85 22.64
C10 CLR I . -20.64 22.60 23.99
C11 CLR I . -20.82 22.78 21.41
C12 CLR I . -20.74 22.01 20.08
C13 CLR I . -19.50 21.13 20.05
C14 CLR I . -19.67 20.10 21.18
C15 CLR I . -18.55 19.08 20.93
C16 CLR I . -18.26 19.19 19.42
C17 CLR I . -19.37 20.12 18.87
C18 CLR I . -18.23 21.97 20.26
C19 CLR I . -19.28 23.32 24.09
C20 CLR I . -19.16 20.55 17.41
C21 CLR I . -18.88 19.35 16.50
C22 CLR I . -18.05 21.59 17.23
C23 CLR I . -18.50 23.03 17.30
C24 CLR I . -17.38 24.00 17.55
C25 CLR I . -17.73 25.36 18.17
C26 CLR I . -19.24 25.60 18.21
C27 CLR I . -17.16 25.48 19.57
O1 CLR I . -21.99 23.67 27.95
C1 CLR J . -29.11 -16.77 -4.57
C2 CLR J . -28.42 -18.12 -4.46
C3 CLR J . -27.78 -18.30 -3.09
C4 CLR J . -27.09 -17.03 -2.65
C5 CLR J . -26.88 -16.05 -3.78
C6 CLR J . -25.66 -15.68 -4.16
C7 CLR J . -25.34 -14.81 -5.32
C8 CLR J . -26.57 -14.14 -5.94
C9 CLR J . -27.77 -15.10 -5.92
C10 CLR J . -28.14 -15.57 -4.49
C11 CLR J . -28.97 -14.52 -6.69
C12 CLR J . -28.61 -14.06 -8.11
C13 CLR J . -27.46 -13.07 -8.12
C14 CLR J . -26.28 -13.74 -7.38
C15 CLR J . -25.07 -12.86 -7.68
C16 CLR J . -25.39 -12.25 -9.06
C17 CLR J . -26.76 -12.82 -9.49
C18 CLR J . -27.89 -11.74 -7.47
C19 CLR J . -28.76 -14.45 -3.64
C20 CLR J . -27.48 -12.00 -10.57
C21 CLR J . -28.51 -12.83 -11.33
C22 CLR J . -26.46 -11.36 -11.53
C23 CLR J . -27.02 -10.89 -12.86
C24 CLR J . -26.08 -10.00 -13.61
C25 CLR J . -26.54 -9.58 -15.00
C26 CLR J . -25.65 -8.47 -15.55
C27 CLR J . -26.57 -10.75 -15.95
O1 CLR J . -28.78 -18.65 -2.13
C1 CLR K . 32.34 -2.52 7.38
C2 CLR K . 32.45 -1.82 6.03
C3 CLR K . 31.09 -1.41 5.52
C4 CLR K . 30.46 -0.48 6.53
C5 CLR K . 30.35 -1.12 7.91
C6 CLR K . 29.18 -1.16 8.55
C7 CLR K . 28.99 -1.64 9.96
C8 CLR K . 30.28 -2.08 10.64
C9 CLR K . 31.26 -2.69 9.63
C10 CLR K . 31.62 -1.72 8.48
C11 CLR K . 32.48 -3.31 10.32
C12 CLR K . 32.11 -4.32 11.40
C13 CLR K . 31.19 -3.70 12.46
C14 CLR K . 29.97 -3.12 11.71
C15 CLR K . 28.99 -2.77 12.83
C16 CLR K . 29.27 -3.83 13.92
C17 CLR K . 30.43 -4.71 13.37
C18 CLR K . 31.94 -2.62 13.25
C19 CLR K . 32.52 -0.56 8.96
C20 CLR K . 31.16 -5.53 14.45
C21 CLR K . 30.30 -6.69 14.94
C22 CLR K . 31.61 -4.68 15.65
C23 CLR K . 32.46 -5.40 16.68
C24 CLR K . 33.92 -5.03 16.64
C25 CLR K . 34.76 -5.58 15.47
C26 CLR K . 34.44 -7.04 15.17
C27 CLR K . 34.61 -4.74 14.22
O1 CLR K . 31.23 -0.77 4.25
C1 PCW L . 13.95 -32.36 12.95
C2 PCW L . 13.56 -31.49 11.78
C3 PCW L . 12.99 -30.15 12.18
C4 PCW L . 13.65 -35.55 14.44
C5 PCW L . 13.14 -36.88 14.93
C6 PCW L . 15.09 -37.22 16.38
C7 PCW L . 13.00 -36.48 17.35
C8 PCW L . 13.22 -38.74 16.52
C11 PCW L . 11.49 -29.49 10.49
C12 PCW L . 10.73 -28.20 10.65
C13 PCW L . 11.39 -27.02 10.01
C14 PCW L . 10.50 -25.81 9.96
C15 PCW L . 11.17 -24.55 9.51
C16 PCW L . 10.33 -23.30 9.74
C17 PCW L . 11.08 -22.00 9.53
C18 PCW L . 10.77 -21.34 8.23
C19 PCW L . 9.39 -20.76 8.18
C20 PCW L . 8.43 -21.14 7.36
C21 PCW L . 8.60 -22.01 6.15
C31 PCW L . 15.04 -32.14 10.02
C32 PCW L . 14.17 -31.99 8.80
C33 PCW L . 14.91 -31.50 7.60
C34 PCW L . 14.57 -30.06 7.25
C35 PCW L . 15.09 -29.04 8.23
C36 PCW L . 16.52 -28.61 7.97
C37 PCW L . 16.65 -27.62 6.81
C38 PCW L . 17.34 -28.18 5.60
C39 PCW L . 17.25 -27.26 4.42
C40 PCW L . 18.27 -26.70 3.82
C41 PCW L . 18.30 -25.30 3.31
C42 PCW L . 19.64 -24.90 2.75
C43 PCW L . 19.80 -23.41 2.56
C44 PCW L . 21.18 -23.01 2.10
C45 PCW L . 21.57 -21.60 2.49
C46 PCW L . 21.02 -20.54 1.59
C47 PCW L . 21.87 -20.29 0.38
C48 PCW L . 21.29 -19.30 -0.59
N PCW L . 13.61 -37.33 16.29
O2 PCW L . 14.75 -31.26 10.97
O3 PCW L . 12.72 -29.39 10.99
O11 PCW L . 11.05 -30.49 9.99
O31 PCW L . 15.88 -32.99 10.15
O1P PCW L . 10.91 -34.26 14.43
O2P PCW L . 11.33 -33.75 11.92
O3P PCW L . 12.77 -32.72 13.74
O4P PCW L . 12.93 -35.17 13.24
P PCW L . 11.86 -33.98 13.30
C1 LPE M . -3.38 7.98 8.95
O1 LPE M . -2.04 8.16 9.40
C2 LPE M . -3.42 6.79 8.00
O2H LPE M . -3.01 5.64 8.73
C3 LPE M . -4.78 6.55 7.40
C11 LPE M . -1.74 9.45 9.90
C12 LPE M . -2.23 9.58 11.32
O3 LPE M . -4.70 6.04 6.04
P LPE M . -4.05 4.60 5.76
O31 LPE M . -4.70 3.60 6.68
O32 LPE M . -2.55 4.73 5.74
O33 LPE M . -4.53 4.22 4.27
C31 LPE M . -5.94 4.07 3.98
C32 LPE M . -6.12 3.13 2.82
N LPE M . -7.53 2.93 2.29
C1N LPE M . -8.02 4.16 1.61
C2N LPE M . -7.54 1.82 1.31
C3N LPE M . -8.46 2.60 3.40
C13 LPE M . -1.70 10.80 12.00
C14 LPE M . -1.87 10.77 13.50
C15 LPE M . -3.29 10.95 13.98
C16 LPE M . -3.42 11.06 15.48
C17 LPE M . -4.80 11.44 15.95
C1 LPE N . 17.68 -12.91 -10.17
O1 LPE N . 17.75 -13.26 -8.80
C2 LPE N . 18.98 -13.24 -10.87
O2H LPE N . 19.34 -14.58 -10.56
C3 LPE N . 18.88 -13.08 -12.37
C11 LPE N . 16.49 -13.09 -8.17
C12 LPE N . 16.62 -13.37 -6.70
O3 LPE N . 19.85 -13.95 -13.05
P LPE N . 21.28 -13.38 -13.49
O31 LPE N . 21.94 -12.77 -12.29
O32 LPE N . 21.99 -14.46 -14.26
O33 LPE N . 20.93 -12.21 -14.53
C31 LPE N . 20.98 -10.82 -14.09
C32 LPE N . 20.46 -9.88 -15.16
N LPE N . 18.97 -9.88 -15.42
C1N LPE N . 18.22 -9.59 -14.18
C2N LPE N . 18.65 -8.83 -16.42
C3N LPE N . 18.53 -11.19 -15.96
C13 LPE N . 17.32 -12.26 -5.95
C14 LPE N . 17.76 -12.65 -4.57
C15 LPE N . 16.64 -12.94 -3.60
C16 LPE N . 17.12 -13.21 -2.20
C17 LPE N . 16.03 -13.17 -1.15
C1 PCW O . -23.68 14.42 22.57
C2 PCW O . -22.17 14.44 22.68
C3 PCW O . -21.62 15.67 23.35
C11 PCW O . -21.69 17.00 21.39
C12 PCW O . -22.66 17.84 20.61
C13 PCW O . -23.23 17.14 19.42
C14 PCW O . -22.29 17.16 18.23
C15 PCW O . -21.43 15.92 18.11
C16 PCW O . -19.98 16.22 17.84
C17 PCW O . -19.04 15.07 18.19
C18 PCW O . -17.80 14.97 17.36
C19 PCW O . -17.16 16.28 17.05
C20 PCW O . -16.76 16.66 15.86
C21 PCW O . -16.12 15.77 14.84
C22 PCW O . -15.81 16.47 13.56
C31 PCW O . -20.80 12.49 22.98
C32 PCW O . -19.46 12.84 23.55
C33 PCW O . -18.33 12.55 22.62
C34 PCW O . -18.42 13.34 21.32
C35 PCW O . -17.22 13.15 20.44
C36 PCW O . -16.05 14.02 20.77
C37 PCW O . -16.29 15.51 20.56
C38 PCW O . -15.06 16.34 20.66
C39 PCW O . -14.03 16.00 19.62
C40 PCW O . -14.16 16.16 18.34
C41 PCW O . -14.14 17.49 17.63
C42 PCW O . -12.93 18.30 17.98
C43 PCW O . -12.74 19.52 17.10
C44 PCW O . -12.11 19.21 15.77
C45 PCW O . -11.80 20.43 14.95
C46 PCW O . -11.14 20.13 13.63
C47 PCW O . -10.81 21.36 12.83
O2 PCW O . -21.78 13.27 23.47
O3 PCW O . -22.09 16.84 22.65
O11 PCW O . -20.66 16.54 20.96
O31 PCW O . -21.02 11.60 22.19
O1P PCW O . -26.67 14.55 23.28
O2P PCW O . -25.65 12.19 23.73
O3P PCW O . -24.24 14.27 23.90
O4P PCW O . -26.02 13.83 25.62
P PCW O . -25.73 13.66 24.04
C1 PCW P . -3.78 33.10 8.50
C2 PCW P . -4.16 32.33 9.75
C3 PCW P . -4.80 30.99 9.46
C4 PCW P . -3.83 37.10 7.31
C5 PCW P . -3.56 38.57 7.08
C6 PCW P . -5.25 39.01 5.33
C7 PCW P . -5.84 39.31 7.66
C8 PCW P . -4.32 40.85 6.59
C11 PCW P . -6.84 29.97 10.04
C12 PCW P . -6.76 28.94 8.93
C13 PCW P . -7.46 27.66 9.27
C14 PCW P . -7.72 26.82 8.05
C15 PCW P . -8.31 25.47 8.35
C16 PCW P . -8.63 24.66 7.13
C17 PCW P . -9.89 25.08 6.39
C18 PCW P . -11.15 24.93 7.19
C19 PCW P . -11.29 23.60 7.85
C20 PCW P . -11.39 23.40 9.14
C31 PCW P . -2.61 32.95 11.48
C32 PCW P . -2.47 32.38 12.86
C33 PCW P . -3.77 32.13 13.57
C34 PCW P . -4.57 30.97 13.01
C35 PCW P . -3.84 29.64 13.01
C36 PCW P . -4.67 28.47 12.54
C37 PCW P . -5.90 28.19 13.39
C38 PCW P . -6.73 27.05 12.91
C39 PCW P . -6.17 25.72 13.27
C40 PCW P . -6.65 24.55 12.91
C41 PCW P . -7.55 24.28 11.75
C42 PCW P . -8.89 24.94 11.85
N PCW P . -4.75 39.43 6.67
O2 PCW P . -2.99 32.05 10.57
O3 PCW P . -6.21 31.09 9.70
O11 PCW P . -7.37 29.81 11.10
O31 PCW P . -2.41 34.11 11.21
O1P PCW P . -5.99 35.05 8.08
O2P PCW P . -5.19 35.43 10.53
O3P PCW P . -3.62 34.51 8.77
O4P PCW P . -4.38 36.90 8.64
P PCW P . -4.91 35.43 9.05
C1 LPE Q . -24.69 -19.48 -1.36
O1 LPE Q . -23.69 -19.16 -0.40
C2 LPE Q . -24.45 -20.86 -1.90
O2H LPE Q . -23.12 -20.95 -2.40
C3 LPE Q . -24.66 -21.94 -0.88
C11 LPE Q . -22.92 -18.00 -0.69
C12 LPE Q . -21.53 -18.41 -1.09
O3 LPE Q . -25.50 -23.00 -1.43
P LPE Q . -27.09 -22.79 -1.54
O31 LPE Q . -27.39 -21.32 -1.52
O32 LPE Q . -27.55 -23.63 -2.70
O33 LPE Q . -27.65 -23.47 -0.20
C31 LPE Q . -27.43 -22.83 1.08
C32 LPE Q . -28.48 -21.80 1.36
N LPE Q . -28.05 -20.57 2.12
C1N LPE Q . -27.39 -20.96 3.40
C2N LPE Q . -27.10 -19.76 1.31
C3N LPE Q . -29.23 -19.73 2.44
C13 LPE Q . -20.56 -17.26 -1.10
C14 LPE Q . -20.73 -16.34 -2.29
C15 LPE Q . -20.08 -16.85 -3.54
C16 LPE Q . -20.23 -15.95 -4.74
C17 LPE Q . -19.44 -14.67 -4.66
C18 LPE Q . -17.95 -14.87 -4.77
C19 LPE Q . -17.15 -13.66 -4.36
C20 LPE Q . -15.72 -13.67 -4.86
C21 LPE Q . -15.57 -13.44 -6.35
C22 LPE Q . -15.99 -12.06 -6.82
C23 LPE Q . -17.41 -11.98 -7.32
C24 LPE Q . -17.54 -12.13 -8.81
C25 LPE Q . -17.32 -10.86 -9.58
C26 LPE Q . -17.31 -11.01 -11.09
C27 LPE Q . -18.52 -11.69 -11.67
C28 LPE Q . -18.26 -13.14 -12.02
C1 LPE R . 10.62 -9.82 -15.76
O1 LPE R . 9.42 -10.55 -15.53
C2 LPE R . 11.11 -9.96 -17.18
O2H LPE R . 11.53 -11.30 -17.43
C3 LPE R . 10.05 -9.60 -18.21
C11 LPE R . 9.56 -11.95 -15.40
C12 LPE R . 8.41 -12.48 -14.58
O3 LPE R . 10.67 -9.42 -19.51
P LPE R . 9.79 -8.89 -20.74
O31 LPE R . 9.79 -9.95 -21.80
O32 LPE R . 8.48 -8.34 -20.23
O33 LPE R . 10.65 -7.65 -21.28
C31 LPE R . 10.01 -6.60 -22.06
C32 LPE R . 11.04 -5.59 -22.49
N LPE R . 10.52 -4.35 -23.20
C1N LPE R . 9.75 -4.72 -24.42
C2N LPE R . 9.64 -3.57 -22.30
C3N LPE R . 11.67 -3.50 -23.61
C13 LPE R . 7.06 -12.19 -15.17
C14 LPE R . 6.27 -11.14 -14.41
C15 LPE R . 5.80 -11.59 -13.04
C16 LPE R . 4.82 -12.74 -13.06
C1 LPE S . -23.62 16.82 -9.79
O1 LPE S . -23.66 15.87 -8.73
C2 LPE S . -22.78 18.01 -9.39
O2H LPE S . -21.47 17.56 -9.06
C3 LPE S . -22.69 19.07 -10.45
C11 LPE S . -24.48 16.27 -7.64
C12 LPE S . -24.31 15.29 -6.50
O3 LPE S . -22.85 18.50 -11.78
P LPE S . -21.58 17.91 -12.55
O31 LPE S . -20.83 16.97 -11.64
O32 LPE S . -22.05 17.41 -13.89
O33 LPE S . -20.66 19.20 -12.82
C31 LPE S . -21.16 20.26 -13.69
C32 LPE S . -20.05 21.26 -13.95
N LPE S . -20.29 22.29 -15.03
C1N LPE S . -21.72 22.67 -15.11
C2N LPE S . -19.49 23.50 -14.75
C3N LPE S . -19.87 21.73 -16.34
C13 LPE S . -22.87 14.93 -6.24
C14 LPE S . -22.56 14.64 -4.78
C15 LPE S . -23.62 13.85 -4.06
C16 LPE S . -23.23 13.42 -2.68
C1 LPE T . -28.66 17.24 -10.74
O1 LPE T . -28.36 17.05 -9.36
C2 LPE T . -27.87 18.42 -11.26
O2H LPE T . -27.97 19.49 -10.33
C3 LPE T . -26.42 18.09 -11.50
C11 LPE T . -29.09 15.97 -8.82
C12 LPE T . -28.26 15.30 -7.77
O3 LPE T . -26.00 18.53 -12.82
P LPE T . -26.08 20.09 -13.21
O31 LPE T . -27.42 20.38 -13.83
O32 LPE T . -25.64 20.85 -11.99
O33 LPE T . -24.96 20.25 -14.33
C31 LPE T . -25.04 21.38 -15.25
C32 LPE T . -25.03 22.69 -14.50
N LPE T . -25.33 23.94 -15.30
C1N LPE T . -26.65 23.82 -15.97
C2N LPE T . -25.35 25.10 -14.38
C3N LPE T . -24.29 24.19 -16.35
C13 LPE T . -28.84 14.01 -7.27
C14 LPE T . -27.89 13.23 -6.42
C15 LPE T . -28.44 11.91 -5.94
C1 LPE U . -31.89 18.77 -7.94
O1 LPE U . -32.91 18.84 -6.96
C2 LPE U . -32.51 18.38 -9.26
O2H LPE U . -33.11 17.09 -9.13
C3 LPE U . -33.57 19.36 -9.74
C11 LPE U . -32.46 18.99 -5.62
C12 LPE U . -31.83 17.72 -5.14
O3 LPE U . -33.02 20.70 -9.87
P LPE U . -31.83 20.95 -10.92
O31 LPE U . -32.16 20.25 -12.21
O32 LPE U . -30.52 20.68 -10.23
O33 LPE U . -31.90 22.53 -11.20
C31 LPE U . -31.12 23.08 -12.30
C32 LPE U . -30.87 24.55 -12.09
N LPE U . -30.52 25.35 -13.33
C1N LPE U . -31.76 25.63 -14.11
C2N LPE U . -29.91 26.63 -12.93
C3N LPE U . -29.57 24.61 -14.18
C13 LPE U . -32.68 16.50 -5.40
C14 LPE U . -32.07 15.23 -4.91
C15 LPE U . -32.85 14.00 -5.25
C16 LPE U . -32.24 12.73 -4.72
C17 LPE U . -33.10 11.50 -4.89
C18 LPE U . -32.57 10.28 -4.21
C19 LPE U . -33.48 9.09 -4.27
C P5S V . -15.43 13.83 -12.28
N P5S V . -14.87 11.98 -10.72
O P5S V . -16.59 13.80 -11.82
C1 P5S V . -14.67 8.30 -9.08
C2 P5S V . -15.86 7.74 -9.81
C3 P5S V . -16.94 8.77 -10.06
CA P5S V . -14.56 12.59 -12.04
CB P5S V . -14.73 11.55 -13.13
OG P5S V . -16.08 11.04 -13.10
P12 P5S V . -16.39 9.58 -12.52
O13 P5S V . -17.77 9.20 -12.96
O15 P5S V . -15.23 8.67 -12.84
O16 P5S V . -16.43 9.82 -10.93
C17 P5S V . -14.11 8.88 -6.86
O18 P5S V . -13.87 9.98 -6.48
O19 P5S V . -15.08 8.61 -7.73
C20 P5S V . -13.38 7.63 -6.45
C21 P5S V . -13.56 7.29 -5.02
C22 P5S V . -12.79 8.23 -4.09
C23 P5S V . -12.83 7.87 -2.63
C24 P5S V . -14.20 7.66 -2.03
C25 P5S V . -14.86 6.32 -2.30
C26 P5S V . -13.94 5.12 -2.26
C27 P5S V . -13.16 4.93 -0.99
C28 P5S V . -14.01 4.57 0.20
C29 P5S V . -14.43 5.75 1.05
C30 P5S V . -15.21 5.37 2.28
C31 P5S V . -14.50 4.39 3.18
O37 P5S V . -16.41 6.66 -9.01
C38 P5S V . -17.21 5.75 -9.60
C39 P5S V . -17.72 4.70 -8.64
C40 P5S V . -17.25 3.32 -8.97
C41 P5S V . -17.93 2.25 -8.14
C42 P5S V . -17.30 0.89 -8.24
C43 P5S V . -17.28 0.30 -9.63
C44 P5S V . -16.59 -1.04 -9.71
C45 P5S V . -16.43 -1.57 -11.10
C46 P5S V . -15.53 -2.78 -11.21
O47 P5S V . -17.48 5.79 -10.77
C48 P5S V . -14.11 -2.52 -10.76
C49 P5S V . -13.08 -3.43 -11.37
C50 P5S V . -12.69 -3.08 -12.78
C51 P5S V . -11.84 -1.84 -12.88
C52 P5S V . -11.40 -1.50 -14.29
OXT P5S V . -14.92 14.77 -12.91
C P5S W . 31.52 8.06 -0.63
N P5S W . 30.75 7.49 1.64
O P5S W . 32.63 8.09 -0.09
C1 P5S W . 28.34 11.58 5.19
C2 P5S W . 27.90 10.20 4.76
C3 P5S W . 28.50 9.76 3.45
CA P5S W . 30.33 7.62 0.23
CB P5S W . 29.17 8.58 0.14
OG P5S W . 29.58 9.83 0.72
P12 P5S W . 28.47 10.93 1.08
O13 P5S W . 27.50 10.96 -0.07
O15 P5S W . 29.16 12.19 1.53
O16 P5S W . 27.71 10.29 2.35
C17 P5S W . 29.37 10.90 7.21
O18 P5S W . 29.85 9.82 7.46
O19 P5S W . 29.51 11.48 6.02
C20 P5S W . 28.57 11.74 8.15
C21 P5S W . 28.30 11.06 9.46
C22 P5S W . 27.39 9.85 9.30
C23 P5S W . 26.74 9.38 10.58
C24 P5S W . 25.69 10.31 11.11
C25 P5S W . 25.03 9.84 12.38
C26 P5S W . 24.40 8.47 12.30
C27 P5S W . 23.44 8.16 13.41
C28 P5S W . 22.84 6.78 13.36
C29 P5S W . 21.35 6.74 13.50
C30 P5S W . 20.84 6.98 14.89
C31 P5S W . 19.33 6.94 15.00
C32 P5S W . 18.75 6.97 16.39
C33 P5S W . 17.28 6.69 16.43
C34 P5S W . 16.67 6.71 17.81
C35 P5S W . 15.31 6.05 17.87
C36 P5S W . 14.57 6.31 19.16
O37 P5S W . 26.46 10.20 4.63
C38 P5S W . 25.71 10.20 5.73
C39 P5S W . 25.64 8.88 6.43
C40 P5S W . 24.62 8.81 7.52
C41 P5S W . 24.55 7.46 8.18
C42 P5S W . 24.01 6.37 7.29
C43 P5S W . 23.81 5.05 7.98
C44 P5S W . 22.73 5.05 9.02
C45 P5S W . 22.63 3.75 9.79
C46 P5S W . 21.70 3.81 10.97
O47 P5S W . 25.15 11.20 6.12
C48 P5S W . 20.23 3.90 10.62
C49 P5S W . 19.71 2.73 9.83
C50 P5S W . 18.23 2.52 9.93
C51 P5S W . 17.40 3.69 9.45
OXT P5S W . 31.28 8.37 -1.82
#